data_6S0S
#
_entry.id   6S0S
#
_cell.length_a   50.083
_cell.length_b   184.582
_cell.length_c   110.333
_cell.angle_alpha   90.00
_cell.angle_beta   94.97
_cell.angle_gamma   90.00
#
_symmetry.space_group_name_H-M   'P 1 21 1'
#
loop_
_entity.id
_entity.type
_entity.pdbx_description
1 polymer 'Kanamycin B dioxygenase'
2 non-polymer 'NICKEL (II) ION'
3 non-polymer '2-OXOGLUTARIC ACID'
4 non-polymer RIBOSTAMYCIN
5 non-polymer 'CHLORIDE ION'
6 water water
#
_entity_poly.entity_id   1
_entity_poly.type   'polypeptide(L)'
_entity_poly.pdbx_seq_one_letter_code
;SNAMALAAPPGELTLALTPDDKTLDPASLDRALAILAEHGILVLTGMLRTRLTDQLRTAMLDDLPEVLRQQDVPTNFVPG
HVQQDPPVRESLLFPDVLLNPVVYQITHAVLGADARNAVYSGNMNLPGSHEQPVHLDEPHLWPGISHPPYCLCVDVPLID
FTLENGSTEYWPGSHVLNPDECYDERGCVLPAELERRRAVAPPVRFPIPVGSVVIRDGRLWHRGVPNLSAAPRPLLAMTH
YTEWFDMPPIQLPDTVKSWVDGSDRHTHAHFVAGDVDHLTGDHPFAVR
;
_entity_poly.pdbx_strand_id   A,B,C,D,E,F
#
# COMPACT_ATOMS: atom_id res chain seq x y z
N ALA A 5 18.90 -30.16 -26.22
CA ALA A 5 20.16 -29.42 -26.58
C ALA A 5 19.82 -28.22 -27.48
N LEU A 6 20.25 -27.02 -27.10
CA LEU A 6 19.99 -25.77 -27.89
C LEU A 6 21.07 -25.60 -28.96
N ALA A 7 20.70 -25.08 -30.14
CA ALA A 7 21.57 -24.99 -31.34
C ALA A 7 21.98 -23.53 -31.58
N ALA A 8 21.34 -22.58 -30.89
CA ALA A 8 21.60 -21.12 -31.02
C ALA A 8 21.10 -20.43 -29.76
N PRO A 9 21.43 -19.14 -29.56
CA PRO A 9 20.87 -18.39 -28.43
C PRO A 9 19.35 -18.39 -28.57
N PRO A 10 18.60 -18.62 -27.47
CA PRO A 10 17.15 -18.58 -27.52
C PRO A 10 16.62 -17.20 -27.99
N GLY A 11 15.61 -17.22 -28.85
CA GLY A 11 14.88 -16.02 -29.32
C GLY A 11 14.55 -15.06 -28.20
N GLU A 12 14.07 -15.59 -27.07
CA GLU A 12 13.60 -14.80 -25.91
C GLU A 12 14.73 -13.93 -25.32
N LEU A 13 16.01 -14.29 -25.52
CA LEU A 13 17.15 -13.58 -24.88
C LEU A 13 17.97 -12.80 -25.93
N THR A 14 17.61 -12.88 -27.21
CA THR A 14 18.53 -12.50 -28.32
C THR A 14 18.05 -11.25 -29.04
N LEU A 15 18.97 -10.36 -29.35
CA LEU A 15 18.78 -9.21 -30.26
C LEU A 15 19.92 -9.26 -31.29
N ALA A 16 19.61 -9.29 -32.58
CA ALA A 16 20.58 -9.47 -33.69
C ALA A 16 20.94 -8.11 -34.24
N LEU A 17 22.24 -7.77 -34.26
CA LEU A 17 22.75 -6.46 -34.75
C LEU A 17 23.84 -6.72 -35.80
N THR A 18 24.33 -5.66 -36.41
CA THR A 18 25.57 -5.65 -37.26
C THR A 18 26.59 -4.78 -36.52
N PRO A 19 27.90 -4.92 -36.81
CA PRO A 19 28.92 -4.06 -36.20
C PRO A 19 28.74 -2.57 -36.53
N ASP A 20 28.04 -2.26 -37.63
CA ASP A 20 27.76 -0.88 -38.09
C ASP A 20 26.72 -0.21 -37.20
N ASP A 21 25.82 -0.97 -36.56
CA ASP A 21 24.76 -0.43 -35.67
C ASP A 21 25.44 0.24 -34.46
N LYS A 22 25.27 1.56 -34.28
CA LYS A 22 25.94 2.36 -33.21
C LYS A 22 24.94 2.69 -32.10
N THR A 23 23.64 2.60 -32.36
CA THR A 23 22.58 2.72 -31.32
C THR A 23 21.40 1.83 -31.70
N LEU A 24 20.69 1.32 -30.70
CA LEU A 24 19.39 0.64 -30.87
C LEU A 24 18.31 1.71 -31.05
N ASP A 25 17.38 1.50 -31.98
CA ASP A 25 16.13 2.31 -32.10
C ASP A 25 15.35 2.14 -30.80
N PRO A 26 14.44 3.07 -30.45
CA PRO A 26 13.72 3.02 -29.18
C PRO A 26 13.02 1.68 -28.86
N ALA A 27 12.42 1.02 -29.84
CA ALA A 27 11.67 -0.26 -29.66
C ALA A 27 12.63 -1.41 -29.32
N SER A 28 13.80 -1.45 -29.95
CA SER A 28 14.89 -2.43 -29.68
C SER A 28 15.47 -2.18 -28.28
N LEU A 29 15.69 -0.93 -27.90
CA LEU A 29 16.22 -0.60 -26.56
C LEU A 29 15.19 -1.02 -25.49
N ASP A 30 13.89 -0.80 -25.73
CA ASP A 30 12.81 -1.20 -24.81
C ASP A 30 12.85 -2.72 -24.62
N ARG A 31 13.01 -3.47 -25.71
CA ARG A 31 13.05 -4.95 -25.70
C ARG A 31 14.31 -5.43 -24.95
N ALA A 32 15.46 -4.82 -25.20
CA ALA A 32 16.73 -5.11 -24.49
C ALA A 32 16.51 -5.01 -22.98
N LEU A 33 15.90 -3.90 -22.53
CA LEU A 33 15.66 -3.61 -21.09
C LEU A 33 14.63 -4.59 -20.52
N ALA A 34 13.60 -4.96 -21.27
CA ALA A 34 12.56 -5.92 -20.82
C ALA A 34 13.20 -7.30 -20.63
N ILE A 35 14.13 -7.68 -21.50
CA ILE A 35 14.85 -8.98 -21.42
C ILE A 35 15.73 -8.96 -20.17
N LEU A 36 16.53 -7.92 -19.96
CA LEU A 36 17.41 -7.81 -18.76
C LEU A 36 16.57 -7.80 -17.48
N ALA A 37 15.43 -7.12 -17.45
CA ALA A 37 14.58 -7.03 -16.24
C ALA A 37 13.99 -8.41 -15.96
N GLU A 38 13.43 -9.09 -16.96
CA GLU A 38 12.71 -10.37 -16.75
C GLU A 38 13.71 -11.52 -16.59
N HIS A 39 14.68 -11.65 -17.51
CA HIS A 39 15.56 -12.85 -17.62
C HIS A 39 16.93 -12.60 -17.01
N GLY A 40 17.40 -11.36 -16.95
CA GLY A 40 18.71 -11.00 -16.37
C GLY A 40 19.86 -11.33 -17.31
N ILE A 41 19.58 -11.69 -18.55
CA ILE A 41 20.63 -12.02 -19.56
C ILE A 41 20.09 -11.69 -20.95
N LEU A 42 20.94 -11.02 -21.72
CA LEU A 42 20.66 -10.50 -23.07
C LEU A 42 21.83 -10.89 -23.96
N VAL A 43 21.57 -11.56 -25.08
CA VAL A 43 22.62 -11.96 -26.06
C VAL A 43 22.48 -11.04 -27.28
N LEU A 44 23.54 -10.31 -27.59
CA LEU A 44 23.62 -9.43 -28.78
C LEU A 44 24.52 -10.10 -29.81
N THR A 45 23.96 -10.58 -30.91
CA THR A 45 24.75 -11.20 -32.00
C THR A 45 25.21 -10.10 -32.96
N GLY A 46 26.31 -10.37 -33.68
CA GLY A 46 26.86 -9.54 -34.77
C GLY A 46 27.33 -8.18 -34.31
N MET A 47 28.01 -8.07 -33.17
CA MET A 47 28.45 -6.75 -32.63
C MET A 47 29.90 -6.45 -33.01
N LEU A 48 30.79 -7.42 -32.97
CA LEU A 48 32.25 -7.16 -33.03
C LEU A 48 32.85 -7.78 -34.30
N ARG A 49 33.73 -7.02 -34.94
CA ARG A 49 34.40 -7.42 -36.21
C ARG A 49 35.41 -8.52 -35.90
N THR A 50 35.62 -9.43 -36.84
CA THR A 50 36.59 -10.55 -36.77
C THR A 50 38.00 -10.00 -36.49
N ARG A 51 38.34 -8.83 -37.06
CA ARG A 51 39.69 -8.24 -36.92
C ARG A 51 40.01 -8.05 -35.43
N LEU A 52 39.03 -7.66 -34.62
CA LEU A 52 39.27 -7.40 -33.17
C LEU A 52 39.32 -8.73 -32.44
N THR A 53 38.31 -9.59 -32.62
CA THR A 53 38.20 -10.87 -31.90
C THR A 53 39.41 -11.74 -32.24
N ASP A 54 39.89 -11.75 -33.49
CA ASP A 54 41.08 -12.54 -33.87
C ASP A 54 42.29 -12.08 -33.04
N GLN A 55 42.52 -10.77 -32.97
CA GLN A 55 43.72 -10.21 -32.29
C GLN A 55 43.66 -10.53 -30.79
N LEU A 56 42.47 -10.46 -30.19
CA LEU A 56 42.30 -10.69 -28.74
C LEU A 56 42.45 -12.19 -28.43
N ARG A 57 41.79 -13.04 -29.23
CA ARG A 57 41.94 -14.51 -29.11
C ARG A 57 43.44 -14.87 -29.18
N THR A 58 44.13 -14.41 -30.21
CA THR A 58 45.55 -14.75 -30.45
C THR A 58 46.36 -14.32 -29.24
N ALA A 59 46.16 -13.09 -28.76
CA ALA A 59 46.96 -12.50 -27.65
C ALA A 59 46.77 -13.33 -26.38
N MET A 60 45.54 -13.79 -26.12
CA MET A 60 45.23 -14.57 -24.89
C MET A 60 45.79 -16.01 -24.98
N LEU A 61 45.65 -16.70 -26.11
CA LEU A 61 46.28 -18.03 -26.32
C LEU A 61 47.81 -17.91 -26.26
N ASP A 62 48.40 -16.81 -26.73
CA ASP A 62 49.87 -16.57 -26.63
C ASP A 62 50.28 -16.39 -25.15
N ASP A 63 49.42 -15.79 -24.31
CA ASP A 63 49.76 -15.49 -22.90
C ASP A 63 49.53 -16.70 -21.99
N LEU A 64 48.69 -17.66 -22.40
CA LEU A 64 48.26 -18.79 -21.53
C LEU A 64 49.47 -19.53 -20.94
N PRO A 65 50.51 -19.87 -21.73
CA PRO A 65 51.70 -20.52 -21.19
C PRO A 65 52.35 -19.77 -20.01
N GLU A 66 52.45 -18.44 -20.07
CA GLU A 66 53.01 -17.62 -18.96
C GLU A 66 52.11 -17.78 -17.72
N VAL A 67 50.79 -17.83 -17.90
CA VAL A 67 49.84 -18.03 -16.77
C VAL A 67 50.06 -19.41 -16.14
N LEU A 68 50.24 -20.46 -16.94
CA LEU A 68 50.35 -21.85 -16.45
C LEU A 68 51.70 -22.09 -15.78
N ARG A 69 52.70 -21.25 -16.05
CA ARG A 69 54.06 -21.31 -15.44
C ARG A 69 54.06 -20.85 -13.98
N GLN A 70 53.10 -20.01 -13.56
CA GLN A 70 53.05 -19.39 -12.20
C GLN A 70 53.02 -20.49 -11.15
N GLN A 71 53.57 -20.18 -9.97
CA GLN A 71 53.78 -21.15 -8.85
C GLN A 71 52.43 -21.73 -8.43
N ASP A 72 51.46 -20.85 -8.15
CA ASP A 72 50.03 -21.22 -8.01
C ASP A 72 49.29 -20.62 -9.20
N VAL A 73 48.67 -21.47 -10.02
CA VAL A 73 47.84 -21.03 -11.16
C VAL A 73 46.48 -20.56 -10.61
N PRO A 74 46.12 -19.28 -10.85
CA PRO A 74 44.90 -18.73 -10.26
C PRO A 74 43.68 -19.28 -11.00
N THR A 75 42.73 -19.87 -10.25
CA THR A 75 41.56 -20.56 -10.84
C THR A 75 40.29 -20.06 -10.15
N ASN A 76 39.17 -20.17 -10.84
CA ASN A 76 37.84 -19.80 -10.32
C ASN A 76 37.17 -21.09 -9.87
N PHE A 77 37.24 -21.36 -8.56
CA PHE A 77 36.50 -22.44 -7.82
C PHE A 77 37.13 -23.81 -8.04
N VAL A 78 37.36 -24.23 -9.28
CA VAL A 78 37.72 -25.64 -9.62
C VAL A 78 38.75 -25.66 -10.74
N PRO A 79 39.51 -26.77 -10.86
CA PRO A 79 40.52 -26.92 -11.90
C PRO A 79 40.02 -26.67 -13.33
N GLY A 80 40.84 -25.99 -14.11
CA GLY A 80 40.66 -25.76 -15.55
C GLY A 80 40.00 -24.42 -15.82
N HIS A 81 39.43 -23.75 -14.83
CA HIS A 81 38.79 -22.41 -15.00
C HIS A 81 39.80 -21.35 -14.57
N VAL A 82 40.65 -20.95 -15.52
CA VAL A 82 41.87 -20.16 -15.20
C VAL A 82 41.51 -18.70 -15.29
N GLN A 83 42.02 -17.91 -14.36
CA GLN A 83 41.90 -16.42 -14.35
CA GLN A 83 41.89 -16.42 -14.37
C GLN A 83 43.00 -15.85 -15.27
N GLN A 84 42.61 -15.20 -16.36
CA GLN A 84 43.59 -14.56 -17.26
C GLN A 84 43.04 -13.23 -17.77
N ASP A 85 43.72 -12.16 -17.42
CA ASP A 85 43.40 -10.79 -17.88
C ASP A 85 43.93 -10.67 -19.30
N PRO A 86 43.16 -10.08 -20.23
CA PRO A 86 43.66 -9.78 -21.57
C PRO A 86 44.72 -8.69 -21.46
N PRO A 87 45.59 -8.52 -22.46
CA PRO A 87 46.64 -7.52 -22.39
C PRO A 87 46.04 -6.10 -22.38
N VAL A 88 46.75 -5.17 -21.75
CA VAL A 88 46.41 -3.72 -21.81
C VAL A 88 47.58 -2.96 -22.47
N ARG A 89 48.15 -3.55 -23.51
CA ARG A 89 48.99 -2.86 -24.53
C ARG A 89 48.07 -1.96 -25.36
N GLU A 90 48.54 -0.77 -25.72
CA GLU A 90 47.81 0.18 -26.60
C GLU A 90 47.25 -0.55 -27.83
N SER A 91 48.04 -1.44 -28.46
CA SER A 91 47.70 -2.11 -29.75
C SER A 91 46.51 -3.07 -29.59
N LEU A 92 46.14 -3.49 -28.37
CA LEU A 92 45.04 -4.48 -28.14
C LEU A 92 43.91 -3.88 -27.30
N LEU A 93 43.91 -2.56 -27.11
CA LEU A 93 42.79 -1.85 -26.45
C LEU A 93 41.98 -1.15 -27.53
N PHE A 94 40.75 -1.64 -27.74
CA PHE A 94 39.89 -1.29 -28.90
C PHE A 94 38.66 -0.55 -28.40
N PRO A 95 38.42 0.69 -28.88
CA PRO A 95 37.24 1.45 -28.49
C PRO A 95 35.92 0.66 -28.64
N ASP A 96 35.80 -0.21 -29.65
CA ASP A 96 34.54 -0.95 -29.91
C ASP A 96 34.36 -2.06 -28.86
N VAL A 97 35.42 -2.43 -28.15
CA VAL A 97 35.35 -3.40 -27.02
C VAL A 97 35.20 -2.63 -25.70
N LEU A 98 36.12 -1.75 -25.35
CA LEU A 98 36.10 -1.04 -24.03
C LEU A 98 34.91 -0.07 -23.94
N LEU A 99 34.62 0.65 -25.04
CA LEU A 99 33.66 1.78 -25.07
C LEU A 99 32.60 1.53 -26.14
N ASN A 100 32.02 0.33 -26.14
CA ASN A 100 31.06 -0.05 -27.20
C ASN A 100 29.81 0.83 -27.09
N PRO A 101 29.40 1.54 -28.16
CA PRO A 101 28.29 2.48 -28.05
C PRO A 101 26.94 1.81 -27.73
N VAL A 102 26.70 0.60 -28.23
CA VAL A 102 25.44 -0.15 -27.95
C VAL A 102 25.45 -0.65 -26.50
N VAL A 103 26.58 -1.19 -26.04
CA VAL A 103 26.72 -1.71 -24.65
C VAL A 103 26.39 -0.56 -23.69
N TYR A 104 27.03 0.60 -23.86
CA TYR A 104 26.87 1.76 -22.95
C TYR A 104 25.46 2.37 -23.09
N GLN A 105 24.86 2.34 -24.27
CA GLN A 105 23.45 2.77 -24.44
C GLN A 105 22.58 1.95 -23.48
N ILE A 106 22.82 0.65 -23.40
CA ILE A 106 22.01 -0.27 -22.56
C ILE A 106 22.35 -0.03 -21.08
N THR A 107 23.63 0.01 -20.72
CA THR A 107 24.03 0.15 -19.30
C THR A 107 23.64 1.56 -18.80
N HIS A 108 23.71 2.59 -19.64
CA HIS A 108 23.21 3.95 -19.24
C HIS A 108 21.73 3.87 -18.89
N ALA A 109 20.95 3.14 -19.68
CA ALA A 109 19.48 3.06 -19.52
C ALA A 109 19.14 2.28 -18.25
N VAL A 110 19.93 1.27 -17.88
CA VAL A 110 19.66 0.45 -16.67
C VAL A 110 20.26 1.09 -15.41
N LEU A 111 21.54 1.50 -15.46
CA LEU A 111 22.33 1.88 -14.27
C LEU A 111 22.44 3.40 -14.13
N GLY A 112 22.17 4.16 -15.18
CA GLY A 112 22.30 5.64 -15.18
C GLY A 112 23.54 6.10 -15.95
N ALA A 113 23.59 7.40 -16.23
CA ALA A 113 24.57 8.03 -17.15
C ALA A 113 25.97 7.99 -16.51
N ASP A 114 26.03 7.77 -15.20
CA ASP A 114 27.30 7.78 -14.42
C ASP A 114 27.84 6.37 -14.25
N ALA A 115 27.17 5.36 -14.82
CA ALA A 115 27.66 3.95 -14.81
C ALA A 115 29.05 3.90 -15.41
N ARG A 116 29.91 3.03 -14.91
CA ARG A 116 31.32 2.99 -15.34
C ARG A 116 31.80 1.54 -15.40
N ASN A 117 32.59 1.24 -16.43
CA ASN A 117 33.29 -0.05 -16.53
C ASN A 117 34.42 -0.01 -15.50
N ALA A 118 34.54 -1.06 -14.68
CA ALA A 118 35.58 -1.20 -13.64
C ALA A 118 36.29 -2.56 -13.73
N VAL A 119 36.02 -3.33 -14.79
CA VAL A 119 36.61 -4.69 -14.95
C VAL A 119 37.09 -4.86 -16.38
N TYR A 120 38.31 -5.33 -16.55
CA TYR A 120 38.86 -5.80 -17.84
C TYR A 120 39.62 -7.09 -17.57
N SER A 121 38.88 -8.19 -17.56
CA SER A 121 39.36 -9.50 -17.08
C SER A 121 39.07 -10.56 -18.14
N GLY A 122 39.43 -11.81 -17.86
CA GLY A 122 39.15 -12.93 -18.74
C GLY A 122 39.13 -14.26 -18.02
N ASN A 123 38.55 -15.24 -18.71
CA ASN A 123 38.30 -16.61 -18.24
C ASN A 123 38.82 -17.53 -19.34
N MET A 124 39.86 -18.30 -19.04
CA MET A 124 40.42 -19.30 -19.98
C MET A 124 39.95 -20.68 -19.48
N ASN A 125 38.99 -21.28 -20.18
CA ASN A 125 38.40 -22.58 -19.80
C ASN A 125 39.21 -23.67 -20.52
N LEU A 126 40.06 -24.40 -19.81
CA LEU A 126 41.02 -25.37 -20.42
C LEU A 126 40.31 -26.68 -20.73
N PRO A 127 40.77 -27.41 -21.77
CA PRO A 127 40.33 -28.79 -22.00
C PRO A 127 40.41 -29.64 -20.72
N GLY A 128 39.31 -30.35 -20.41
CA GLY A 128 39.20 -31.27 -19.27
C GLY A 128 38.86 -30.55 -17.98
N SER A 129 38.42 -29.30 -18.06
CA SER A 129 38.10 -28.49 -16.85
C SER A 129 36.92 -29.14 -16.10
N HIS A 130 36.74 -28.79 -14.84
CA HIS A 130 35.66 -29.32 -13.97
C HIS A 130 34.41 -28.42 -14.03
N GLU A 131 33.32 -28.86 -13.40
CA GLU A 131 32.08 -28.08 -13.22
CA GLU A 131 32.08 -28.08 -13.22
C GLU A 131 32.28 -27.09 -12.07
N GLN A 132 32.08 -25.80 -12.31
CA GLN A 132 32.04 -24.79 -11.23
C GLN A 132 30.73 -24.95 -10.48
N PRO A 133 30.65 -24.55 -9.20
CA PRO A 133 29.37 -24.44 -8.52
C PRO A 133 28.60 -23.24 -9.09
N VAL A 134 27.28 -23.35 -9.12
CA VAL A 134 26.39 -22.21 -9.47
C VAL A 134 26.64 -21.08 -8.48
N HIS A 135 26.91 -19.88 -8.96
CA HIS A 135 27.29 -18.73 -8.12
C HIS A 135 26.83 -17.43 -8.77
N LEU A 136 26.98 -16.31 -8.07
CA LEU A 136 26.87 -14.97 -8.69
C LEU A 136 28.23 -14.30 -8.61
N ASP A 137 28.59 -13.52 -9.62
CA ASP A 137 29.89 -12.84 -9.68
C ASP A 137 29.88 -11.66 -8.72
N GLU A 138 28.74 -10.98 -8.59
CA GLU A 138 28.58 -9.80 -7.71
C GLU A 138 27.33 -10.05 -6.88
N PRO A 139 27.37 -9.89 -5.54
CA PRO A 139 26.23 -10.23 -4.69
C PRO A 139 25.13 -9.16 -4.60
N HIS A 140 24.00 -9.57 -4.03
CA HIS A 140 22.99 -8.64 -3.49
C HIS A 140 23.64 -7.86 -2.35
N LEU A 141 23.23 -6.60 -2.20
CA LEU A 141 23.90 -5.62 -1.30
C LEU A 141 23.47 -5.85 0.15
N TRP A 142 22.30 -6.44 0.38
CA TRP A 142 21.81 -6.89 1.71
C TRP A 142 21.06 -8.21 1.53
N PRO A 143 21.13 -9.13 2.51
CA PRO A 143 20.33 -10.35 2.47
C PRO A 143 18.82 -10.08 2.66
N GLY A 144 17.99 -10.81 1.93
CA GLY A 144 16.52 -10.83 2.10
C GLY A 144 15.84 -9.60 1.53
N ILE A 145 16.51 -8.86 0.64
CA ILE A 145 16.01 -7.57 0.09
C ILE A 145 15.97 -7.66 -1.44
N SER A 146 14.87 -7.25 -2.04
CA SER A 146 14.76 -7.00 -3.51
C SER A 146 15.21 -5.58 -3.77
N HIS A 147 16.22 -5.42 -4.62
CA HIS A 147 16.68 -4.09 -5.07
C HIS A 147 17.01 -4.21 -6.54
N PRO A 148 16.99 -3.08 -7.29
CA PRO A 148 17.34 -3.12 -8.70
C PRO A 148 18.82 -3.45 -8.89
N PRO A 149 19.22 -3.68 -10.16
CA PRO A 149 20.61 -3.96 -10.49
C PRO A 149 21.53 -2.81 -10.06
N TYR A 150 22.77 -3.13 -9.73
CA TYR A 150 23.84 -2.11 -9.58
C TYR A 150 25.02 -2.44 -10.48
N CYS A 151 24.97 -3.56 -11.19
CA CYS A 151 26.07 -3.92 -12.14
C CYS A 151 25.57 -4.83 -13.24
N LEU A 152 26.17 -4.69 -14.41
CA LEU A 152 25.92 -5.53 -15.60
C LEU A 152 27.28 -6.07 -16.08
N CYS A 153 27.40 -7.40 -16.10
CA CYS A 153 28.56 -8.11 -16.69
C CYS A 153 28.40 -8.08 -18.19
N VAL A 154 29.49 -7.83 -18.90
CA VAL A 154 29.56 -7.79 -20.38
C VAL A 154 30.59 -8.83 -20.78
N ASP A 155 30.12 -9.97 -21.30
CA ASP A 155 30.94 -11.17 -21.61
C ASP A 155 31.14 -11.21 -23.12
N VAL A 156 32.38 -11.31 -23.57
CA VAL A 156 32.77 -11.30 -25.01
C VAL A 156 33.50 -12.60 -25.32
N PRO A 157 32.82 -13.61 -25.89
CA PRO A 157 33.51 -14.82 -26.31
C PRO A 157 34.52 -14.49 -27.41
N LEU A 158 35.71 -15.10 -27.37
CA LEU A 158 36.80 -14.83 -28.35
C LEU A 158 36.99 -16.01 -29.31
N ILE A 159 36.21 -17.07 -29.16
CA ILE A 159 35.95 -18.10 -30.22
C ILE A 159 34.46 -18.41 -30.19
N ASP A 160 33.96 -19.17 -31.16
CA ASP A 160 32.58 -19.69 -31.09
C ASP A 160 32.47 -20.55 -29.83
N PHE A 161 31.52 -20.23 -28.96
CA PHE A 161 31.20 -21.04 -27.77
C PHE A 161 30.21 -22.13 -28.21
N THR A 162 30.49 -23.37 -27.85
CA THR A 162 29.62 -24.53 -28.15
C THR A 162 29.24 -25.22 -26.83
N LEU A 163 28.27 -26.11 -26.88
CA LEU A 163 27.94 -27.04 -25.76
C LEU A 163 29.20 -27.85 -25.42
N GLU A 164 30.04 -28.15 -26.41
CA GLU A 164 31.22 -29.02 -26.24
C GLU A 164 32.36 -28.26 -25.56
N ASN A 165 32.62 -26.99 -25.89
CA ASN A 165 33.89 -26.30 -25.48
C ASN A 165 33.64 -25.37 -24.30
N GLY A 166 32.47 -25.44 -23.66
CA GLY A 166 32.26 -24.84 -22.34
C GLY A 166 31.47 -23.55 -22.38
N SER A 167 30.49 -23.43 -23.27
CA SER A 167 29.52 -22.31 -23.18
C SER A 167 28.95 -22.29 -21.76
N THR A 168 28.94 -21.14 -21.13
CA THR A 168 28.52 -20.92 -19.71
C THR A 168 27.05 -21.33 -19.51
N GLU A 169 26.74 -21.97 -18.38
CA GLU A 169 25.34 -22.25 -17.96
C GLU A 169 24.78 -21.00 -17.27
N TYR A 170 23.61 -20.54 -17.70
CA TYR A 170 22.92 -19.34 -17.16
C TYR A 170 21.55 -19.75 -16.60
N TRP A 171 21.13 -19.14 -15.49
CA TRP A 171 19.82 -19.39 -14.84
C TRP A 171 18.92 -18.18 -15.07
N PRO A 172 18.10 -18.17 -16.13
CA PRO A 172 17.24 -17.02 -16.41
C PRO A 172 16.32 -16.70 -15.23
N GLY A 173 16.22 -15.42 -14.90
CA GLY A 173 15.32 -14.88 -13.88
C GLY A 173 15.89 -14.95 -12.48
N SER A 174 17.09 -15.52 -12.34
CA SER A 174 17.70 -15.80 -11.01
C SER A 174 18.21 -14.52 -10.37
N HIS A 175 18.40 -13.45 -11.14
CA HIS A 175 19.07 -12.20 -10.68
C HIS A 175 18.21 -11.49 -9.61
N VAL A 176 16.90 -11.81 -9.50
CA VAL A 176 16.02 -11.11 -8.54
C VAL A 176 15.86 -11.94 -7.26
N LEU A 177 16.43 -13.14 -7.20
CA LEU A 177 16.19 -14.04 -6.05
C LEU A 177 17.20 -13.68 -4.95
N ASN A 178 16.69 -13.35 -3.77
CA ASN A 178 17.54 -13.03 -2.61
C ASN A 178 16.78 -13.33 -1.33
N PRO A 179 16.33 -14.57 -1.11
CA PRO A 179 15.78 -14.94 0.20
C PRO A 179 16.91 -15.13 1.22
N ASP A 180 16.58 -15.06 2.51
CA ASP A 180 17.51 -15.37 3.64
C ASP A 180 18.14 -16.77 3.45
N GLU A 181 19.42 -16.90 3.80
CA GLU A 181 20.21 -18.16 3.71
C GLU A 181 20.09 -18.71 2.27
N CYS A 182 20.46 -17.92 1.27
CA CYS A 182 20.45 -18.31 -0.15
C CYS A 182 21.86 -18.41 -0.71
N TYR A 183 22.82 -17.63 -0.17
CA TYR A 183 24.23 -17.57 -0.66
C TYR A 183 25.19 -17.82 0.49
N ASP A 184 26.33 -18.45 0.20
CA ASP A 184 27.46 -18.65 1.15
C ASP A 184 28.45 -17.50 0.95
N GLU A 185 29.53 -17.46 1.73
CA GLU A 185 30.53 -16.36 1.70
C GLU A 185 31.19 -16.27 0.31
N ARG A 186 31.23 -17.34 -0.47
CA ARG A 186 31.95 -17.36 -1.78
C ARG A 186 31.03 -16.94 -2.93
N GLY A 187 29.77 -16.60 -2.66
CA GLY A 187 28.79 -16.24 -3.70
C GLY A 187 28.15 -17.46 -4.36
N CYS A 188 28.29 -18.66 -3.78
CA CYS A 188 27.67 -19.90 -4.30
C CYS A 188 26.23 -20.03 -3.79
N VAL A 189 25.34 -20.46 -4.67
CA VAL A 189 23.91 -20.66 -4.33
C VAL A 189 23.76 -21.94 -3.49
N LEU A 190 23.01 -21.86 -2.39
CA LEU A 190 22.76 -23.02 -1.51
C LEU A 190 21.94 -24.07 -2.26
N PRO A 191 22.26 -25.36 -2.09
CA PRO A 191 21.60 -26.43 -2.82
C PRO A 191 20.06 -26.42 -2.71
N ALA A 192 19.49 -26.12 -1.53
CA ALA A 192 18.03 -26.07 -1.33
C ALA A 192 17.40 -25.09 -2.33
N GLU A 193 17.97 -23.90 -2.48
CA GLU A 193 17.43 -22.82 -3.34
C GLU A 193 17.62 -23.18 -4.81
N LEU A 194 18.73 -23.84 -5.16
CA LEU A 194 18.99 -24.32 -6.55
C LEU A 194 17.85 -25.23 -6.98
N GLU A 195 17.50 -26.21 -6.14
CA GLU A 195 16.52 -27.27 -6.49
C GLU A 195 15.13 -26.65 -6.56
N ARG A 196 14.78 -25.74 -5.63
CA ARG A 196 13.48 -25.01 -5.70
C ARG A 196 13.38 -24.29 -7.04
N ARG A 197 14.45 -23.60 -7.43
CA ARG A 197 14.48 -22.76 -8.64
C ARG A 197 14.42 -23.65 -9.87
N ARG A 198 15.18 -24.75 -9.86
CA ARG A 198 15.31 -25.67 -11.03
C ARG A 198 13.91 -26.09 -11.48
N ALA A 199 12.99 -26.33 -10.54
CA ALA A 199 11.64 -26.87 -10.79
C ALA A 199 10.74 -25.81 -11.45
N VAL A 200 11.06 -24.51 -11.29
CA VAL A 200 10.23 -23.37 -11.77
C VAL A 200 10.82 -22.84 -13.08
N ALA A 201 12.14 -22.69 -13.14
CA ALA A 201 12.88 -22.06 -14.26
C ALA A 201 14.26 -22.71 -14.36
N PRO A 202 14.37 -23.88 -15.04
CA PRO A 202 15.64 -24.58 -15.16
C PRO A 202 16.66 -23.75 -15.94
N PRO A 203 17.97 -24.03 -15.76
CA PRO A 203 19.02 -23.32 -16.48
C PRO A 203 19.05 -23.68 -17.97
N VAL A 204 19.71 -22.83 -18.74
CA VAL A 204 19.89 -22.99 -20.21
C VAL A 204 21.38 -22.89 -20.50
N ARG A 205 21.81 -23.54 -21.57
CA ARG A 205 23.20 -23.50 -22.07
C ARG A 205 23.13 -23.57 -23.59
N PHE A 206 23.81 -22.68 -24.31
CA PHE A 206 23.61 -22.54 -25.75
C PHE A 206 24.90 -22.09 -26.40
N PRO A 207 25.07 -22.41 -27.70
CA PRO A 207 26.15 -21.86 -28.50
C PRO A 207 26.01 -20.34 -28.58
N ILE A 208 27.16 -19.66 -28.61
CA ILE A 208 27.27 -18.20 -28.82
C ILE A 208 28.39 -17.98 -29.83
N PRO A 209 28.07 -17.51 -31.04
CA PRO A 209 29.10 -17.30 -32.05
C PRO A 209 29.99 -16.13 -31.64
N VAL A 210 31.30 -16.24 -31.91
CA VAL A 210 32.27 -15.12 -31.71
C VAL A 210 31.74 -13.92 -32.49
N GLY A 211 31.92 -12.71 -31.95
CA GLY A 211 31.30 -11.49 -32.45
C GLY A 211 30.09 -11.12 -31.62
N SER A 212 29.56 -12.03 -30.82
CA SER A 212 28.42 -11.75 -29.92
C SER A 212 28.94 -11.09 -28.64
N VAL A 213 28.06 -10.38 -27.95
CA VAL A 213 28.30 -9.81 -26.59
C VAL A 213 27.13 -10.27 -25.74
N VAL A 214 27.40 -10.85 -24.56
CA VAL A 214 26.35 -11.19 -23.56
C VAL A 214 26.35 -10.08 -22.49
N ILE A 215 25.19 -9.48 -22.22
CA ILE A 215 25.04 -8.52 -21.09
C ILE A 215 24.12 -9.21 -20.10
N ARG A 216 24.54 -9.29 -18.84
CA ARG A 216 23.70 -9.91 -17.79
C ARG A 216 23.83 -9.15 -16.47
N ASP A 217 22.80 -9.27 -15.65
CA ASP A 217 22.84 -8.81 -14.24
C ASP A 217 24.06 -9.47 -13.57
N GLY A 218 24.90 -8.70 -12.87
CA GLY A 218 26.05 -9.24 -12.13
C GLY A 218 25.62 -10.25 -11.08
N ARG A 219 24.33 -10.27 -10.73
CA ARG A 219 23.78 -11.18 -9.69
C ARG A 219 23.15 -12.43 -10.32
N LEU A 220 23.23 -12.61 -11.64
CA LEU A 220 22.62 -13.79 -12.30
C LEU A 220 23.36 -15.04 -11.85
N TRP A 221 22.61 -16.06 -11.46
CA TRP A 221 23.21 -17.39 -11.18
C TRP A 221 23.75 -17.96 -12.50
N HIS A 222 24.96 -18.49 -12.47
CA HIS A 222 25.60 -19.12 -13.66
C HIS A 222 26.72 -20.04 -13.17
N ARG A 223 27.29 -20.81 -14.08
CA ARG A 223 28.51 -21.60 -13.76
C ARG A 223 29.27 -21.90 -15.04
N GLY A 224 30.58 -21.84 -14.94
CA GLY A 224 31.46 -22.47 -15.93
C GLY A 224 31.28 -23.97 -15.89
N VAL A 225 31.36 -24.60 -17.06
CA VAL A 225 31.18 -26.06 -17.20
C VAL A 225 32.39 -26.62 -17.95
N PRO A 226 32.53 -27.96 -17.97
CA PRO A 226 33.68 -28.60 -18.62
C PRO A 226 33.79 -28.18 -20.10
N ASN A 227 35.02 -27.85 -20.49
CA ASN A 227 35.48 -27.74 -21.89
C ASN A 227 35.92 -29.15 -22.30
N LEU A 228 35.13 -29.83 -23.11
CA LEU A 228 35.37 -31.21 -23.59
C LEU A 228 35.94 -31.17 -25.01
N SER A 229 36.47 -30.03 -25.46
CA SER A 229 37.15 -29.89 -26.77
C SER A 229 38.65 -30.01 -26.58
N ALA A 230 39.41 -29.90 -27.66
CA ALA A 230 40.88 -30.04 -27.70
C ALA A 230 41.56 -28.68 -27.51
N ALA A 231 40.82 -27.60 -27.33
CA ALA A 231 41.38 -26.24 -27.38
C ALA A 231 40.86 -25.39 -26.23
N PRO A 232 41.73 -24.55 -25.64
CA PRO A 232 41.32 -23.60 -24.62
C PRO A 232 40.24 -22.65 -25.17
N ARG A 233 39.29 -22.28 -24.32
CA ARG A 233 38.14 -21.43 -24.71
C ARG A 233 38.28 -20.08 -24.01
N PRO A 234 38.80 -19.05 -24.68
CA PRO A 234 38.97 -17.74 -24.06
C PRO A 234 37.69 -16.89 -24.06
N LEU A 235 37.46 -16.21 -22.95
CA LEU A 235 36.33 -15.26 -22.74
C LEU A 235 36.91 -13.97 -22.18
N LEU A 236 36.52 -12.84 -22.76
CA LEU A 236 36.88 -11.51 -22.23
C LEU A 236 35.69 -10.98 -21.44
N ALA A 237 35.94 -10.38 -20.27
CA ALA A 237 34.88 -9.96 -19.35
C ALA A 237 35.09 -8.50 -18.95
N MET A 238 34.01 -7.73 -18.99
CA MET A 238 33.94 -6.39 -18.39
C MET A 238 32.71 -6.33 -17.49
N THR A 239 32.65 -5.35 -16.59
CA THR A 239 31.49 -5.17 -15.68
C THR A 239 31.29 -3.68 -15.45
N HIS A 240 30.10 -3.20 -15.78
CA HIS A 240 29.66 -1.81 -15.56
C HIS A 240 28.96 -1.77 -14.20
N TYR A 241 29.28 -0.77 -13.39
CA TYR A 241 28.71 -0.59 -12.03
C TYR A 241 28.12 0.82 -11.93
N THR A 242 27.08 0.96 -11.14
CA THR A 242 26.65 2.29 -10.65
C THR A 242 27.87 3.02 -10.08
N GLU A 243 27.84 4.33 -10.21
CA GLU A 243 28.90 5.30 -9.81
C GLU A 243 29.29 5.07 -8.34
N TRP A 244 28.35 4.69 -7.48
CA TRP A 244 28.52 4.70 -6.01
C TRP A 244 29.06 3.36 -5.50
N PHE A 245 29.28 2.36 -6.35
CA PHE A 245 29.85 1.05 -5.91
C PHE A 245 31.38 1.10 -5.93
N ASP A 246 32.01 0.86 -4.79
CA ASP A 246 33.49 0.95 -4.63
C ASP A 246 34.15 -0.16 -5.44
N MET A 247 35.04 0.22 -6.34
CA MET A 247 35.83 -0.74 -7.15
C MET A 247 37.25 -0.19 -7.27
N PRO A 248 38.27 -1.07 -7.30
CA PRO A 248 39.62 -0.63 -7.63
C PRO A 248 39.60 -0.25 -9.11
N PRO A 249 40.40 0.75 -9.51
CA PRO A 249 40.46 1.14 -10.91
C PRO A 249 41.20 0.08 -11.75
N ILE A 250 40.85 0.03 -13.03
CA ILE A 250 41.60 -0.70 -14.09
C ILE A 250 42.90 0.06 -14.36
N GLN A 251 44.04 -0.61 -14.28
CA GLN A 251 45.37 -0.05 -14.67
C GLN A 251 45.44 -0.05 -16.21
N LEU A 252 45.52 1.12 -16.83
CA LEU A 252 45.71 1.28 -18.30
C LEU A 252 46.95 2.12 -18.56
N PRO A 253 47.64 1.93 -19.71
CA PRO A 253 48.73 2.81 -20.11
C PRO A 253 48.19 4.20 -20.48
N ASP A 254 48.97 5.26 -20.22
CA ASP A 254 48.55 6.66 -20.46
C ASP A 254 48.41 6.93 -21.96
N THR A 255 48.96 6.05 -22.81
CA THR A 255 48.82 6.09 -24.28
C THR A 255 47.33 6.04 -24.70
N VAL A 256 46.42 5.51 -23.87
CA VAL A 256 44.97 5.44 -24.23
C VAL A 256 44.17 6.47 -23.43
N LYS A 257 44.82 7.27 -22.59
CA LYS A 257 44.12 8.30 -21.77
C LYS A 257 43.35 9.25 -22.68
N SER A 258 43.93 9.66 -23.81
CA SER A 258 43.32 10.67 -24.74
C SER A 258 41.87 10.26 -25.07
N TRP A 259 41.58 8.99 -25.36
CA TRP A 259 40.24 8.55 -25.83
C TRP A 259 39.42 7.86 -24.71
N VAL A 260 40.07 7.28 -23.71
CA VAL A 260 39.35 6.63 -22.58
C VAL A 260 38.80 7.69 -21.61
N ASP A 261 39.63 8.65 -21.16
CA ASP A 261 39.23 9.73 -20.21
C ASP A 261 38.40 10.77 -20.97
N GLY A 262 37.37 11.32 -20.31
CA GLY A 262 36.55 12.42 -20.87
C GLY A 262 35.62 11.97 -22.00
N SER A 263 35.52 10.66 -22.23
CA SER A 263 34.41 10.03 -22.98
C SER A 263 33.14 10.07 -22.12
N ASP A 264 31.96 10.16 -22.72
CA ASP A 264 30.66 10.08 -21.97
C ASP A 264 30.38 8.62 -21.57
N ARG A 265 31.20 7.68 -22.04
CA ARG A 265 31.19 6.26 -21.62
C ARG A 265 32.30 6.03 -20.61
N HIS A 266 31.94 6.00 -19.32
CA HIS A 266 32.91 6.16 -18.21
C HIS A 266 33.63 4.84 -17.97
N THR A 267 34.92 4.96 -17.65
CA THR A 267 35.79 3.86 -17.19
C THR A 267 36.41 4.29 -15.87
N HIS A 268 36.37 3.43 -14.85
CA HIS A 268 37.12 3.66 -13.59
C HIS A 268 38.55 3.20 -13.86
N ALA A 269 39.41 4.12 -14.27
CA ALA A 269 40.77 3.82 -14.79
C ALA A 269 41.82 4.64 -14.03
N HIS A 270 42.96 4.02 -13.79
CA HIS A 270 44.22 4.67 -13.35
C HIS A 270 45.23 4.54 -14.49
N PHE A 271 45.74 5.66 -14.98
CA PHE A 271 46.62 5.75 -16.17
C PHE A 271 48.07 5.71 -15.72
N VAL A 272 48.85 4.76 -16.25
CA VAL A 272 50.25 4.50 -15.83
C VAL A 272 51.20 4.97 -16.94
N ALA A 273 52.27 5.66 -16.54
CA ALA A 273 53.28 6.23 -17.43
C ALA A 273 54.08 5.14 -18.15
N GLY A 274 54.27 3.96 -17.55
CA GLY A 274 55.04 2.89 -18.20
C GLY A 274 54.16 1.87 -18.91
N ASP A 275 54.66 0.63 -18.94
CA ASP A 275 53.96 -0.60 -19.39
C ASP A 275 53.20 -1.21 -18.22
N VAL A 276 51.99 -1.72 -18.46
CA VAL A 276 51.20 -2.43 -17.41
C VAL A 276 51.35 -3.93 -17.64
N ASP A 277 51.80 -4.66 -16.62
CA ASP A 277 51.86 -6.15 -16.52
C ASP A 277 50.46 -6.60 -16.09
N HIS A 278 49.66 -7.03 -17.07
CA HIS A 278 48.30 -7.59 -16.89
C HIS A 278 48.32 -8.98 -16.24
N LEU A 279 49.42 -9.73 -16.36
CA LEU A 279 49.49 -11.16 -15.91
C LEU A 279 49.83 -11.25 -14.42
N THR A 280 50.67 -10.36 -13.85
CA THR A 280 51.06 -10.44 -12.42
C THR A 280 50.96 -9.10 -11.67
N GLY A 281 50.78 -7.96 -12.36
CA GLY A 281 50.76 -6.62 -11.74
C GLY A 281 52.05 -6.32 -10.97
N ASP A 282 53.21 -6.88 -11.39
CA ASP A 282 54.53 -6.70 -10.71
C ASP A 282 55.39 -5.69 -11.48
N HIS A 283 54.75 -4.88 -12.35
CA HIS A 283 55.37 -3.72 -13.04
C HIS A 283 55.67 -2.62 -12.01
N PRO A 284 56.64 -1.71 -12.32
CA PRO A 284 56.99 -0.59 -11.42
C PRO A 284 55.74 0.25 -11.12
N PHE A 285 55.61 0.75 -9.87
CA PHE A 285 54.48 1.67 -9.46
C PHE A 285 53.14 1.03 -9.88
N ALA A 286 52.95 -0.24 -9.46
CA ALA A 286 51.72 -1.05 -9.72
C ALA A 286 50.55 -0.59 -8.81
N ALA B 5 9.97 34.34 50.80
CA ALA B 5 8.73 34.25 49.96
C ALA B 5 9.13 33.97 48.50
N LEU B 6 8.69 32.85 47.94
CA LEU B 6 9.15 32.31 46.63
C LEU B 6 8.30 32.90 45.50
N ALA B 7 8.87 33.10 44.31
CA ALA B 7 8.20 33.68 43.12
C ALA B 7 7.93 32.59 42.07
N ALA B 8 8.49 31.39 42.25
CA ALA B 8 8.33 30.25 41.31
C ALA B 8 8.60 28.95 42.03
N PRO B 9 8.28 27.78 41.43
CA PRO B 9 8.64 26.51 42.04
C PRO B 9 10.16 26.47 42.20
N PRO B 10 10.69 26.01 43.35
CA PRO B 10 12.12 25.88 43.53
C PRO B 10 12.76 24.94 42.50
N GLY B 11 13.91 25.32 41.96
CA GLY B 11 14.76 24.51 41.07
C GLY B 11 14.91 23.08 41.53
N GLU B 12 15.11 22.86 42.82
CA GLU B 12 15.40 21.54 43.43
C GLU B 12 14.20 20.60 43.25
N LEU B 13 12.98 21.11 43.06
CA LEU B 13 11.75 20.26 42.97
C LEU B 13 11.19 20.23 41.57
N THR B 14 11.79 20.97 40.62
CA THR B 14 11.14 21.34 39.34
C THR B 14 11.83 20.63 38.17
N LEU B 15 11.03 20.10 37.26
CA LEU B 15 11.45 19.70 35.90
C LEU B 15 10.57 20.44 34.89
N ALA B 16 11.17 21.22 34.00
CA ALA B 16 10.45 22.10 33.03
C ALA B 16 10.25 21.34 31.73
N LEU B 17 9.01 21.18 31.29
CA LEU B 17 8.64 20.36 30.10
C LEU B 17 7.78 21.22 29.18
N THR B 18 7.42 20.66 28.04
CA THR B 18 6.43 21.21 27.08
C THR B 18 5.32 20.17 27.00
N PRO B 19 4.12 20.53 26.50
CA PRO B 19 3.05 19.55 26.27
C PRO B 19 3.38 18.47 25.24
N ASP B 20 4.38 18.74 24.39
CA ASP B 20 4.84 17.79 23.33
C ASP B 20 5.72 16.70 23.93
N ASP B 21 6.30 16.89 25.11
CA ASP B 21 7.10 15.84 25.82
C ASP B 21 6.20 14.66 26.15
N LYS B 22 6.51 13.48 25.61
CA LYS B 22 5.69 12.24 25.81
CA LYS B 22 5.70 12.25 25.79
C LYS B 22 6.41 11.29 26.77
N THR B 23 7.73 11.29 26.81
CA THR B 23 8.51 10.46 27.78
C THR B 23 9.82 11.19 28.05
N LEU B 24 10.28 11.11 29.30
CA LEU B 24 11.56 11.66 29.76
C LEU B 24 12.68 10.71 29.29
N ASP B 25 13.79 11.29 28.80
CA ASP B 25 15.06 10.57 28.55
C ASP B 25 15.52 9.99 29.88
N PRO B 26 16.36 8.94 29.89
CA PRO B 26 16.74 8.29 31.14
C PRO B 26 17.32 9.21 32.23
N ALA B 27 18.12 10.21 31.88
CA ALA B 27 18.78 11.13 32.85
C ALA B 27 17.75 12.04 33.53
N SER B 28 16.74 12.51 32.77
CA SER B 28 15.61 13.34 33.28
C SER B 28 14.74 12.49 34.20
N LEU B 29 14.44 11.24 33.81
CA LEU B 29 13.61 10.32 34.64
C LEU B 29 14.35 10.04 35.94
N ASP B 30 15.67 9.84 35.90
CA ASP B 30 16.50 9.56 37.10
C ASP B 30 16.40 10.74 38.06
N ARG B 31 16.48 11.97 37.54
CA ARG B 31 16.41 13.21 38.35
C ARG B 31 15.00 13.34 38.97
N ALA B 32 13.95 13.11 38.17
CA ALA B 32 12.55 13.14 38.66
C ALA B 32 12.40 12.19 39.87
N LEU B 33 12.88 10.96 39.73
CA LEU B 33 12.79 9.90 40.79
C LEU B 33 13.64 10.27 42.00
N ALA B 34 14.82 10.87 41.82
CA ALA B 34 15.69 11.31 42.94
C ALA B 34 14.99 12.41 43.74
N ILE B 35 14.28 13.30 43.06
CA ILE B 35 13.50 14.40 43.71
C ILE B 35 12.36 13.77 44.52
N LEU B 36 11.55 12.87 43.93
CA LEU B 36 10.46 12.18 44.65
C LEU B 36 10.98 11.37 45.84
N ALA B 37 12.10 10.68 45.71
CA ALA B 37 12.67 9.87 46.81
C ALA B 37 13.11 10.79 47.94
N GLU B 38 13.86 11.85 47.64
CA GLU B 38 14.44 12.73 48.68
C GLU B 38 13.36 13.65 49.28
N HIS B 39 12.62 14.36 48.43
CA HIS B 39 11.73 15.47 48.85
C HIS B 39 10.26 15.03 48.92
N GLY B 40 9.88 14.02 48.16
CA GLY B 40 8.49 13.52 48.16
C GLY B 40 7.55 14.38 47.38
N ILE B 41 8.07 15.34 46.62
CA ILE B 41 7.28 16.26 45.78
C ILE B 41 8.13 16.70 44.58
N LEU B 42 7.50 16.63 43.41
CA LEU B 42 8.08 16.94 42.10
C LEU B 42 7.10 17.85 41.36
N VAL B 43 7.57 19.01 40.88
CA VAL B 43 6.74 19.96 40.11
C VAL B 43 7.16 19.88 38.64
N LEU B 44 6.23 19.54 37.77
CA LEU B 44 6.46 19.49 36.31
C LEU B 44 5.76 20.68 35.68
N THR B 45 6.51 21.69 35.23
CA THR B 45 5.94 22.88 34.57
C THR B 45 5.74 22.59 33.07
N GLY B 46 4.80 23.30 32.45
CA GLY B 46 4.54 23.28 31.00
C GLY B 46 4.07 21.93 30.49
N MET B 47 3.24 21.19 31.20
CA MET B 47 2.80 19.82 30.78
C MET B 47 1.48 19.84 30.01
N LEU B 48 0.54 20.70 30.40
CA LEU B 48 -0.84 20.64 29.86
C LEU B 48 -1.12 21.91 29.05
N ARG B 49 -1.78 21.75 27.91
CA ARG B 49 -2.16 22.86 27.02
C ARG B 49 -3.28 23.66 27.68
N THR B 50 -3.32 24.96 27.43
CA THR B 50 -4.34 25.93 27.89
C THR B 50 -5.73 25.42 27.52
N ARG B 51 -5.89 24.79 26.34
CA ARG B 51 -7.22 24.35 25.86
C ARG B 51 -7.84 23.38 26.88
N LEU B 52 -7.04 22.51 27.51
CA LEU B 52 -7.57 21.52 28.48
C LEU B 52 -7.83 22.23 29.80
N THR B 53 -6.84 22.95 30.34
CA THR B 53 -6.98 23.60 31.66
C THR B 53 -8.12 24.63 31.62
N ASP B 54 -8.30 25.37 30.51
CA ASP B 54 -9.44 26.32 30.37
C ASP B 54 -10.77 25.58 30.52
N GLN B 55 -10.93 24.46 29.82
CA GLN B 55 -12.21 23.72 29.78
C GLN B 55 -12.52 23.16 31.17
N LEU B 56 -11.50 22.70 31.90
CA LEU B 56 -11.70 22.08 33.23
C LEU B 56 -11.98 23.17 34.24
N ARG B 57 -11.21 24.26 34.22
CA ARG B 57 -11.49 25.45 35.07
C ARG B 57 -12.95 25.90 34.88
N THR B 58 -13.36 26.12 33.64
CA THR B 58 -14.72 26.62 33.30
C THR B 58 -15.75 25.65 33.87
N ALA B 59 -15.58 24.36 33.64
CA ALA B 59 -16.57 23.32 34.03
C ALA B 59 -16.71 23.29 35.56
N MET B 60 -15.61 23.46 36.30
CA MET B 60 -15.63 23.43 37.78
C MET B 60 -16.24 24.71 38.36
N LEU B 61 -15.91 25.89 37.84
CA LEU B 61 -16.57 27.17 38.25
C LEU B 61 -18.06 27.11 37.90
N ASP B 62 -18.45 26.49 36.78
CA ASP B 62 -19.89 26.32 36.41
C ASP B 62 -20.61 25.40 37.42
N ASP B 63 -19.92 24.40 37.98
CA ASP B 63 -20.53 23.40 38.89
C ASP B 63 -20.60 23.91 40.32
N LEU B 64 -19.77 24.88 40.69
CA LEU B 64 -19.60 25.33 42.09
C LEU B 64 -20.95 25.71 42.71
N PRO B 65 -21.83 26.47 42.03
CA PRO B 65 -23.15 26.77 42.57
C PRO B 65 -23.97 25.55 43.02
N GLU B 66 -23.96 24.47 42.25
CA GLU B 66 -24.66 23.20 42.62
C GLU B 66 -24.04 22.64 43.89
N VAL B 67 -22.72 22.69 44.05
CA VAL B 67 -22.05 22.23 45.30
C VAL B 67 -22.49 23.08 46.50
N LEU B 68 -22.55 24.40 46.34
CA LEU B 68 -22.84 25.33 47.46
C LEU B 68 -24.32 25.28 47.84
N ARG B 69 -25.18 24.76 46.96
CA ARG B 69 -26.65 24.63 47.19
C ARG B 69 -26.97 23.49 48.16
N GLN B 70 -26.10 22.49 48.28
CA GLN B 70 -26.33 21.27 49.10
C GLN B 70 -26.63 21.65 50.54
N GLN B 71 -27.42 20.83 51.24
CA GLN B 71 -27.84 21.03 52.65
C GLN B 71 -26.61 21.15 53.54
N ASP B 72 -25.69 20.18 53.45
CA ASP B 72 -24.36 20.23 54.09
C ASP B 72 -23.33 20.36 52.98
N VAL B 73 -22.58 21.47 52.93
CA VAL B 73 -21.52 21.68 51.90
C VAL B 73 -20.29 20.89 52.35
N PRO B 74 -19.84 19.92 51.52
CA PRO B 74 -18.78 19.02 51.95
C PRO B 74 -17.44 19.77 51.92
N THR B 75 -16.70 19.73 53.02
CA THR B 75 -15.46 20.51 53.20
C THR B 75 -14.36 19.59 53.71
N ASN B 76 -13.12 19.97 53.43
CA ASN B 76 -11.92 19.26 53.91
C ASN B 76 -11.42 20.01 55.13
N PHE B 77 -11.78 19.51 56.31
CA PHE B 77 -11.30 19.95 57.65
C PHE B 77 -11.95 21.26 58.10
N VAL B 78 -11.90 22.32 57.28
CA VAL B 78 -12.24 23.69 57.73
C VAL B 78 -13.00 24.43 56.62
N PRO B 79 -13.79 25.46 57.00
CA PRO B 79 -14.55 26.25 56.03
C PRO B 79 -13.70 26.82 54.88
N GLY B 80 -14.30 26.77 53.69
CA GLY B 80 -13.75 27.37 52.46
C GLY B 80 -12.98 26.35 51.63
N HIS B 81 -12.62 25.20 52.19
CA HIS B 81 -11.93 24.11 51.44
C HIS B 81 -12.97 23.10 51.00
N VAL B 82 -13.56 23.34 49.85
CA VAL B 82 -14.77 22.60 49.40
C VAL B 82 -14.33 21.38 48.60
N GLN B 83 -15.00 20.27 48.83
CA GLN B 83 -14.84 19.01 48.06
CA GLN B 83 -14.82 19.01 48.04
C GLN B 83 -15.68 19.12 46.77
N GLN B 84 -15.02 19.09 45.61
CA GLN B 84 -15.74 19.14 44.33
C GLN B 84 -15.02 18.25 43.32
N ASP B 85 -15.70 17.21 42.89
CA ASP B 85 -15.21 16.31 41.83
C ASP B 85 -15.43 17.02 40.50
N PRO B 86 -14.43 16.99 39.58
CA PRO B 86 -14.62 17.53 38.25
C PRO B 86 -15.58 16.63 37.49
N PRO B 87 -16.20 17.13 36.40
CA PRO B 87 -17.16 16.34 35.65
C PRO B 87 -16.50 15.13 35.00
N VAL B 88 -17.28 14.08 34.83
CA VAL B 88 -16.91 12.86 34.05
C VAL B 88 -17.88 12.74 32.86
N ARG B 89 -18.22 13.86 32.23
CA ARG B 89 -18.78 13.88 30.84
C ARG B 89 -17.66 13.51 29.85
N GLU B 90 -17.98 12.75 28.82
CA GLU B 90 -17.01 12.35 27.75
C GLU B 90 -16.23 13.58 27.26
N SER B 91 -16.88 14.71 27.05
CA SER B 91 -16.28 15.95 26.46
C SER B 91 -15.22 16.57 27.37
N LEU B 92 -15.16 16.23 28.66
CA LEU B 92 -14.20 16.83 29.64
C LEU B 92 -13.26 15.78 30.23
N LEU B 93 -13.25 14.56 29.66
CA LEU B 93 -12.30 13.51 30.04
C LEU B 93 -11.23 13.44 28.95
N PHE B 94 -10.01 13.83 29.31
CA PHE B 94 -8.90 14.08 28.37
C PHE B 94 -7.80 13.08 28.62
N PRO B 95 -7.41 12.29 27.60
CA PRO B 95 -6.29 11.35 27.76
C PRO B 95 -5.03 12.01 28.33
N ASP B 96 -4.74 13.26 28.02
CA ASP B 96 -3.49 13.94 28.47
C ASP B 96 -3.61 14.29 29.96
N VAL B 97 -4.81 14.30 30.52
CA VAL B 97 -5.04 14.51 31.98
C VAL B 97 -5.16 13.16 32.68
N LEU B 98 -6.11 12.29 32.29
CA LEU B 98 -6.33 10.99 32.99
C LEU B 98 -5.16 10.04 32.77
N LEU B 99 -4.62 10.01 31.55
CA LEU B 99 -3.63 9.00 31.10
C LEU B 99 -2.36 9.70 30.61
N ASN B 100 -1.84 10.64 31.37
CA ASN B 100 -0.68 11.44 30.92
C ASN B 100 0.53 10.54 30.77
N PRO B 101 1.20 10.49 29.61
CA PRO B 101 2.29 9.54 29.41
C PRO B 101 3.50 9.82 30.31
N VAL B 102 3.81 11.08 30.63
CA VAL B 102 4.95 11.43 31.52
C VAL B 102 4.59 11.04 32.96
N VAL B 103 3.37 11.34 33.40
CA VAL B 103 2.90 11.04 34.77
C VAL B 103 3.05 9.53 34.97
N TYR B 104 2.50 8.71 34.07
CA TYR B 104 2.50 7.23 34.19
C TYR B 104 3.92 6.67 34.03
N GLN B 105 4.76 7.27 33.22
CA GLN B 105 6.19 6.86 33.15
C GLN B 105 6.80 6.96 34.55
N ILE B 106 6.49 8.02 35.28
CA ILE B 106 7.05 8.26 36.64
C ILE B 106 6.40 7.29 37.63
N THR B 107 5.07 7.17 37.63
CA THR B 107 4.36 6.31 38.61
C THR B 107 4.68 4.83 38.31
N HIS B 108 4.84 4.45 37.04
CA HIS B 108 5.28 3.06 36.69
C HIS B 108 6.64 2.78 37.33
N ALA B 109 7.56 3.75 37.27
CA ALA B 109 8.96 3.59 37.74
C ALA B 109 8.98 3.50 39.25
N VAL B 110 8.08 4.21 39.96
CA VAL B 110 8.04 4.18 41.45
C VAL B 110 7.19 2.99 41.96
N LEU B 111 5.97 2.82 41.43
CA LEU B 111 4.94 1.92 42.02
C LEU B 111 4.84 0.60 41.25
N GLY B 112 5.39 0.51 40.03
CA GLY B 112 5.30 -0.67 39.17
C GLY B 112 4.30 -0.51 38.03
N ALA B 113 4.36 -1.40 37.04
CA ALA B 113 3.61 -1.31 35.77
C ALA B 113 2.12 -1.50 36.03
N ASP B 114 1.77 -2.06 37.19
CA ASP B 114 0.38 -2.39 37.56
C ASP B 114 -0.24 -1.27 38.42
N ALA B 115 0.50 -0.18 38.66
CA ALA B 115 -0.01 1.01 39.36
C ALA B 115 -1.23 1.54 38.62
N ARG B 116 -2.19 2.08 39.35
CA ARG B 116 -3.48 2.48 38.74
C ARG B 116 -3.98 3.75 39.39
N ASN B 117 -4.51 4.65 38.59
CA ASN B 117 -5.25 5.82 39.08
C ASN B 117 -6.57 5.33 39.68
N ALA B 118 -6.90 5.76 40.90
CA ALA B 118 -8.14 5.39 41.61
C ALA B 118 -8.85 6.63 42.17
N VAL B 119 -8.41 7.83 41.81
CA VAL B 119 -9.02 9.09 42.29
C VAL B 119 -9.16 10.07 41.11
N TYR B 120 -10.34 10.65 40.97
CA TYR B 120 -10.61 11.76 40.05
C TYR B 120 -11.47 12.76 40.82
N SER B 121 -10.81 13.62 41.59
CA SER B 121 -11.43 14.47 42.61
C SER B 121 -10.95 15.90 42.41
N GLY B 122 -11.42 16.82 43.26
CA GLY B 122 -11.01 18.23 43.18
C GLY B 122 -11.21 18.95 44.49
N ASN B 123 -10.53 20.08 44.61
CA ASN B 123 -10.44 20.94 45.80
C ASN B 123 -10.73 22.36 45.30
N MET B 124 -11.84 22.94 45.72
CA MET B 124 -12.21 24.33 45.39
C MET B 124 -11.95 25.16 46.64
N ASN B 125 -10.87 25.95 46.63
CA ASN B 125 -10.44 26.81 47.76
C ASN B 125 -11.09 28.17 47.56
N LEU B 126 -12.14 28.48 48.35
CA LEU B 126 -12.96 29.70 48.16
C LEU B 126 -12.28 30.91 48.78
N PRO B 127 -12.53 32.13 48.25
CA PRO B 127 -12.13 33.36 48.92
C PRO B 127 -12.54 33.36 50.40
N GLY B 128 -11.59 33.70 51.28
CA GLY B 128 -11.80 33.84 52.74
C GLY B 128 -11.73 32.51 53.45
N SER B 129 -11.21 31.46 52.80
CA SER B 129 -11.11 30.11 53.42
C SER B 129 -10.18 30.14 54.64
N HIS B 130 -10.27 29.13 55.50
CA HIS B 130 -9.42 28.99 56.71
C HIS B 130 -8.14 28.19 56.40
N GLU B 131 -7.23 28.10 57.37
CA GLU B 131 -6.02 27.24 57.35
C GLU B 131 -6.45 25.80 57.68
N GLN B 132 -6.16 24.84 56.80
CA GLN B 132 -6.28 23.40 57.12
C GLN B 132 -5.17 23.05 58.10
N PRO B 133 -5.37 22.01 58.93
CA PRO B 133 -4.27 21.45 59.70
C PRO B 133 -3.31 20.71 58.76
N VAL B 134 -2.02 20.72 59.08
CA VAL B 134 -1.02 19.90 58.35
C VAL B 134 -1.42 18.43 58.50
N HIS B 135 -1.51 17.71 57.40
CA HIS B 135 -2.03 16.32 57.38
C HIS B 135 -1.37 15.53 56.26
N LEU B 136 -1.58 14.23 56.23
CA LEU B 136 -1.28 13.42 55.04
C LEU B 136 -2.59 12.90 54.47
N ASP B 137 -2.67 12.84 53.15
CA ASP B 137 -3.90 12.37 52.46
C ASP B 137 -4.01 10.85 52.65
N GLU B 138 -2.88 10.14 52.65
CA GLU B 138 -2.86 8.66 52.69
C GLU B 138 -1.83 8.28 53.74
N PRO B 139 -2.16 7.38 54.70
CA PRO B 139 -1.27 7.07 55.80
C PRO B 139 -0.18 6.05 55.48
N HIS B 140 0.73 5.88 56.44
CA HIS B 140 1.64 4.71 56.50
C HIS B 140 0.79 3.47 56.75
N LEU B 141 1.22 2.35 56.22
CA LEU B 141 0.50 1.06 56.23
C LEU B 141 0.71 0.37 57.56
N TRP B 142 1.83 0.63 58.25
CA TRP B 142 2.06 0.16 59.65
C TRP B 142 2.65 1.29 60.47
N PRO B 143 2.26 1.40 61.76
CA PRO B 143 2.90 2.40 62.63
C PRO B 143 4.35 2.03 62.97
N GLY B 144 5.26 3.02 62.99
CA GLY B 144 6.65 2.79 63.46
C GLY B 144 7.54 2.07 62.46
N ILE B 145 7.13 2.02 61.19
CA ILE B 145 7.77 1.22 60.12
C ILE B 145 8.06 2.14 58.95
N SER B 146 9.29 2.05 58.42
CA SER B 146 9.66 2.65 57.11
C SER B 146 9.32 1.64 56.01
N HIS B 147 8.52 2.05 55.07
CA HIS B 147 8.22 1.27 53.86
C HIS B 147 8.23 2.23 52.67
N PRO B 148 8.48 1.70 51.47
CA PRO B 148 8.44 2.51 50.28
C PRO B 148 7.05 3.04 49.99
N PRO B 149 6.95 3.98 49.03
CA PRO B 149 5.68 4.53 48.60
C PRO B 149 4.72 3.46 48.10
N TYR B 150 3.43 3.68 48.29
CA TYR B 150 2.37 2.86 47.67
C TYR B 150 1.38 3.75 46.91
N CYS B 151 1.54 5.06 46.97
CA CYS B 151 0.66 5.98 46.23
C CYS B 151 1.35 7.31 45.95
N LEU B 152 1.02 7.88 44.80
CA LEU B 152 1.49 9.20 44.32
C LEU B 152 0.26 10.04 43.97
N CYS B 153 0.09 11.16 44.68
CA CYS B 153 -0.94 12.17 44.37
C CYS B 153 -0.43 12.96 43.17
N VAL B 154 -1.34 13.23 42.24
CA VAL B 154 -1.07 13.99 41.00
C VAL B 154 -2.03 15.18 41.05
N ASP B 155 -1.52 16.37 41.35
CA ASP B 155 -2.30 17.61 41.59
C ASP B 155 -2.18 18.47 40.33
N VAL B 156 -3.31 18.91 39.78
CA VAL B 156 -3.35 19.74 38.54
C VAL B 156 -4.05 21.05 38.84
N PRO B 157 -3.30 22.15 39.09
CA PRO B 157 -3.93 23.45 39.29
C PRO B 157 -4.64 23.88 38.00
N LEU B 158 -5.83 24.48 38.12
CA LEU B 158 -6.66 24.88 36.96
C LEU B 158 -6.68 26.40 36.80
N ILE B 159 -5.98 27.13 37.67
CA ILE B 159 -5.56 28.55 37.46
C ILE B 159 -4.12 28.66 37.95
N ASP B 160 -3.46 29.78 37.69
CA ASP B 160 -2.14 30.08 38.30
C ASP B 160 -2.34 30.08 39.82
N PHE B 161 -1.61 29.25 40.53
CA PHE B 161 -1.60 29.24 42.01
C PHE B 161 -0.59 30.29 42.47
N THR B 162 -0.98 31.15 43.39
CA THR B 162 -0.12 32.22 43.95
C THR B 162 -0.07 32.06 45.47
N LEU B 163 0.86 32.75 46.12
CA LEU B 163 0.88 32.83 47.60
C LEU B 163 -0.45 33.42 48.09
N GLU B 164 -1.07 34.30 47.30
CA GLU B 164 -2.30 35.02 47.69
C GLU B 164 -3.53 34.10 47.57
N ASN B 165 -3.66 33.28 46.53
CA ASN B 165 -4.94 32.59 46.22
C ASN B 165 -4.92 31.12 46.72
N GLY B 166 -3.91 30.74 47.50
CA GLY B 166 -3.94 29.51 48.29
C GLY B 166 -3.12 28.38 47.70
N SER B 167 -1.96 28.70 47.13
CA SER B 167 -0.98 27.64 46.77
C SER B 167 -0.71 26.81 48.03
N THR B 168 -0.78 25.49 47.90
CA THR B 168 -0.66 24.50 48.99
C THR B 168 0.70 24.59 49.69
N GLU B 169 0.72 24.48 51.01
CA GLU B 169 1.96 24.34 51.81
C GLU B 169 2.40 22.88 51.81
N TYR B 170 3.66 22.61 51.46
CA TYR B 170 4.24 21.26 51.38
C TYR B 170 5.43 21.17 52.34
N TRP B 171 5.61 20.02 53.01
CA TRP B 171 6.74 19.74 53.93
C TRP B 171 7.71 18.76 53.29
N PRO B 172 8.75 19.25 52.62
CA PRO B 172 9.65 18.36 51.89
C PRO B 172 10.30 17.34 52.84
N GLY B 173 10.40 16.10 52.38
CA GLY B 173 11.06 14.99 53.06
C GLY B 173 10.17 14.32 54.10
N SER B 174 8.95 14.81 54.30
CA SER B 174 8.05 14.39 55.40
C SER B 174 7.45 13.02 55.07
N HIS B 175 7.49 12.60 53.82
CA HIS B 175 6.83 11.36 53.32
C HIS B 175 7.44 10.11 53.95
N VAL B 176 8.67 10.18 54.45
CA VAL B 176 9.35 8.96 54.98
C VAL B 176 9.27 8.95 56.50
N LEU B 177 8.68 9.96 57.13
CA LEU B 177 8.64 10.03 58.61
C LEU B 177 7.46 9.19 59.07
N ASN B 178 7.68 8.25 59.99
CA ASN B 178 6.53 7.53 60.60
C ASN B 178 6.79 7.30 62.09
N PRO B 179 6.94 8.37 62.88
CA PRO B 179 7.18 8.22 64.30
C PRO B 179 5.88 7.85 65.05
N ASP B 180 6.04 7.21 66.21
CA ASP B 180 4.89 6.65 66.97
C ASP B 180 3.98 7.80 67.41
N GLU B 181 2.66 7.57 67.36
CA GLU B 181 1.62 8.45 67.96
C GLU B 181 1.88 9.92 67.60
N CYS B 182 2.22 10.24 66.34
CA CYS B 182 2.41 11.63 65.83
C CYS B 182 1.34 11.96 64.78
N TYR B 183 0.58 10.99 64.28
CA TYR B 183 -0.58 11.18 63.37
C TYR B 183 -1.87 10.72 64.02
N ASP B 184 -2.92 11.53 63.99
CA ASP B 184 -4.20 11.27 64.71
C ASP B 184 -5.13 10.52 63.75
N GLU B 185 -6.35 10.19 64.17
CA GLU B 185 -7.35 9.43 63.36
C GLU B 185 -7.65 10.15 62.03
N ARG B 186 -7.51 11.48 61.96
CA ARG B 186 -7.87 12.25 60.73
C ARG B 186 -6.67 12.42 59.80
N GLY B 187 -5.51 11.87 60.12
CA GLY B 187 -4.27 12.05 59.32
C GLY B 187 -3.53 13.34 59.65
N CYS B 188 -3.88 14.04 60.70
CA CYS B 188 -3.26 15.33 61.09
C CYS B 188 -2.01 15.12 61.91
N VAL B 189 -0.96 15.89 61.59
CA VAL B 189 0.35 15.80 62.27
C VAL B 189 0.22 16.56 63.58
N LEU B 190 0.70 15.98 64.67
CA LEU B 190 0.70 16.64 66.02
C LEU B 190 1.57 17.89 65.97
N PRO B 191 1.15 19.00 66.60
CA PRO B 191 1.95 20.22 66.62
C PRO B 191 3.38 20.04 67.16
N ALA B 192 3.60 19.17 68.15
CA ALA B 192 4.95 18.87 68.68
C ALA B 192 5.86 18.36 67.56
N GLU B 193 5.37 17.45 66.73
CA GLU B 193 6.16 16.83 65.62
C GLU B 193 6.37 17.85 64.50
N LEU B 194 5.42 18.75 64.25
CA LEU B 194 5.59 19.86 63.29
C LEU B 194 6.79 20.71 63.67
N GLU B 195 6.88 21.11 64.93
CA GLU B 195 7.94 22.02 65.44
C GLU B 195 9.29 21.27 65.38
N ARG B 196 9.35 20.01 65.79
CA ARG B 196 10.58 19.19 65.66
C ARG B 196 11.05 19.17 64.20
N ARG B 197 10.13 18.94 63.29
CA ARG B 197 10.42 18.81 61.84
C ARG B 197 10.84 20.16 61.28
N ARG B 198 10.13 21.23 61.67
CA ARG B 198 10.34 22.60 61.15
C ARG B 198 11.82 22.95 61.28
N ALA B 199 12.47 22.55 62.38
CA ALA B 199 13.88 22.88 62.70
C ALA B 199 14.86 22.14 61.76
N VAL B 200 14.46 21.03 61.16
CA VAL B 200 15.32 20.17 60.28
C VAL B 200 15.03 20.50 58.80
N ALA B 201 13.74 20.61 58.44
CA ALA B 201 13.25 20.78 57.06
C ALA B 201 11.95 21.57 57.08
N PRO B 202 12.02 22.92 57.10
CA PRO B 202 10.82 23.76 57.15
C PRO B 202 9.98 23.60 55.89
N PRO B 203 8.68 23.91 55.94
CA PRO B 203 7.81 23.84 54.78
C PRO B 203 8.13 24.92 53.74
N VAL B 204 7.65 24.68 52.53
CA VAL B 204 7.77 25.61 51.37
C VAL B 204 6.38 25.84 50.84
N ARG B 205 6.15 27.02 50.30
CA ARG B 205 4.90 27.42 49.62
C ARG B 205 5.30 28.27 48.44
N PHE B 206 4.84 27.96 47.24
CA PHE B 206 5.33 28.64 46.03
C PHE B 206 4.21 28.74 45.02
N PRO B 207 4.29 29.75 44.13
CA PRO B 207 3.43 29.81 42.96
C PRO B 207 3.64 28.58 42.07
N ILE B 208 2.56 28.15 41.44
CA ILE B 208 2.55 27.06 40.44
C ILE B 208 1.72 27.52 39.26
N PRO B 209 2.33 27.76 38.09
CA PRO B 209 1.58 28.28 36.94
C PRO B 209 0.65 27.16 36.44
N VAL B 210 -0.55 27.53 36.00
CA VAL B 210 -1.49 26.60 35.33
C VAL B 210 -0.76 25.97 34.15
N GLY B 211 -1.03 24.70 33.87
CA GLY B 211 -0.24 23.90 32.93
C GLY B 211 0.67 22.95 33.68
N SER B 212 0.96 23.22 34.95
CA SER B 212 1.89 22.39 35.75
C SER B 212 1.15 21.16 36.27
N VAL B 213 1.91 20.11 36.59
CA VAL B 213 1.43 18.93 37.34
C VAL B 213 2.36 18.75 38.53
N VAL B 214 1.82 18.61 39.74
CA VAL B 214 2.61 18.26 40.95
C VAL B 214 2.43 16.76 41.22
N ILE B 215 3.52 16.02 41.34
CA ILE B 215 3.48 14.60 41.74
C ILE B 215 4.13 14.54 43.12
N ARG B 216 3.44 13.94 44.09
CA ARG B 216 4.00 13.80 45.44
C ARG B 216 3.58 12.48 46.08
N ASP B 217 4.39 12.03 47.01
CA ASP B 217 4.06 10.88 47.89
C ASP B 217 2.72 11.19 48.58
N GLY B 218 1.77 10.26 48.55
CA GLY B 218 0.48 10.40 49.26
C GLY B 218 0.65 10.63 50.76
N ARG B 219 1.84 10.33 51.30
CA ARG B 219 2.13 10.47 52.74
C ARG B 219 2.81 11.83 53.04
N LEU B 220 3.00 12.70 52.05
CA LEU B 220 3.66 14.01 52.28
C LEU B 220 2.79 14.86 53.19
N TRP B 221 3.39 15.45 54.22
CA TRP B 221 2.67 16.44 55.05
C TRP B 221 2.42 17.70 54.21
N HIS B 222 1.20 18.22 54.25
CA HIS B 222 0.81 19.43 53.50
C HIS B 222 -0.43 20.05 54.11
N ARG B 223 -0.83 21.24 53.67
CA ARG B 223 -2.11 21.84 54.09
C ARG B 223 -2.56 22.87 53.06
N GLY B 224 -3.87 22.89 52.82
CA GLY B 224 -4.53 24.04 52.20
C GLY B 224 -4.45 25.24 53.11
N VAL B 225 -4.30 26.43 52.53
CA VAL B 225 -4.18 27.70 53.30
C VAL B 225 -5.20 28.68 52.74
N PRO B 226 -5.41 29.83 53.42
CA PRO B 226 -6.42 30.81 53.00
C PRO B 226 -6.18 31.29 51.57
N ASN B 227 -7.27 31.33 50.81
CA ASN B 227 -7.41 32.03 49.51
C ASN B 227 -7.81 33.46 49.83
N LEU B 228 -6.88 34.40 49.72
CA LEU B 228 -7.09 35.84 50.02
C LEU B 228 -7.30 36.61 48.71
N SER B 229 -7.64 35.94 47.61
CA SER B 229 -7.98 36.60 46.31
C SER B 229 -9.50 36.76 46.20
N ALA B 230 -9.98 37.31 45.09
CA ALA B 230 -11.42 37.57 44.84
C ALA B 230 -12.08 36.38 44.11
N ALA B 231 -11.34 35.31 43.84
CA ALA B 231 -11.84 34.24 42.94
C ALA B 231 -11.54 32.87 43.53
N PRO B 232 -12.48 31.90 43.36
CA PRO B 232 -12.24 30.52 43.75
C PRO B 232 -11.01 29.95 43.04
N ARG B 233 -10.28 29.09 43.73
CA ARG B 233 -9.02 28.48 43.23
C ARG B 233 -9.27 27.00 43.04
N PRO B 234 -9.59 26.54 41.81
CA PRO B 234 -9.83 25.11 41.58
C PRO B 234 -8.54 24.31 41.37
N LEU B 235 -8.50 23.11 41.97
CA LEU B 235 -7.46 22.09 41.83
C LEU B 235 -8.12 20.76 41.44
N LEU B 236 -7.57 20.09 40.44
CA LEU B 236 -7.99 18.74 40.03
C LEU B 236 -6.98 17.76 40.62
N ALA B 237 -7.45 16.65 41.18
CA ALA B 237 -6.59 15.73 41.96
C ALA B 237 -6.81 14.30 41.48
N MET B 238 -5.71 13.61 41.22
CA MET B 238 -5.71 12.16 40.94
C MET B 238 -4.71 11.51 41.90
N THR B 239 -4.86 10.21 42.13
CA THR B 239 -3.91 9.45 42.98
C THR B 239 -3.69 8.08 42.37
N HIS B 240 -2.44 7.77 42.06
CA HIS B 240 -2.00 6.46 41.57
C HIS B 240 -1.63 5.60 42.78
N TYR B 241 -2.07 4.35 42.81
CA TYR B 241 -1.82 3.40 43.91
C TYR B 241 -1.21 2.14 43.34
N THR B 242 -0.37 1.47 44.11
CA THR B 242 -0.01 0.06 43.82
C THR B 242 -1.31 -0.73 43.63
N GLU B 243 -1.23 -1.75 42.79
CA GLU B 243 -2.31 -2.66 42.38
C GLU B 243 -3.03 -3.23 43.60
N TRP B 244 -2.32 -3.50 44.69
CA TRP B 244 -2.84 -4.29 45.84
C TRP B 244 -3.51 -3.40 46.90
N PHE B 245 -3.54 -2.08 46.72
CA PHE B 245 -4.20 -1.17 47.70
C PHE B 245 -5.69 -1.02 47.40
N ASP B 246 -6.54 -1.37 48.37
CA ASP B 246 -8.02 -1.38 48.20
C ASP B 246 -8.52 0.04 48.01
N MET B 247 -9.19 0.30 46.89
CA MET B 247 -9.82 1.60 46.59
C MET B 247 -11.14 1.31 45.89
N PRO B 248 -12.17 2.15 46.15
CA PRO B 248 -13.39 2.10 45.34
C PRO B 248 -13.02 2.57 43.94
N PRO B 249 -13.68 2.05 42.89
CA PRO B 249 -13.42 2.48 41.52
C PRO B 249 -13.94 3.89 41.28
N ILE B 250 -13.32 4.58 40.32
CA ILE B 250 -13.83 5.84 39.70
C ILE B 250 -14.99 5.46 38.79
N GLN B 251 -16.15 6.09 38.99
CA GLN B 251 -17.35 5.93 38.12
C GLN B 251 -17.10 6.76 36.85
N LEU B 252 -17.02 6.12 35.69
CA LEU B 252 -16.86 6.79 34.37
C LEU B 252 -18.00 6.34 33.45
N PRO B 253 -18.41 7.18 32.48
CA PRO B 253 -19.37 6.74 31.46
C PRO B 253 -18.74 5.72 30.51
N ASP B 254 -19.52 4.75 30.02
CA ASP B 254 -19.00 3.67 29.14
C ASP B 254 -18.55 4.25 27.79
N THR B 255 -18.95 5.49 27.48
CA THR B 255 -18.49 6.25 26.28
C THR B 255 -16.96 6.40 26.26
N VAL B 256 -16.25 6.31 27.38
CA VAL B 256 -14.76 6.42 27.41
C VAL B 256 -14.11 5.06 27.64
N LYS B 257 -14.89 3.99 27.77
CA LYS B 257 -14.33 2.64 27.99
C LYS B 257 -13.35 2.29 26.86
N SER B 258 -13.67 2.62 25.60
CA SER B 258 -12.84 2.28 24.41
C SER B 258 -11.37 2.65 24.65
N TRP B 259 -11.06 3.84 25.20
CA TRP B 259 -9.66 4.34 25.33
C TRP B 259 -9.13 4.21 26.78
N VAL B 260 -10.00 4.19 27.78
CA VAL B 260 -9.57 4.07 29.20
C VAL B 260 -9.21 2.61 29.50
N ASP B 261 -10.08 1.64 29.15
CA ASP B 261 -9.84 0.18 29.38
C ASP B 261 -8.84 -0.33 28.34
N GLY B 262 -7.95 -1.24 28.74
CA GLY B 262 -6.96 -1.89 27.87
C GLY B 262 -5.83 -0.95 27.45
N SER B 263 -5.77 0.26 28.03
CA SER B 263 -4.54 1.10 28.04
C SER B 263 -3.52 0.47 29.00
N ASP B 264 -2.22 0.61 28.72
CA ASP B 264 -1.14 0.13 29.63
C ASP B 264 -0.98 1.12 30.79
N ARG B 265 -1.73 2.24 30.77
CA ARG B 265 -1.86 3.19 31.89
C ARG B 265 -3.18 2.93 32.60
N HIS B 266 -3.10 2.22 33.73
CA HIS B 266 -4.27 1.56 34.35
C HIS B 266 -5.06 2.61 35.13
N THR B 267 -6.38 2.44 35.10
CA THR B 267 -7.37 3.17 35.91
C THR B 267 -8.23 2.12 36.63
N HIS B 268 -8.48 2.29 37.92
CA HIS B 268 -9.46 1.48 38.66
C HIS B 268 -10.81 2.13 38.39
N ALA B 269 -11.50 1.66 37.36
CA ALA B 269 -12.73 2.29 36.84
C ALA B 269 -13.88 1.30 36.83
N HIS B 270 -15.07 1.81 37.14
CA HIS B 270 -16.36 1.15 36.86
C HIS B 270 -17.08 1.98 35.79
N PHE B 271 -17.42 1.35 34.67
CA PHE B 271 -18.05 1.99 33.49
C PHE B 271 -19.57 1.91 33.64
N VAL B 272 -20.24 3.06 33.58
CA VAL B 272 -21.70 3.21 33.81
C VAL B 272 -22.37 3.47 32.46
N ALA B 273 -23.51 2.82 32.22
CA ALA B 273 -24.39 3.10 31.07
C ALA B 273 -25.04 4.47 31.30
N GLY B 274 -24.92 5.38 30.34
CA GLY B 274 -25.42 6.76 30.46
C GLY B 274 -24.54 7.61 31.38
N ASP B 275 -25.17 8.57 32.05
CA ASP B 275 -24.53 9.75 32.70
C ASP B 275 -24.16 9.40 34.15
N VAL B 276 -23.00 9.87 34.60
CA VAL B 276 -22.56 9.78 36.01
C VAL B 276 -22.84 11.14 36.66
N ASP B 277 -23.51 11.12 37.82
CA ASP B 277 -23.58 12.25 38.79
C ASP B 277 -22.26 12.32 39.58
N HIS B 278 -21.34 13.17 39.12
CA HIS B 278 -20.02 13.43 39.77
C HIS B 278 -20.20 14.26 41.04
N LEU B 279 -21.29 15.01 41.18
CA LEU B 279 -21.51 15.94 42.32
C LEU B 279 -22.13 15.21 43.54
N THR B 280 -23.05 14.26 43.35
CA THR B 280 -23.78 13.60 44.48
C THR B 280 -23.67 12.06 44.44
N GLY B 281 -23.13 11.45 43.37
CA GLY B 281 -23.06 9.98 43.21
C GLY B 281 -24.43 9.31 43.28
N ASP B 282 -25.50 9.99 42.84
CA ASP B 282 -26.92 9.56 42.99
C ASP B 282 -27.53 8.93 41.72
N HIS B 283 -26.76 8.78 40.65
CA HIS B 283 -27.13 7.94 39.47
C HIS B 283 -27.58 6.56 39.95
N PRO B 284 -28.59 5.94 39.30
CA PRO B 284 -29.06 4.61 39.71
C PRO B 284 -27.93 3.64 39.32
N PHE B 285 -27.82 2.49 40.00
CA PHE B 285 -26.78 1.45 39.76
C PHE B 285 -25.39 2.08 39.96
N ALA B 286 -25.28 2.99 40.96
CA ALA B 286 -24.01 3.48 41.56
C ALA B 286 -23.30 2.31 42.24
N VAL B 287 -22.03 2.49 42.65
CA VAL B 287 -21.19 1.46 43.34
C VAL B 287 -21.13 0.20 42.45
N ALA C 3 7.55 21.72 -6.46
CA ALA C 3 8.94 22.28 -6.37
C ALA C 3 8.89 23.80 -6.05
N MET C 4 7.92 24.54 -6.61
CA MET C 4 7.73 26.00 -6.33
C MET C 4 6.53 26.21 -5.39
N ALA C 5 5.89 25.12 -4.93
CA ALA C 5 4.77 25.07 -3.95
C ALA C 5 5.14 25.71 -2.60
N LEU C 6 4.24 26.51 -2.01
CA LEU C 6 4.53 27.34 -0.80
C LEU C 6 4.31 26.55 0.49
N ALA C 7 5.14 26.81 1.52
CA ALA C 7 5.14 26.06 2.80
C ALA C 7 4.55 26.94 3.92
N ALA C 8 4.35 28.23 3.67
CA ALA C 8 3.76 29.19 4.63
C ALA C 8 3.15 30.36 3.86
N PRO C 9 2.37 31.24 4.53
CA PRO C 9 1.92 32.47 3.90
C PRO C 9 3.13 33.26 3.44
N PRO C 10 3.12 33.84 2.22
CA PRO C 10 4.25 34.63 1.75
C PRO C 10 4.51 35.85 2.65
N GLY C 11 5.80 36.11 2.95
CA GLY C 11 6.24 37.25 3.78
C GLY C 11 5.60 38.56 3.35
N GLU C 12 5.49 38.79 2.04
CA GLU C 12 5.00 40.09 1.50
C GLU C 12 3.51 40.27 1.80
N LEU C 13 2.75 39.25 2.19
CA LEU C 13 1.29 39.37 2.48
C LEU C 13 1.00 39.21 3.97
N THR C 14 2.02 38.95 4.78
CA THR C 14 1.85 38.42 6.16
C THR C 14 2.28 39.48 7.19
N LEU C 15 1.47 39.61 8.25
CA LEU C 15 1.84 40.33 9.49
C LEU C 15 1.63 39.37 10.65
N ALA C 16 2.69 39.10 11.42
CA ALA C 16 2.70 38.09 12.51
C ALA C 16 2.40 38.80 13.82
N LEU C 17 1.32 38.41 14.52
CA LEU C 17 0.87 39.05 15.76
C LEU C 17 0.68 37.99 16.83
N THR C 18 0.40 38.40 18.07
CA THR C 18 -0.05 37.51 19.17
C THR C 18 -1.52 37.85 19.42
N PRO C 19 -2.30 36.97 20.07
CA PRO C 19 -3.69 37.29 20.41
C PRO C 19 -3.84 38.47 21.38
N ASP C 20 -2.77 38.78 22.12
CA ASP C 20 -2.69 39.90 23.10
C ASP C 20 -2.61 41.24 22.39
N ASP C 21 -2.12 41.29 21.14
CA ASP C 21 -2.13 42.53 20.31
C ASP C 21 -3.58 42.94 20.06
N LYS C 22 -3.97 44.13 20.55
CA LYS C 22 -5.34 44.69 20.45
C LYS C 22 -5.33 45.85 19.44
N THR C 23 -4.17 46.42 19.12
CA THR C 23 -4.04 47.41 18.02
C THR C 23 -2.67 47.26 17.38
N LEU C 24 -2.58 47.55 16.10
CA LEU C 24 -1.29 47.70 15.36
C LEU C 24 -0.74 49.09 15.67
N ASP C 25 0.57 49.19 15.90
CA ASP C 25 1.32 50.47 15.94
C ASP C 25 1.17 51.13 14.56
N PRO C 26 1.34 52.46 14.43
CA PRO C 26 1.14 53.14 13.15
C PRO C 26 1.86 52.53 11.92
N ALA C 27 3.10 52.08 12.08
CA ALA C 27 3.95 51.55 10.98
C ALA C 27 3.42 50.20 10.49
N SER C 28 2.94 49.35 11.41
CA SER C 28 2.28 48.05 11.12
C SER C 28 0.96 48.29 10.38
N LEU C 29 0.16 49.25 10.85
CA LEU C 29 -1.14 49.58 10.20
C LEU C 29 -0.87 50.09 8.78
N ASP C 30 0.15 50.93 8.58
CA ASP C 30 0.53 51.48 7.25
C ASP C 30 0.87 50.31 6.31
N ARG C 31 1.64 49.33 6.80
CA ARG C 31 2.07 48.15 6.02
C ARG C 31 0.84 47.29 5.67
N ALA C 32 -0.05 47.04 6.64
CA ALA C 32 -1.30 46.30 6.42
C ALA C 32 -2.10 46.92 5.27
N LEU C 33 -2.27 48.23 5.29
CA LEU C 33 -3.05 48.99 4.27
C LEU C 33 -2.34 48.95 2.91
N ALA C 34 -1.00 49.03 2.89
CA ALA C 34 -0.22 48.97 1.63
C ALA C 34 -0.37 47.59 0.99
N ILE C 35 -0.41 46.53 1.82
CA ILE C 35 -0.60 45.13 1.34
C ILE C 35 -2.00 45.00 0.75
N LEU C 36 -3.04 45.44 1.46
CA LEU C 36 -4.46 45.37 0.95
C LEU C 36 -4.61 46.18 -0.33
N ALA C 37 -3.99 47.36 -0.44
CA ALA C 37 -4.10 48.22 -1.65
C ALA C 37 -3.41 47.52 -2.83
N GLU C 38 -2.20 47.02 -2.64
CA GLU C 38 -1.40 46.45 -3.76
C GLU C 38 -1.90 45.03 -4.10
N HIS C 39 -2.02 44.15 -3.11
CA HIS C 39 -2.25 42.69 -3.32
C HIS C 39 -3.72 42.31 -3.12
N GLY C 40 -4.47 43.06 -2.32
CA GLY C 40 -5.88 42.78 -2.05
C GLY C 40 -6.07 41.66 -1.05
N ILE C 41 -4.99 41.20 -0.41
CA ILE C 41 -5.08 40.09 0.58
C ILE C 41 -3.95 40.26 1.59
N LEU C 42 -4.33 40.12 2.86
CA LEU C 42 -3.46 40.31 4.04
C LEU C 42 -3.68 39.11 4.96
N VAL C 43 -2.59 38.43 5.35
CA VAL C 43 -2.68 37.29 6.29
C VAL C 43 -2.15 37.73 7.64
N LEU C 44 -2.97 37.63 8.68
CA LEU C 44 -2.57 37.94 10.07
C LEU C 44 -2.43 36.62 10.82
N THR C 45 -1.20 36.22 11.14
CA THR C 45 -0.94 34.98 11.91
C THR C 45 -0.97 35.33 13.40
N GLY C 46 -1.28 34.31 14.22
CA GLY C 46 -1.29 34.37 15.69
C GLY C 46 -2.34 35.32 16.25
N MET C 47 -3.55 35.36 15.68
CA MET C 47 -4.61 36.31 16.11
C MET C 47 -5.57 35.68 17.13
N LEU C 48 -5.96 34.43 16.94
CA LEU C 48 -7.06 33.83 17.72
C LEU C 48 -6.53 32.71 18.59
N ARG C 49 -7.01 32.66 19.83
CA ARG C 49 -6.64 31.63 20.82
C ARG C 49 -7.28 30.31 20.39
N THR C 50 -6.59 29.23 20.73
CA THR C 50 -7.00 27.83 20.40
C THR C 50 -8.38 27.55 21.01
N ARG C 51 -8.66 28.11 22.18
CA ARG C 51 -9.93 27.89 22.91
C ARG C 51 -11.12 28.28 22.02
N LEU C 52 -11.00 29.36 21.22
CA LEU C 52 -12.12 29.83 20.38
C LEU C 52 -12.19 28.95 19.13
N THR C 53 -11.08 28.78 18.42
CA THR C 53 -11.05 28.00 17.16
C THR C 53 -11.45 26.55 17.45
N ASP C 54 -11.04 25.97 18.58
CA ASP C 54 -11.43 24.58 18.95
C ASP C 54 -12.95 24.50 19.07
N GLN C 55 -13.58 25.43 19.78
CA GLN C 55 -15.04 25.36 20.07
C GLN C 55 -15.81 25.53 18.76
N LEU C 56 -15.33 26.38 17.84
CA LEU C 56 -16.04 26.65 16.56
C LEU C 56 -15.86 25.46 15.63
N ARG C 57 -14.63 24.95 15.52
CA ARG C 57 -14.37 23.72 14.74
C ARG C 57 -15.29 22.61 15.22
N THR C 58 -15.31 22.32 16.52
CA THR C 58 -16.10 21.22 17.12
C THR C 58 -17.57 21.41 16.73
N ALA C 59 -18.10 22.63 16.92
CA ALA C 59 -19.54 22.92 16.71
C ALA C 59 -19.90 22.71 15.24
N MET C 60 -19.03 23.08 14.30
CA MET C 60 -19.29 22.94 12.85
C MET C 60 -19.19 21.47 12.41
N LEU C 61 -18.18 20.72 12.85
CA LEU C 61 -18.10 19.24 12.57
C LEU C 61 -19.31 18.54 13.21
N ASP C 62 -19.80 18.97 14.37
CA ASP C 62 -21.00 18.37 15.02
C ASP C 62 -22.27 18.66 14.20
N ASP C 63 -22.33 19.81 13.51
CA ASP C 63 -23.53 20.21 12.73
C ASP C 63 -23.55 19.57 11.34
N LEU C 64 -22.38 19.17 10.82
CA LEU C 64 -22.24 18.72 9.42
C LEU C 64 -23.21 17.58 9.11
N PRO C 65 -23.37 16.55 9.97
CA PRO C 65 -24.34 15.48 9.68
C PRO C 65 -25.76 15.98 9.40
N GLU C 66 -26.25 16.96 10.16
CA GLU C 66 -27.60 17.56 9.92
C GLU C 66 -27.62 18.25 8.54
N VAL C 67 -26.55 18.92 8.14
CA VAL C 67 -26.44 19.56 6.80
C VAL C 67 -26.51 18.47 5.70
N LEU C 68 -25.81 17.35 5.85
CA LEU C 68 -25.72 16.31 4.81
C LEU C 68 -27.05 15.53 4.69
N ARG C 69 -27.88 15.57 5.73
CA ARG C 69 -29.21 14.90 5.77
C ARG C 69 -30.26 15.61 4.92
N GLN C 70 -30.08 16.91 4.64
CA GLN C 70 -31.04 17.74 3.85
C GLN C 70 -31.27 17.09 2.48
N GLN C 71 -32.45 17.30 1.90
CA GLN C 71 -32.88 16.62 0.63
C GLN C 71 -31.95 17.06 -0.49
N ASP C 72 -31.77 18.38 -0.63
CA ASP C 72 -30.75 19.02 -1.50
C ASP C 72 -29.71 19.67 -0.58
N VAL C 73 -28.46 19.21 -0.61
CA VAL C 73 -27.37 19.79 0.23
C VAL C 73 -26.86 21.04 -0.47
N PRO C 74 -26.96 22.22 0.18
CA PRO C 74 -26.61 23.49 -0.46
C PRO C 74 -25.10 23.58 -0.64
N THR C 75 -24.66 23.89 -1.87
CA THR C 75 -23.24 23.90 -2.26
C THR C 75 -22.92 25.21 -2.98
N ASN C 76 -21.66 25.58 -2.96
CA ASN C 76 -21.13 26.75 -3.68
C ASN C 76 -20.50 26.23 -4.97
N PHE C 77 -21.25 26.32 -6.06
CA PHE C 77 -20.84 26.09 -7.46
C PHE C 77 -20.73 24.61 -7.79
N VAL C 78 -20.00 23.82 -7.01
CA VAL C 78 -19.64 22.41 -7.38
C VAL C 78 -19.67 21.50 -6.17
N PRO C 79 -19.80 20.17 -6.37
CA PRO C 79 -19.88 19.22 -5.27
C PRO C 79 -18.71 19.31 -4.26
N GLY C 80 -19.05 19.19 -2.98
CA GLY C 80 -18.08 19.08 -1.90
C GLY C 80 -17.85 20.42 -1.21
N HIS C 81 -18.24 21.52 -1.82
CA HIS C 81 -18.11 22.89 -1.24
C HIS C 81 -19.45 23.23 -0.61
N VAL C 82 -19.63 22.84 0.65
CA VAL C 82 -20.95 22.88 1.32
C VAL C 82 -21.09 24.24 1.99
N GLN C 83 -22.29 24.80 1.90
CA GLN C 83 -22.67 26.05 2.63
C GLN C 83 -23.09 25.65 4.05
N GLN C 84 -22.37 26.15 5.04
CA GLN C 84 -22.70 25.84 6.46
C GLN C 84 -22.41 27.07 7.32
N ASP C 85 -23.47 27.63 7.89
CA ASP C 85 -23.35 28.79 8.80
C ASP C 85 -22.91 28.23 10.15
N PRO C 86 -21.97 28.91 10.84
CA PRO C 86 -21.61 28.52 12.18
C PRO C 86 -22.78 28.85 13.10
N PRO C 87 -22.85 28.23 14.30
CA PRO C 87 -23.95 28.47 15.21
C PRO C 87 -23.98 29.93 15.69
N VAL C 88 -25.17 30.44 15.97
CA VAL C 88 -25.36 31.78 16.61
C VAL C 88 -26.08 31.55 17.96
N ARG C 89 -25.70 30.48 18.66
CA ARG C 89 -25.96 30.31 20.11
C ARG C 89 -25.05 31.28 20.87
N GLU C 90 -25.56 31.87 21.95
CA GLU C 90 -24.80 32.77 22.86
C GLU C 90 -23.42 32.16 23.18
N SER C 91 -23.36 30.85 23.49
CA SER C 91 -22.14 30.17 23.99
C SER C 91 -21.03 30.10 22.91
N LEU C 92 -21.35 30.31 21.62
CA LEU C 92 -20.36 30.20 20.52
C LEU C 92 -20.21 31.53 19.77
N LEU C 93 -20.73 32.62 20.33
CA LEU C 93 -20.51 33.98 19.77
C LEU C 93 -19.47 34.69 20.62
N PHE C 94 -18.30 34.94 20.05
CA PHE C 94 -17.08 35.36 20.78
C PHE C 94 -16.67 36.76 20.31
N PRO C 95 -16.59 37.74 21.24
CA PRO C 95 -16.17 39.09 20.88
C PRO C 95 -14.84 39.14 20.08
N ASP C 96 -13.90 38.25 20.34
CA ASP C 96 -12.57 38.31 19.65
C ASP C 96 -12.71 37.79 18.22
N VAL C 97 -13.81 37.10 17.89
CA VAL C 97 -14.12 36.67 16.50
C VAL C 97 -15.03 37.71 15.83
N LEU C 98 -16.21 38.00 16.39
CA LEU C 98 -17.18 38.93 15.75
C LEU C 98 -16.66 40.36 15.76
N LEU C 99 -16.01 40.79 16.85
CA LEU C 99 -15.64 42.21 17.12
C LEU C 99 -14.13 42.31 17.37
N ASN C 100 -13.34 41.69 16.51
CA ASN C 100 -11.87 41.62 16.74
C ASN C 100 -11.30 43.03 16.62
N PRO C 101 -10.56 43.52 17.64
CA PRO C 101 -10.10 44.90 17.63
C PRO C 101 -9.10 45.21 16.50
N VAL C 102 -8.24 44.25 16.14
CA VAL C 102 -7.25 44.45 15.05
C VAL C 102 -7.97 44.43 13.70
N VAL C 103 -8.90 43.51 13.51
CA VAL C 103 -9.70 43.41 12.25
C VAL C 103 -10.38 44.76 12.01
N TYR C 104 -11.11 45.27 12.99
CA TYR C 104 -11.88 46.54 12.86
C TYR C 104 -10.94 47.75 12.75
N GLN C 105 -9.78 47.74 13.39
CA GLN C 105 -8.79 48.82 13.20
C GLN C 105 -8.42 48.90 11.71
N ILE C 106 -8.25 47.74 11.06
CA ILE C 106 -7.87 47.69 9.62
C ILE C 106 -9.06 48.11 8.75
N THR C 107 -10.25 47.54 9.00
CA THR C 107 -11.44 47.83 8.15
C THR C 107 -11.86 49.29 8.38
N HIS C 108 -11.73 49.84 9.58
CA HIS C 108 -12.02 51.29 9.83
C HIS C 108 -11.10 52.14 8.95
N ALA C 109 -9.83 51.79 8.85
CA ALA C 109 -8.81 52.58 8.13
C ALA C 109 -9.07 52.50 6.62
N VAL C 110 -9.57 51.37 6.10
CA VAL C 110 -9.86 51.21 4.65
C VAL C 110 -11.26 51.73 4.30
N LEU C 111 -12.29 51.35 5.05
CA LEU C 111 -13.72 51.57 4.66
C LEU C 111 -14.33 52.77 5.40
N GLY C 112 -13.74 53.20 6.52
CA GLY C 112 -14.28 54.28 7.37
C GLY C 112 -14.88 53.74 8.66
N ALA C 113 -15.10 54.64 9.63
CA ALA C 113 -15.44 54.33 11.03
C ALA C 113 -16.84 53.71 11.11
N ASP C 114 -17.64 53.85 10.05
CA ASP C 114 -19.05 53.40 10.01
C ASP C 114 -19.14 52.02 9.32
N ALA C 115 -18.00 51.43 8.93
CA ALA C 115 -17.95 50.07 8.34
C ALA C 115 -18.60 49.08 9.30
N ARG C 116 -19.26 48.05 8.77
CA ARG C 116 -20.06 47.13 9.62
C ARG C 116 -19.97 45.71 9.07
N ASN C 117 -19.84 44.74 9.97
CA ASN C 117 -19.91 43.31 9.61
C ASN C 117 -21.37 43.00 9.29
N ALA C 118 -21.63 42.35 8.15
CA ALA C 118 -22.99 41.95 7.70
C ALA C 118 -23.03 40.47 7.27
N VAL C 119 -21.98 39.72 7.54
CA VAL C 119 -21.93 38.28 7.14
C VAL C 119 -21.37 37.45 8.30
N TYR C 120 -22.05 36.36 8.62
CA TYR C 120 -21.55 35.33 9.58
C TYR C 120 -21.88 33.97 8.98
N SER C 121 -21.01 33.51 8.09
CA SER C 121 -21.26 32.33 7.23
C SER C 121 -20.07 31.36 7.36
N GLY C 122 -20.16 30.22 6.67
CA GLY C 122 -19.08 29.23 6.69
C GLY C 122 -19.08 28.36 5.44
N ASN C 123 -17.93 27.74 5.20
CA ASN C 123 -17.62 26.90 4.03
C ASN C 123 -17.05 25.60 4.58
N MET C 124 -17.75 24.49 4.39
CA MET C 124 -17.27 23.15 4.77
C MET C 124 -16.79 22.45 3.48
N ASN C 125 -15.49 22.33 3.30
CA ASN C 125 -14.86 21.71 2.11
C ASN C 125 -14.67 20.21 2.41
N LEU C 126 -15.50 19.35 1.83
CA LEU C 126 -15.51 17.89 2.14
C LEU C 126 -14.39 17.17 1.39
N PRO C 127 -13.85 16.08 1.97
CA PRO C 127 -12.96 15.18 1.23
C PRO C 127 -13.53 14.81 -0.14
N GLY C 128 -12.71 14.94 -1.19
CA GLY C 128 -13.06 14.55 -2.57
C GLY C 128 -13.80 15.66 -3.30
N SER C 129 -13.85 16.86 -2.76
CA SER C 129 -14.58 18.01 -3.36
C SER C 129 -13.97 18.37 -4.73
N HIS C 130 -14.72 19.09 -5.54
CA HIS C 130 -14.32 19.52 -6.91
C HIS C 130 -13.66 20.91 -6.89
N GLU C 131 -13.21 21.37 -8.05
CA GLU C 131 -12.61 22.72 -8.24
C GLU C 131 -13.74 23.71 -8.48
N GLN C 132 -13.84 24.75 -7.68
CA GLN C 132 -14.79 25.88 -7.95
C GLN C 132 -14.25 26.70 -9.09
N PRO C 133 -15.11 27.40 -9.85
CA PRO C 133 -14.63 28.39 -10.81
C PRO C 133 -14.07 29.61 -10.05
N VAL C 134 -13.05 30.23 -10.63
CA VAL C 134 -12.52 31.50 -10.11
C VAL C 134 -13.64 32.55 -10.18
N HIS C 135 -13.89 33.22 -9.05
CA HIS C 135 -15.02 34.17 -8.93
C HIS C 135 -14.63 35.27 -7.95
N LEU C 136 -15.45 36.29 -7.84
CA LEU C 136 -15.36 37.26 -6.71
C LEU C 136 -16.62 37.09 -5.88
N ASP C 137 -16.50 37.23 -4.57
CA ASP C 137 -17.65 37.09 -3.65
C ASP C 137 -18.54 38.32 -3.80
N GLU C 138 -17.94 39.48 -3.98
CA GLU C 138 -18.68 40.76 -4.05
C GLU C 138 -18.19 41.50 -5.29
N PRO C 139 -19.10 41.95 -6.17
CA PRO C 139 -18.68 42.55 -7.44
C PRO C 139 -18.23 44.01 -7.34
N HIS C 140 -17.58 44.48 -8.39
CA HIS C 140 -17.42 45.94 -8.67
C HIS C 140 -18.81 46.49 -8.89
N LEU C 141 -19.02 47.75 -8.49
CA LEU C 141 -20.36 48.35 -8.37
C LEU C 141 -20.93 48.73 -9.75
N TRP C 142 -20.04 49.02 -10.70
CA TRP C 142 -20.37 49.24 -12.14
C TRP C 142 -19.25 48.62 -12.98
N PRO C 143 -19.58 48.09 -14.17
CA PRO C 143 -18.55 47.61 -15.09
C PRO C 143 -17.69 48.75 -15.67
N GLY C 144 -16.40 48.50 -15.83
CA GLY C 144 -15.45 49.39 -16.54
C GLY C 144 -15.04 50.59 -15.71
N ILE C 145 -15.20 50.52 -14.37
CA ILE C 145 -14.92 51.65 -13.45
C ILE C 145 -13.88 51.18 -12.42
N SER C 146 -12.85 51.98 -12.19
CA SER C 146 -11.92 51.86 -11.04
C SER C 146 -12.52 52.61 -9.87
N HIS C 147 -12.77 51.92 -8.77
CA HIS C 147 -13.21 52.54 -7.51
C HIS C 147 -12.50 51.82 -6.39
N PRO C 148 -12.32 52.49 -5.23
CA PRO C 148 -11.74 51.85 -4.06
C PRO C 148 -12.65 50.74 -3.52
N PRO C 149 -12.15 49.95 -2.54
CA PRO C 149 -12.92 48.91 -1.90
C PRO C 149 -14.20 49.45 -1.27
N TYR C 150 -15.26 48.64 -1.20
CA TYR C 150 -16.45 48.91 -0.34
C TYR C 150 -16.68 47.74 0.62
N CYS C 151 -15.88 46.69 0.54
CA CYS C 151 -16.02 45.55 1.48
C CYS C 151 -14.72 44.77 1.61
N LEU C 152 -14.52 44.22 2.80
CA LEU C 152 -13.36 43.38 3.15
C LEU C 152 -13.89 42.07 3.74
N CYS C 153 -13.57 40.96 3.09
CA CYS C 153 -13.88 39.60 3.59
C CYS C 153 -12.86 39.28 4.66
N VAL C 154 -13.34 38.67 5.74
CA VAL C 154 -12.51 38.22 6.88
C VAL C 154 -12.72 36.71 6.98
N ASP C 155 -11.71 35.94 6.60
CA ASP C 155 -11.74 34.46 6.53
C ASP C 155 -11.00 33.92 7.76
N VAL C 156 -11.65 33.01 8.50
CA VAL C 156 -11.08 32.41 9.73
C VAL C 156 -11.03 30.90 9.56
N PRO C 157 -9.87 30.32 9.20
CA PRO C 157 -9.77 28.87 9.12
C PRO C 157 -9.95 28.27 10.52
N LEU C 158 -10.66 27.15 10.62
CA LEU C 158 -10.95 26.50 11.94
C LEU C 158 -10.15 25.20 12.09
N ILE C 159 -9.33 24.83 11.11
CA ILE C 159 -8.19 23.88 11.26
C ILE C 159 -7.00 24.47 10.51
N ASP C 160 -5.82 23.88 10.65
CA ASP C 160 -4.66 24.26 9.80
C ASP C 160 -5.07 23.98 8.34
N PHE C 161 -5.03 24.98 7.48
CA PHE C 161 -5.26 24.85 6.03
C PHE C 161 -3.94 24.43 5.40
N THR C 162 -3.97 23.41 4.56
CA THR C 162 -2.77 22.90 3.84
C THR C 162 -3.08 22.93 2.34
N LEU C 163 -2.06 22.76 1.49
CA LEU C 163 -2.25 22.54 0.03
C LEU C 163 -3.11 21.29 -0.17
N GLU C 164 -3.02 20.30 0.74
CA GLU C 164 -3.69 18.99 0.62
C GLU C 164 -5.18 19.14 0.98
N ASN C 165 -5.56 19.89 2.03
CA ASN C 165 -6.94 19.83 2.58
C ASN C 165 -7.79 21.02 2.10
N GLY C 166 -7.30 21.78 1.12
CA GLY C 166 -8.12 22.73 0.35
C GLY C 166 -7.95 24.18 0.76
N SER C 167 -6.74 24.58 1.12
CA SER C 167 -6.42 26.02 1.29
C SER C 167 -6.88 26.74 0.02
N THR C 168 -7.63 27.83 0.19
CA THR C 168 -8.25 28.63 -0.90
C THR C 168 -7.18 29.19 -1.84
N GLU C 169 -7.45 29.19 -3.13
CA GLU C 169 -6.59 29.82 -4.15
C GLU C 169 -6.96 31.28 -4.25
N TYR C 170 -5.97 32.17 -4.16
CA TYR C 170 -6.15 33.64 -4.20
C TYR C 170 -5.35 34.21 -5.37
N TRP C 171 -5.89 35.20 -6.07
CA TRP C 171 -5.22 35.87 -7.22
C TRP C 171 -4.76 37.28 -6.79
N PRO C 172 -3.52 37.44 -6.31
CA PRO C 172 -3.07 38.73 -5.79
C PRO C 172 -3.19 39.81 -6.88
N GLY C 173 -3.66 41.00 -6.48
CA GLY C 173 -3.74 42.20 -7.34
C GLY C 173 -5.00 42.20 -8.19
N SER C 174 -5.84 41.15 -8.11
CA SER C 174 -7.00 40.96 -9.02
C SER C 174 -8.14 41.89 -8.60
N HIS C 175 -8.11 42.41 -7.38
CA HIS C 175 -9.22 43.21 -6.79
C HIS C 175 -9.44 44.52 -7.55
N VAL C 176 -8.46 45.01 -8.31
CA VAL C 176 -8.59 46.31 -9.03
C VAL C 176 -8.96 46.07 -10.50
N LEU C 177 -9.07 44.83 -10.95
CA LEU C 177 -9.35 44.53 -12.39
C LEU C 177 -10.85 44.64 -12.63
N ASN C 178 -11.25 45.54 -13.51
CA ASN C 178 -12.67 45.75 -13.84
C ASN C 178 -12.77 46.35 -15.23
N PRO C 179 -12.25 45.67 -16.28
CA PRO C 179 -12.57 46.10 -17.64
C PRO C 179 -14.01 45.67 -18.01
N ASP C 180 -14.59 46.27 -19.04
CA ASP C 180 -15.85 45.82 -19.69
C ASP C 180 -15.74 44.32 -20.05
N GLU C 181 -16.82 43.55 -19.87
CA GLU C 181 -16.88 42.09 -20.15
C GLU C 181 -15.71 41.39 -19.44
N CYS C 182 -15.69 41.48 -18.12
CA CYS C 182 -14.73 40.73 -17.27
C CYS C 182 -15.44 39.65 -16.44
N TYR C 183 -16.71 39.83 -16.07
CA TYR C 183 -17.46 38.95 -15.14
C TYR C 183 -18.82 38.57 -15.72
N ASP C 184 -19.34 37.38 -15.38
CA ASP C 184 -20.70 36.90 -15.74
C ASP C 184 -21.64 37.26 -14.59
N GLU C 185 -22.93 36.94 -14.73
CA GLU C 185 -23.98 37.29 -13.74
C GLU C 185 -23.70 36.64 -12.38
N ARG C 186 -22.95 35.52 -12.33
CA ARG C 186 -22.72 34.77 -11.06
C ARG C 186 -21.47 35.30 -10.32
N GLY C 187 -20.75 36.29 -10.86
CA GLY C 187 -19.46 36.73 -10.30
C GLY C 187 -18.29 35.84 -10.67
N CYS C 188 -18.44 34.95 -11.68
CA CYS C 188 -17.31 34.17 -12.22
C CYS C 188 -16.50 34.99 -13.22
N VAL C 189 -15.18 34.85 -13.19
CA VAL C 189 -14.28 35.58 -14.11
C VAL C 189 -14.37 34.94 -15.50
N LEU C 190 -14.49 35.73 -16.54
CA LEU C 190 -14.61 35.24 -17.94
C LEU C 190 -13.29 34.58 -18.34
N PRO C 191 -13.35 33.44 -19.06
CA PRO C 191 -12.19 32.59 -19.25
C PRO C 191 -10.98 33.29 -19.86
N ALA C 192 -11.19 34.12 -20.88
CA ALA C 192 -10.11 34.81 -21.59
C ALA C 192 -9.38 35.72 -20.61
N GLU C 193 -10.10 36.48 -19.76
CA GLU C 193 -9.48 37.43 -18.80
C GLU C 193 -8.67 36.67 -17.72
N LEU C 194 -9.17 35.51 -17.29
CA LEU C 194 -8.48 34.69 -16.26
C LEU C 194 -7.11 34.27 -16.80
N GLU C 195 -7.09 33.76 -18.03
CA GLU C 195 -5.86 33.19 -18.64
C GLU C 195 -4.89 34.32 -18.93
N ARG C 196 -5.36 35.48 -19.41
CA ARG C 196 -4.49 36.68 -19.61
C ARG C 196 -3.85 37.04 -18.29
N ARG C 197 -4.61 37.05 -17.20
CA ARG C 197 -4.13 37.46 -15.87
C ARG C 197 -3.12 36.43 -15.38
N ARG C 198 -3.39 35.13 -15.57
CA ARG C 198 -2.51 34.04 -15.10
C ARG C 198 -1.07 34.30 -15.57
N ALA C 199 -0.90 34.77 -16.80
CA ALA C 199 0.41 34.96 -17.47
C ALA C 199 1.18 36.15 -16.87
N VAL C 200 0.48 37.10 -16.23
CA VAL C 200 1.06 38.38 -15.70
C VAL C 200 1.28 38.24 -14.19
N ALA C 201 0.31 37.66 -13.47
CA ALA C 201 0.30 37.56 -11.99
C ALA C 201 -0.45 36.29 -11.61
N PRO C 202 0.23 35.13 -11.62
CA PRO C 202 -0.41 33.86 -11.33
C PRO C 202 -0.95 33.81 -9.91
N PRO C 203 -1.95 32.94 -9.65
CA PRO C 203 -2.48 32.77 -8.31
C PRO C 203 -1.48 32.09 -7.37
N VAL C 204 -1.75 32.22 -6.09
CA VAL C 204 -0.95 31.63 -5.00
C VAL C 204 -1.91 30.79 -4.17
N ARG C 205 -1.36 29.73 -3.60
CA ARG C 205 -2.07 28.87 -2.63
C ARG C 205 -1.05 28.55 -1.55
N PHE C 206 -1.44 28.72 -0.29
CA PHE C 206 -0.46 28.53 0.79
C PHE C 206 -1.16 27.97 2.00
N PRO C 207 -0.40 27.26 2.85
CA PRO C 207 -0.87 26.84 4.17
C PRO C 207 -1.18 28.08 5.00
N ILE C 208 -2.21 27.95 5.82
CA ILE C 208 -2.63 28.98 6.82
C ILE C 208 -2.89 28.25 8.12
N PRO C 209 -2.04 28.45 9.15
CA PRO C 209 -2.23 27.77 10.43
C PRO C 209 -3.50 28.31 11.10
N VAL C 210 -4.26 27.44 11.76
CA VAL C 210 -5.45 27.83 12.55
C VAL C 210 -4.99 28.87 13.57
N GLY C 211 -5.84 29.86 13.84
CA GLY C 211 -5.44 31.04 14.64
C GLY C 211 -5.13 32.24 13.76
N SER C 212 -4.92 32.01 12.47
CA SER C 212 -4.73 33.12 11.50
C SER C 212 -6.09 33.70 11.10
N VAL C 213 -6.08 34.95 10.66
CA VAL C 213 -7.25 35.61 10.01
C VAL C 213 -6.75 36.16 8.67
N VAL C 214 -7.48 35.90 7.59
CA VAL C 214 -7.18 36.50 6.27
C VAL C 214 -8.15 37.66 6.03
N ILE C 215 -7.64 38.84 5.72
CA ILE C 215 -8.49 39.99 5.32
C ILE C 215 -8.20 40.24 3.85
N ARG C 216 -9.23 40.29 3.03
CA ARG C 216 -9.05 40.54 1.58
C ARG C 216 -10.17 41.42 1.04
N ASP C 217 -9.87 42.12 -0.04
CA ASP C 217 -10.88 42.84 -0.84
C ASP C 217 -11.98 41.85 -1.21
N GLY C 218 -13.25 42.19 -1.00
CA GLY C 218 -14.39 41.35 -1.40
C GLY C 218 -14.39 41.05 -2.89
N ARG C 219 -13.64 41.85 -3.68
CA ARG C 219 -13.56 41.71 -5.15
C ARG C 219 -12.36 40.85 -5.58
N LEU C 220 -11.59 40.30 -4.64
CA LEU C 220 -10.41 39.47 -5.01
C LEU C 220 -10.89 38.21 -5.73
N TRP C 221 -10.26 37.91 -6.88
CA TRP C 221 -10.52 36.62 -7.56
C TRP C 221 -9.98 35.49 -6.67
N HIS C 222 -10.74 34.42 -6.48
CA HIS C 222 -10.32 33.26 -5.67
C HIS C 222 -11.15 32.05 -6.06
N ARG C 223 -10.80 30.88 -5.55
CA ARG C 223 -11.63 29.66 -5.73
C ARG C 223 -11.33 28.65 -4.62
N GLY C 224 -12.37 27.98 -4.17
CA GLY C 224 -12.20 26.73 -3.42
C GLY C 224 -11.63 25.66 -4.34
N VAL C 225 -10.78 24.80 -3.78
CA VAL C 225 -10.12 23.70 -4.54
C VAL C 225 -10.35 22.39 -3.80
N PRO C 226 -10.02 21.25 -4.43
CA PRO C 226 -10.25 19.93 -3.83
C PRO C 226 -9.56 19.82 -2.47
N ASN C 227 -10.31 19.28 -1.52
CA ASN C 227 -9.82 18.74 -0.23
C ASN C 227 -9.47 17.28 -0.50
N LEU C 228 -8.17 16.99 -0.55
CA LEU C 228 -7.63 15.63 -0.81
C LEU C 228 -7.21 14.98 0.50
N SER C 229 -7.68 15.46 1.64
CA SER C 229 -7.42 14.85 2.98
C SER C 229 -8.60 13.97 3.36
N ALA C 230 -8.53 13.32 4.52
CA ALA C 230 -9.57 12.39 5.02
C ALA C 230 -10.58 13.12 5.91
N ALA C 231 -10.44 14.44 6.08
CA ALA C 231 -11.25 15.19 7.06
C ALA C 231 -11.84 16.45 6.43
N PRO C 232 -13.09 16.79 6.79
CA PRO C 232 -13.70 18.03 6.37
C PRO C 232 -12.88 19.24 6.82
N ARG C 233 -12.85 20.28 6.00
CA ARG C 233 -12.04 21.50 6.25
C ARG C 233 -13.00 22.66 6.50
N PRO C 234 -13.32 23.02 7.77
CA PRO C 234 -14.23 24.13 8.05
C PRO C 234 -13.54 25.50 7.99
N LEU C 235 -14.25 26.47 7.42
CA LEU C 235 -13.85 27.90 7.31
C LEU C 235 -15.02 28.75 7.81
N LEU C 236 -14.73 29.74 8.66
CA LEU C 236 -15.72 30.74 9.11
C LEU C 236 -15.48 32.03 8.33
N ALA C 237 -16.54 32.69 7.88
CA ALA C 237 -16.42 33.84 6.97
C ALA C 237 -17.26 35.00 7.49
N MET C 238 -16.66 36.18 7.53
CA MET C 238 -17.38 37.45 7.81
C MET C 238 -17.02 38.45 6.71
N THR C 239 -17.82 39.49 6.54
CA THR C 239 -17.55 40.55 5.53
C THR C 239 -17.99 41.90 6.09
N HIS C 240 -17.05 42.83 6.12
CA HIS C 240 -17.27 44.23 6.54
C HIS C 240 -17.58 45.05 5.29
N TYR C 241 -18.61 45.88 5.36
CA TYR C 241 -19.07 46.73 4.22
C TYR C 241 -19.08 48.18 4.66
N THR C 242 -18.83 49.10 3.73
CA THR C 242 -19.14 50.53 3.94
C THR C 242 -20.61 50.63 4.41
N GLU C 243 -20.87 51.65 5.20
CA GLU C 243 -22.17 51.98 5.84
C GLU C 243 -23.30 51.97 4.80
N TRP C 244 -23.02 52.42 3.57
CA TRP C 244 -24.06 52.75 2.57
C TRP C 244 -24.39 51.55 1.69
N PHE C 245 -23.73 50.39 1.86
CA PHE C 245 -24.03 49.18 1.04
C PHE C 245 -25.14 48.36 1.70
N ASP C 246 -26.25 48.16 0.99
CA ASP C 246 -27.46 47.45 1.50
C ASP C 246 -27.10 45.99 1.71
N MET C 247 -27.30 45.49 2.93
CA MET C 247 -27.16 44.05 3.25
C MET C 247 -28.31 43.63 4.15
N PRO C 248 -28.76 42.37 4.07
CA PRO C 248 -29.70 41.84 5.06
C PRO C 248 -28.95 41.75 6.38
N PRO C 249 -29.63 41.96 7.52
CA PRO C 249 -28.96 41.86 8.81
C PRO C 249 -28.65 40.40 9.13
N ILE C 250 -27.63 40.20 9.95
CA ILE C 250 -27.32 38.91 10.63
C ILE C 250 -28.36 38.72 11.74
N GLN C 251 -29.07 37.60 11.75
CA GLN C 251 -29.97 37.21 12.84
C GLN C 251 -29.11 36.73 14.02
N LEU C 252 -29.16 37.43 15.15
CA LEU C 252 -28.46 37.06 16.40
C LEU C 252 -29.50 36.97 17.52
N PRO C 253 -29.26 36.13 18.54
CA PRO C 253 -30.12 36.09 19.73
C PRO C 253 -29.95 37.39 20.54
N ASP C 254 -31.03 37.84 21.20
CA ASP C 254 -31.04 39.11 21.99
C ASP C 254 -30.11 38.98 23.21
N THR C 255 -29.74 37.74 23.57
CA THR C 255 -28.77 37.45 24.66
C THR C 255 -27.41 38.10 24.38
N VAL C 256 -27.05 38.43 23.13
CA VAL C 256 -25.73 39.07 22.83
C VAL C 256 -25.92 40.56 22.50
N LYS C 257 -27.15 41.07 22.56
CA LYS C 257 -27.41 42.49 22.22
C LYS C 257 -26.57 43.40 23.13
N SER C 258 -26.44 43.07 24.43
CA SER C 258 -25.73 43.90 25.44
C SER C 258 -24.33 44.29 24.90
N TRP C 259 -23.56 43.38 24.31
CA TRP C 259 -22.14 43.64 23.91
C TRP C 259 -22.00 43.87 22.41
N VAL C 260 -22.92 43.37 21.57
CA VAL C 260 -22.85 43.59 20.10
C VAL C 260 -23.33 45.00 19.76
N ASP C 261 -24.50 45.42 20.26
CA ASP C 261 -25.09 46.75 19.99
C ASP C 261 -24.34 47.81 20.81
N GLY C 262 -24.14 49.00 20.24
CA GLY C 262 -23.51 50.14 20.92
C GLY C 262 -22.00 49.96 21.12
N SER C 263 -21.42 48.91 20.55
CA SER C 263 -19.95 48.80 20.32
C SER C 263 -19.56 49.75 19.19
N ASP C 264 -18.33 50.31 19.24
CA ASP C 264 -17.74 51.16 18.18
C ASP C 264 -17.38 50.29 16.96
N ARG C 265 -17.45 48.96 17.10
CA ARG C 265 -17.25 47.97 16.02
C ARG C 265 -18.61 47.48 15.58
N HIS C 266 -19.09 48.02 14.46
CA HIS C 266 -20.52 47.92 14.08
C HIS C 266 -20.79 46.55 13.46
N THR C 267 -21.96 46.03 13.76
CA THR C 267 -22.54 44.81 13.14
C THR C 267 -23.93 45.17 12.64
N HIS C 268 -24.26 44.79 11.41
CA HIS C 268 -25.63 44.94 10.87
C HIS C 268 -26.41 43.73 11.38
N ALA C 269 -27.08 43.89 12.52
CA ALA C 269 -27.69 42.76 13.26
C ALA C 269 -29.17 43.03 13.51
N HIS C 270 -29.98 41.98 13.44
CA HIS C 270 -31.37 41.92 13.93
C HIS C 270 -31.40 40.95 15.11
N PHE C 271 -31.81 41.42 16.29
CA PHE C 271 -31.79 40.66 17.57
C PHE C 271 -33.14 39.97 17.74
N VAL C 272 -33.12 38.65 17.90
CA VAL C 272 -34.34 37.79 17.94
C VAL C 272 -34.52 37.29 19.39
N ALA C 273 -35.77 37.25 19.86
CA ALA C 273 -36.14 36.61 21.14
C ALA C 273 -35.96 35.09 21.00
N GLY C 274 -35.20 34.49 21.93
CA GLY C 274 -34.92 33.03 21.92
C GLY C 274 -33.89 32.66 20.87
N ASP C 275 -33.97 31.42 20.37
CA ASP C 275 -32.89 30.71 19.62
C ASP C 275 -33.04 30.97 18.12
N VAL C 276 -31.93 31.19 17.43
CA VAL C 276 -31.90 31.36 15.95
C VAL C 276 -31.42 30.04 15.34
N ASP C 277 -32.19 29.50 14.39
CA ASP C 277 -31.90 28.25 13.65
C ASP C 277 -30.96 28.58 12.48
N HIS C 278 -29.65 28.42 12.69
CA HIS C 278 -28.55 28.84 11.77
C HIS C 278 -28.48 27.91 10.55
N LEU C 279 -29.10 26.73 10.61
CA LEU C 279 -29.18 25.73 9.48
C LEU C 279 -30.52 25.88 8.77
N ASN D 2 -38.19 3.01 1.87
CA ASN D 2 -37.26 2.24 0.98
C ASN D 2 -36.86 0.89 1.62
N ALA D 3 -36.16 0.93 2.77
CA ALA D 3 -35.48 -0.20 3.43
C ALA D 3 -35.82 -0.25 4.94
N MET D 4 -35.90 -1.45 5.51
CA MET D 4 -36.13 -1.65 6.96
C MET D 4 -34.84 -1.31 7.69
N ALA D 5 -34.87 -0.26 8.54
CA ALA D 5 -33.78 0.13 9.46
C ALA D 5 -33.92 -0.69 10.75
N LEU D 6 -32.99 -1.64 10.98
CA LEU D 6 -32.88 -2.44 12.23
C LEU D 6 -31.86 -1.77 13.16
N ALA D 7 -31.81 -2.20 14.41
CA ALA D 7 -31.04 -1.60 15.54
C ALA D 7 -29.77 -2.40 15.86
N ALA D 8 -29.67 -3.62 15.31
CA ALA D 8 -28.55 -4.56 15.41
C ALA D 8 -28.70 -5.59 14.30
N PRO D 9 -27.66 -6.41 14.01
CA PRO D 9 -27.79 -7.46 13.01
C PRO D 9 -28.92 -8.40 13.38
N PRO D 10 -29.80 -8.78 12.44
CA PRO D 10 -30.92 -9.67 12.76
C PRO D 10 -30.45 -11.01 13.31
N GLY D 11 -31.10 -11.52 14.36
CA GLY D 11 -30.89 -12.87 14.91
C GLY D 11 -30.89 -13.92 13.81
N GLU D 12 -31.80 -13.80 12.83
CA GLU D 12 -31.98 -14.82 11.77
C GLU D 12 -30.75 -14.91 10.87
N LEU D 13 -29.88 -13.89 10.83
CA LEU D 13 -28.71 -13.86 9.93
C LEU D 13 -27.40 -13.97 10.70
N THR D 14 -27.44 -14.01 12.03
CA THR D 14 -26.25 -13.67 12.85
C THR D 14 -25.81 -14.86 13.70
N LEU D 15 -24.50 -15.13 13.74
CA LEU D 15 -23.87 -16.06 14.69
C LEU D 15 -22.76 -15.32 15.43
N ALA D 16 -22.73 -15.50 16.75
CA ALA D 16 -21.77 -14.85 17.68
C ALA D 16 -20.61 -15.81 17.91
N LEU D 17 -19.39 -15.34 17.68
CA LEU D 17 -18.15 -16.09 18.02
C LEU D 17 -17.28 -15.21 18.92
N THR D 18 -16.19 -15.76 19.44
CA THR D 18 -15.05 -15.01 20.04
C THR D 18 -13.88 -15.13 19.07
N PRO D 19 -12.89 -14.21 19.11
CA PRO D 19 -11.71 -14.32 18.24
C PRO D 19 -10.87 -15.58 18.51
N ASP D 20 -11.02 -16.19 19.69
CA ASP D 20 -10.33 -17.44 20.10
C ASP D 20 -10.91 -18.65 19.35
N ASP D 21 -12.19 -18.60 18.97
CA ASP D 21 -12.88 -19.71 18.26
C ASP D 21 -12.20 -19.88 16.90
N LYS D 22 -11.68 -21.08 16.65
CA LYS D 22 -10.99 -21.46 15.38
C LYS D 22 -11.99 -22.18 14.44
N THR D 23 -13.14 -22.59 14.96
CA THR D 23 -14.18 -23.29 14.20
C THR D 23 -15.55 -22.93 14.79
N LEU D 24 -16.60 -23.04 13.97
CA LEU D 24 -17.98 -23.27 14.46
C LEU D 24 -18.11 -24.74 14.88
N ASP D 25 -18.79 -25.01 15.99
CA ASP D 25 -19.24 -26.40 16.36
C ASP D 25 -20.15 -26.92 15.25
N PRO D 26 -20.34 -28.24 15.08
CA PRO D 26 -21.12 -28.77 13.96
C PRO D 26 -22.52 -28.16 13.76
N ALA D 27 -23.26 -27.89 14.85
CA ALA D 27 -24.65 -27.39 14.82
C ALA D 27 -24.67 -25.93 14.33
N SER D 28 -23.69 -25.13 14.73
CA SER D 28 -23.48 -23.72 14.28
C SER D 28 -23.08 -23.71 12.80
N LEU D 29 -22.22 -24.61 12.35
CA LEU D 29 -21.82 -24.69 10.92
C LEU D 29 -23.05 -25.05 10.08
N ASP D 30 -23.88 -25.98 10.55
CA ASP D 30 -25.15 -26.35 9.84
C ASP D 30 -26.03 -25.10 9.68
N ARG D 31 -26.16 -24.32 10.76
CA ARG D 31 -26.99 -23.09 10.81
C ARG D 31 -26.39 -22.02 9.88
N ALA D 32 -25.08 -21.82 9.89
CA ALA D 32 -24.36 -20.88 9.00
C ALA D 32 -24.71 -21.20 7.54
N LEU D 33 -24.64 -22.46 7.14
CA LEU D 33 -24.93 -22.90 5.76
C LEU D 33 -26.42 -22.74 5.44
N ALA D 34 -27.32 -22.98 6.38
CA ALA D 34 -28.79 -22.82 6.20
C ALA D 34 -29.11 -21.33 5.99
N ILE D 35 -28.42 -20.45 6.71
CA ILE D 35 -28.59 -18.97 6.59
C ILE D 35 -28.12 -18.54 5.20
N LEU D 36 -26.91 -18.94 4.77
CA LEU D 36 -26.37 -18.60 3.43
C LEU D 36 -27.28 -19.13 2.33
N ALA D 37 -27.81 -20.36 2.46
CA ALA D 37 -28.68 -20.96 1.42
C ALA D 37 -29.98 -20.17 1.33
N GLU D 38 -30.62 -19.88 2.46
CA GLU D 38 -31.96 -19.24 2.47
C GLU D 38 -31.82 -17.74 2.19
N HIS D 39 -30.97 -17.03 2.93
CA HIS D 39 -30.91 -15.55 2.97
C HIS D 39 -29.77 -14.99 2.12
N GLY D 40 -28.70 -15.75 1.89
CA GLY D 40 -27.56 -15.34 1.07
C GLY D 40 -26.64 -14.38 1.79
N ILE D 41 -26.84 -14.17 3.08
CA ILE D 41 -26.00 -13.26 3.91
C ILE D 41 -25.98 -13.78 5.34
N LEU D 42 -24.76 -13.80 5.91
CA LEU D 42 -24.46 -14.31 7.26
C LEU D 42 -23.58 -13.25 7.95
N VAL D 43 -23.99 -12.82 9.15
CA VAL D 43 -23.18 -11.89 9.97
C VAL D 43 -22.54 -12.66 11.12
N LEU D 44 -21.21 -12.62 11.20
CA LEU D 44 -20.43 -13.23 12.29
C LEU D 44 -19.91 -12.11 13.20
N THR D 45 -20.43 -12.02 14.43
CA THR D 45 -19.91 -11.07 15.43
C THR D 45 -18.73 -11.69 16.19
N GLY D 46 -17.86 -10.82 16.73
CA GLY D 46 -16.74 -11.14 17.61
C GLY D 46 -15.69 -12.00 16.93
N MET D 47 -15.33 -11.70 15.68
CA MET D 47 -14.34 -12.56 14.94
C MET D 47 -12.93 -11.99 15.05
N LEU D 48 -12.78 -10.68 14.96
CA LEU D 48 -11.44 -10.06 14.79
C LEU D 48 -11.11 -9.21 16.02
N ARG D 49 -9.88 -9.31 16.47
CA ARG D 49 -9.34 -8.54 17.62
C ARG D 49 -9.23 -7.07 17.20
N THR D 50 -9.39 -6.17 18.17
CA THR D 50 -9.22 -4.71 18.02
C THR D 50 -7.83 -4.40 17.47
N ARG D 51 -6.80 -5.13 17.90
CA ARG D 51 -5.40 -4.89 17.46
C ARG D 51 -5.31 -4.95 15.93
N LEU D 52 -6.04 -5.86 15.28
CA LEU D 52 -5.98 -6.00 13.80
C LEU D 52 -6.80 -4.90 13.15
N THR D 53 -8.06 -4.75 13.56
CA THR D 53 -8.99 -3.77 12.96
C THR D 53 -8.44 -2.35 13.17
N ASP D 54 -7.82 -2.03 14.32
CA ASP D 54 -7.21 -0.70 14.54
C ASP D 54 -6.12 -0.45 13.48
N GLN D 55 -5.23 -1.42 13.28
CA GLN D 55 -4.06 -1.23 12.37
C GLN D 55 -4.56 -1.06 10.94
N LEU D 56 -5.60 -1.81 10.53
CA LEU D 56 -6.13 -1.77 9.15
C LEU D 56 -6.91 -0.47 8.95
N ARG D 57 -7.77 -0.09 9.91
CA ARG D 57 -8.47 1.21 9.86
C ARG D 57 -7.46 2.34 9.68
N THR D 58 -6.46 2.39 10.53
CA THR D 58 -5.45 3.48 10.53
C THR D 58 -4.78 3.51 9.16
N ALA D 59 -4.35 2.36 8.65
CA ALA D 59 -3.59 2.25 7.39
C ALA D 59 -4.44 2.75 6.22
N MET D 60 -5.74 2.45 6.21
CA MET D 60 -6.66 2.85 5.11
C MET D 60 -6.96 4.36 5.18
N LEU D 61 -7.24 4.91 6.36
CA LEU D 61 -7.43 6.38 6.52
C LEU D 61 -6.12 7.11 6.17
N ASP D 62 -4.95 6.54 6.47
CA ASP D 62 -3.64 7.15 6.09
C ASP D 62 -3.45 7.12 4.56
N ASP D 63 -3.99 6.11 3.86
CA ASP D 63 -3.81 5.96 2.39
C ASP D 63 -4.83 6.80 1.61
N LEU D 64 -5.96 7.16 2.21
CA LEU D 64 -7.07 7.83 1.49
C LEU D 64 -6.59 9.07 0.75
N PRO D 65 -5.77 9.96 1.35
CA PRO D 65 -5.25 11.13 0.62
C PRO D 65 -4.55 10.76 -0.70
N GLU D 66 -3.73 9.70 -0.73
CA GLU D 66 -3.04 9.26 -1.98
C GLU D 66 -4.11 8.83 -3.01
N VAL D 67 -5.16 8.15 -2.58
CA VAL D 67 -6.27 7.74 -3.48
C VAL D 67 -6.97 8.97 -4.08
N LEU D 68 -7.25 9.98 -3.27
CA LEU D 68 -8.00 11.19 -3.72
C LEU D 68 -7.16 12.08 -4.62
N ARG D 69 -5.84 11.95 -4.56
CA ARG D 69 -4.86 12.76 -5.33
C ARG D 69 -4.78 12.26 -6.79
N GLN D 70 -5.16 11.01 -7.07
CA GLN D 70 -5.04 10.37 -8.41
CA GLN D 70 -4.99 10.39 -8.41
C GLN D 70 -5.79 11.22 -9.43
N GLN D 71 -5.34 11.19 -10.70
CA GLN D 71 -5.89 12.06 -11.79
C GLN D 71 -7.36 11.69 -12.00
N ASP D 72 -7.65 10.38 -12.15
CA ASP D 72 -9.04 9.88 -12.04
C ASP D 72 -9.18 9.10 -10.72
N VAL D 73 -10.03 9.57 -9.81
CA VAL D 73 -10.36 8.84 -8.55
C VAL D 73 -11.34 7.73 -8.89
N PRO D 74 -10.97 6.46 -8.67
CA PRO D 74 -11.82 5.34 -9.08
C PRO D 74 -13.01 5.22 -8.12
N THR D 75 -14.23 5.20 -8.67
CA THR D 75 -15.47 5.21 -7.88
C THR D 75 -16.37 4.08 -8.35
N ASN D 76 -17.21 3.60 -7.45
CA ASN D 76 -18.18 2.53 -7.75
C ASN D 76 -19.51 3.22 -7.99
N PHE D 77 -19.84 3.41 -9.27
CA PHE D 77 -21.16 3.85 -9.81
C PHE D 77 -21.36 5.35 -9.63
N VAL D 78 -21.22 5.87 -8.41
CA VAL D 78 -21.69 7.26 -8.05
C VAL D 78 -20.68 7.90 -7.11
N PRO D 79 -20.69 9.25 -7.03
CA PRO D 79 -19.73 9.95 -6.18
C PRO D 79 -19.74 9.51 -4.71
N GLY D 80 -18.55 9.45 -4.13
CA GLY D 80 -18.30 9.23 -2.71
C GLY D 80 -18.00 7.78 -2.42
N HIS D 81 -18.25 6.87 -3.37
CA HIS D 81 -17.98 5.42 -3.17
C HIS D 81 -16.65 5.10 -3.81
N VAL D 82 -15.57 5.28 -3.06
CA VAL D 82 -14.19 5.23 -3.61
C VAL D 82 -13.68 3.79 -3.53
N GLN D 83 -13.00 3.35 -4.58
CA GLN D 83 -12.30 2.03 -4.62
C GLN D 83 -10.94 2.20 -3.96
N GLN D 84 -10.68 1.46 -2.89
CA GLN D 84 -9.39 1.57 -2.15
C GLN D 84 -8.95 0.19 -1.67
N ASP D 85 -7.84 -0.29 -2.21
CA ASP D 85 -7.23 -1.57 -1.79
C ASP D 85 -6.49 -1.30 -0.49
N PRO D 86 -6.59 -2.20 0.51
CA PRO D 86 -5.81 -2.09 1.73
C PRO D 86 -4.37 -2.42 1.39
N PRO D 87 -3.41 -2.02 2.24
CA PRO D 87 -2.00 -2.26 1.93
C PRO D 87 -1.69 -3.77 1.91
N VAL D 88 -0.72 -4.13 1.08
CA VAL D 88 -0.14 -5.51 1.05
C VAL D 88 1.35 -5.43 1.46
N ARG D 89 1.66 -4.56 2.42
CA ARG D 89 2.87 -4.61 3.26
C ARG D 89 2.78 -5.85 4.16
N GLU D 90 3.91 -6.53 4.36
CA GLU D 90 4.03 -7.71 5.27
C GLU D 90 3.41 -7.36 6.64
N SER D 91 3.66 -6.15 7.17
CA SER D 91 3.25 -5.75 8.54
C SER D 91 1.73 -5.61 8.67
N LEU D 92 0.97 -5.54 7.56
CA LEU D 92 -0.51 -5.37 7.61
C LEU D 92 -1.23 -6.54 6.95
N LEU D 93 -0.52 -7.63 6.68
CA LEU D 93 -1.13 -8.88 6.17
C LEU D 93 -1.19 -9.87 7.33
N PHE D 94 -2.40 -10.17 7.79
CA PHE D 94 -2.68 -10.89 9.04
C PHE D 94 -3.38 -12.19 8.70
N PRO D 95 -2.80 -13.35 9.11
CA PRO D 95 -3.43 -14.64 8.89
C PRO D 95 -4.89 -14.69 9.35
N ASP D 96 -5.27 -13.99 10.43
CA ASP D 96 -6.67 -14.06 10.94
C ASP D 96 -7.61 -13.27 10.04
N VAL D 97 -7.08 -12.41 9.16
CA VAL D 97 -7.89 -11.67 8.14
C VAL D 97 -7.85 -12.44 6.81
N LEU D 98 -6.66 -12.68 6.23
CA LEU D 98 -6.57 -13.33 4.89
C LEU D 98 -6.99 -14.78 4.96
N LEU D 99 -6.62 -15.50 6.04
CA LEU D 99 -6.74 -16.97 6.16
C LEU D 99 -7.55 -17.30 7.42
N ASN D 100 -8.69 -16.64 7.59
CA ASN D 100 -9.49 -16.78 8.81
C ASN D 100 -10.03 -18.20 8.88
N PRO D 101 -9.78 -18.96 9.98
CA PRO D 101 -10.16 -20.36 10.02
C PRO D 101 -11.68 -20.57 9.95
N VAL D 102 -12.47 -19.68 10.55
CA VAL D 102 -13.95 -19.78 10.55
C VAL D 102 -14.48 -19.43 9.15
N VAL D 103 -13.95 -18.36 8.53
CA VAL D 103 -14.36 -17.95 7.15
C VAL D 103 -14.17 -19.13 6.22
N TYR D 104 -12.97 -19.71 6.19
CA TYR D 104 -12.62 -20.84 5.28
C TYR D 104 -13.38 -22.12 5.64
N GLN D 105 -13.67 -22.36 6.91
CA GLN D 105 -14.52 -23.51 7.30
C GLN D 105 -15.87 -23.37 6.59
N ILE D 106 -16.43 -22.17 6.54
CA ILE D 106 -17.74 -21.92 5.91
C ILE D 106 -17.60 -22.02 4.39
N THR D 107 -16.61 -21.35 3.79
CA THR D 107 -16.48 -21.31 2.31
C THR D 107 -16.09 -22.71 1.81
N HIS D 108 -15.29 -23.48 2.56
CA HIS D 108 -14.99 -24.88 2.17
C HIS D 108 -16.29 -25.68 2.10
N ALA D 109 -17.19 -25.49 3.06
CA ALA D 109 -18.43 -26.28 3.18
C ALA D 109 -19.39 -25.89 2.05
N VAL D 110 -19.40 -24.64 1.60
CA VAL D 110 -20.30 -24.19 0.50
C VAL D 110 -19.66 -24.44 -0.88
N LEU D 111 -18.40 -24.04 -1.09
CA LEU D 111 -17.76 -23.98 -2.44
C LEU D 111 -16.86 -25.17 -2.69
N GLY D 112 -16.43 -25.88 -1.64
CA GLY D 112 -15.48 -27.01 -1.75
C GLY D 112 -14.10 -26.64 -1.24
N ALA D 113 -13.27 -27.64 -1.00
CA ALA D 113 -11.97 -27.56 -0.32
C ALA D 113 -10.97 -26.78 -1.19
N ASP D 114 -11.27 -26.65 -2.48
CA ASP D 114 -10.38 -26.01 -3.48
C ASP D 114 -10.78 -24.54 -3.68
N ALA D 115 -11.79 -24.05 -2.96
CA ALA D 115 -12.20 -22.62 -3.00
C ALA D 115 -11.01 -21.75 -2.65
N ARG D 116 -10.89 -20.58 -3.26
CA ARG D 116 -9.70 -19.73 -3.08
C ARG D 116 -10.11 -18.26 -3.02
N ASN D 117 -9.49 -17.52 -2.11
CA ASN D 117 -9.62 -16.06 -2.06
C ASN D 117 -8.90 -15.47 -3.28
N ALA D 118 -9.56 -14.61 -4.05
CA ALA D 118 -8.98 -13.97 -5.26
C ALA D 118 -9.21 -12.45 -5.22
N VAL D 119 -9.64 -11.89 -4.09
CA VAL D 119 -9.88 -10.44 -3.95
C VAL D 119 -9.34 -9.98 -2.59
N TYR D 120 -8.57 -8.91 -2.59
CA TYR D 120 -8.11 -8.19 -1.38
C TYR D 120 -8.25 -6.72 -1.69
N SER D 121 -9.45 -6.21 -1.50
CA SER D 121 -9.87 -4.88 -1.99
C SER D 121 -10.54 -4.13 -0.84
N GLY D 122 -11.05 -2.94 -1.10
CA GLY D 122 -11.80 -2.16 -0.10
C GLY D 122 -12.65 -1.09 -0.71
N ASN D 123 -13.54 -0.52 0.12
CA ASN D 123 -14.57 0.48 -0.21
C ASN D 123 -14.46 1.58 0.83
N MET D 124 -14.10 2.78 0.41
CA MET D 124 -14.06 3.97 1.29
C MET D 124 -15.30 4.82 0.96
N ASN D 125 -16.27 4.82 1.87
CA ASN D 125 -17.56 5.56 1.70
C ASN D 125 -17.37 6.95 2.31
N LEU D 126 -17.21 7.98 1.49
CA LEU D 126 -16.87 9.35 1.95
C LEU D 126 -18.11 10.08 2.46
N PRO D 127 -17.94 11.01 3.42
CA PRO D 127 -19.02 11.92 3.81
C PRO D 127 -19.67 12.58 2.59
N GLY D 128 -21.00 12.57 2.54
CA GLY D 128 -21.82 13.21 1.49
C GLY D 128 -21.95 12.34 0.27
N SER D 129 -21.61 11.07 0.35
CA SER D 129 -21.65 10.14 -0.80
C SER D 129 -23.09 9.98 -1.28
N HIS D 130 -23.28 9.55 -2.53
CA HIS D 130 -24.61 9.36 -3.16
C HIS D 130 -25.07 7.92 -2.94
N GLU D 131 -26.31 7.62 -3.34
CA GLU D 131 -26.92 6.27 -3.32
C GLU D 131 -26.43 5.51 -4.56
N GLN D 132 -25.82 4.34 -4.35
CA GLN D 132 -25.49 3.44 -5.47
C GLN D 132 -26.78 2.79 -5.95
N PRO D 133 -26.84 2.35 -7.21
CA PRO D 133 -27.93 1.50 -7.66
C PRO D 133 -27.78 0.10 -7.04
N VAL D 134 -28.90 -0.55 -6.80
CA VAL D 134 -28.91 -1.97 -6.36
C VAL D 134 -28.25 -2.80 -7.46
N HIS D 135 -27.28 -3.62 -7.10
CA HIS D 135 -26.49 -4.41 -8.07
C HIS D 135 -26.05 -5.71 -7.42
N LEU D 136 -25.48 -6.60 -8.22
CA LEU D 136 -24.71 -7.75 -7.68
C LEU D 136 -23.25 -7.56 -8.05
N ASP D 137 -22.35 -7.95 -7.15
CA ASP D 137 -20.90 -7.80 -7.39
C ASP D 137 -20.44 -8.85 -8.41
N GLU D 138 -21.03 -10.03 -8.38
CA GLU D 138 -20.66 -11.16 -9.28
C GLU D 138 -21.95 -11.69 -9.85
N PRO D 139 -22.05 -11.85 -11.18
CA PRO D 139 -23.30 -12.26 -11.80
C PRO D 139 -23.58 -13.77 -11.74
N HIS D 140 -24.82 -14.11 -12.06
CA HIS D 140 -25.21 -15.49 -12.46
C HIS D 140 -24.46 -15.82 -13.75
N LEU D 141 -24.10 -17.09 -13.91
CA LEU D 141 -23.19 -17.56 -14.99
C LEU D 141 -23.95 -17.72 -16.29
N TRP D 142 -25.27 -17.93 -16.24
CA TRP D 142 -26.18 -17.94 -17.42
C TRP D 142 -27.48 -17.24 -17.05
N PRO D 143 -28.11 -16.51 -17.99
CA PRO D 143 -29.42 -15.91 -17.70
C PRO D 143 -30.54 -16.96 -17.62
N GLY D 144 -31.48 -16.77 -16.71
CA GLY D 144 -32.72 -17.56 -16.60
C GLY D 144 -32.51 -18.92 -15.97
N ILE D 145 -31.40 -19.13 -15.28
CA ILE D 145 -30.95 -20.46 -14.75
C ILE D 145 -30.72 -20.34 -13.26
N SER D 146 -31.20 -21.32 -12.50
CA SER D 146 -30.88 -21.51 -11.06
C SER D 146 -29.64 -22.37 -10.98
N HIS D 147 -28.59 -21.86 -10.34
CA HIS D 147 -27.39 -22.66 -10.05
C HIS D 147 -26.92 -22.31 -8.64
N PRO D 148 -26.20 -23.21 -7.96
CA PRO D 148 -25.65 -22.90 -6.65
C PRO D 148 -24.59 -21.82 -6.72
N PRO D 149 -24.15 -21.31 -5.55
CA PRO D 149 -23.13 -20.29 -5.48
C PRO D 149 -21.82 -20.76 -6.13
N TYR D 150 -21.04 -19.84 -6.68
CA TYR D 150 -19.64 -20.08 -7.08
C TYR D 150 -18.72 -19.07 -6.38
N CYS D 151 -19.25 -18.14 -5.60
CA CYS D 151 -18.41 -17.17 -4.86
C CYS D 151 -19.14 -16.64 -3.63
N LEU D 152 -18.34 -16.33 -2.60
CA LEU D 152 -18.79 -15.75 -1.33
C LEU D 152 -17.94 -14.50 -1.06
N CYS D 153 -18.57 -13.35 -0.96
CA CYS D 153 -17.95 -12.07 -0.57
C CYS D 153 -17.79 -12.11 0.95
N VAL D 154 -16.65 -11.64 1.42
CA VAL D 154 -16.30 -11.53 2.86
C VAL D 154 -16.02 -10.06 3.11
N ASP D 155 -16.94 -9.37 3.79
CA ASP D 155 -16.91 -7.92 4.05
C ASP D 155 -16.47 -7.72 5.50
N VAL D 156 -15.45 -6.88 5.71
CA VAL D 156 -14.85 -6.63 7.04
C VAL D 156 -14.93 -5.13 7.33
N PRO D 157 -15.94 -4.67 8.08
CA PRO D 157 -15.99 -3.26 8.46
C PRO D 157 -14.80 -2.92 9.37
N LEU D 158 -14.18 -1.75 9.19
CA LEU D 158 -12.98 -1.33 9.95
C LEU D 158 -13.31 -0.22 10.97
N ILE D 159 -14.56 0.21 11.01
CA ILE D 159 -15.16 1.00 12.13
C ILE D 159 -16.57 0.41 12.35
N ASP D 160 -17.23 0.81 13.43
CA ASP D 160 -18.65 0.48 13.64
C ASP D 160 -19.41 1.08 12.46
N PHE D 161 -20.17 0.25 11.75
CA PHE D 161 -21.10 0.69 10.69
C PHE D 161 -22.40 1.07 11.37
N THR D 162 -22.95 2.24 11.03
CA THR D 162 -24.22 2.73 11.58
C THR D 162 -25.15 3.03 10.41
N LEU D 163 -26.44 3.25 10.69
CA LEU D 163 -27.39 3.73 9.66
C LEU D 163 -26.93 5.10 9.16
N GLU D 164 -26.23 5.88 9.99
CA GLU D 164 -25.77 7.25 9.67
C GLU D 164 -24.57 7.20 8.69
N ASN D 165 -23.58 6.32 8.91
CA ASN D 165 -22.25 6.44 8.26
C ASN D 165 -22.14 5.45 7.08
N GLY D 166 -23.24 4.84 6.67
CA GLY D 166 -23.35 4.13 5.38
C GLY D 166 -23.28 2.63 5.50
N SER D 167 -23.86 2.05 6.55
CA SER D 167 -24.05 0.57 6.59
C SER D 167 -24.76 0.16 5.30
N THR D 168 -24.23 -0.84 4.61
CA THR D 168 -24.69 -1.34 3.29
C THR D 168 -26.14 -1.84 3.35
N GLU D 169 -26.93 -1.54 2.32
CA GLU D 169 -28.29 -2.11 2.15
C GLU D 169 -28.17 -3.50 1.50
N TYR D 170 -28.78 -4.51 2.12
CA TYR D 170 -28.75 -5.92 1.66
C TYR D 170 -30.17 -6.39 1.37
N TRP D 171 -30.34 -7.20 0.32
CA TRP D 171 -31.66 -7.79 -0.07
C TRP D 171 -31.65 -9.28 0.22
N PRO D 172 -32.07 -9.71 1.42
CA PRO D 172 -32.04 -11.13 1.77
C PRO D 172 -32.85 -11.96 0.76
N GLY D 173 -32.29 -13.11 0.37
CA GLY D 173 -32.93 -14.10 -0.51
C GLY D 173 -32.76 -13.76 -1.99
N SER D 174 -32.13 -12.64 -2.31
CA SER D 174 -32.02 -12.12 -3.70
C SER D 174 -31.00 -12.93 -4.52
N HIS D 175 -30.13 -13.68 -3.85
CA HIS D 175 -29.00 -14.39 -4.50
C HIS D 175 -29.49 -15.50 -5.44
N VAL D 176 -30.74 -15.96 -5.29
CA VAL D 176 -31.26 -17.08 -6.15
C VAL D 176 -32.10 -16.52 -7.30
N LEU D 177 -32.29 -15.20 -7.38
CA LEU D 177 -33.19 -14.61 -8.39
C LEU D 177 -32.38 -14.40 -9.66
N ASN D 178 -32.85 -15.00 -10.75
CA ASN D 178 -32.17 -14.88 -12.07
C ASN D 178 -33.21 -15.10 -13.16
N PRO D 179 -34.29 -14.30 -13.21
CA PRO D 179 -35.19 -14.35 -14.35
C PRO D 179 -34.55 -13.64 -15.56
N ASP D 180 -35.02 -13.95 -16.75
CA ASP D 180 -34.65 -13.26 -18.02
C ASP D 180 -34.83 -11.74 -17.87
N GLU D 181 -33.91 -10.96 -18.44
CA GLU D 181 -33.94 -9.47 -18.48
C GLU D 181 -34.12 -8.96 -17.04
N CYS D 182 -33.21 -9.34 -16.14
CA CYS D 182 -33.21 -8.92 -14.72
C CYS D 182 -31.99 -8.04 -14.44
N TYR D 183 -30.88 -8.18 -15.19
CA TYR D 183 -29.62 -7.43 -14.95
C TYR D 183 -29.19 -6.70 -16.22
N ASP D 184 -28.57 -5.54 -16.08
CA ASP D 184 -27.92 -4.78 -17.19
C ASP D 184 -26.44 -5.17 -17.22
N GLU D 185 -25.68 -4.64 -18.19
CA GLU D 185 -24.25 -4.97 -18.40
C GLU D 185 -23.42 -4.61 -17.17
N ARG D 186 -23.84 -3.66 -16.34
CA ARG D 186 -23.05 -3.19 -15.17
C ARG D 186 -23.35 -4.00 -13.90
N GLY D 187 -24.22 -5.01 -13.98
CA GLY D 187 -24.63 -5.80 -12.80
C GLY D 187 -25.74 -5.14 -11.98
N CYS D 188 -26.39 -4.10 -12.50
CA CYS D 188 -27.50 -3.40 -11.82
C CYS D 188 -28.82 -4.12 -12.06
N VAL D 189 -29.63 -4.22 -11.01
CA VAL D 189 -30.95 -4.89 -11.08
C VAL D 189 -31.93 -3.94 -11.78
N LEU D 190 -32.69 -4.46 -12.73
CA LEU D 190 -33.69 -3.67 -13.47
C LEU D 190 -34.81 -3.24 -12.51
N PRO D 191 -35.27 -1.98 -12.63
CA PRO D 191 -36.23 -1.43 -11.68
C PRO D 191 -37.51 -2.26 -11.51
N ALA D 192 -38.05 -2.84 -12.57
CA ALA D 192 -39.26 -3.70 -12.50
C ALA D 192 -39.03 -4.86 -11.52
N GLU D 193 -37.89 -5.55 -11.61
CA GLU D 193 -37.58 -6.73 -10.77
C GLU D 193 -37.34 -6.30 -9.31
N LEU D 194 -36.73 -5.13 -9.10
CA LEU D 194 -36.52 -4.57 -7.75
C LEU D 194 -37.87 -4.43 -7.04
N GLU D 195 -38.83 -3.82 -7.72
CA GLU D 195 -40.15 -3.47 -7.14
C GLU D 195 -40.94 -4.76 -6.88
N ARG D 196 -40.91 -5.72 -7.79
CA ARG D 196 -41.53 -7.06 -7.58
C ARG D 196 -40.98 -7.69 -6.30
N ARG D 197 -39.65 -7.66 -6.15
CA ARG D 197 -38.96 -8.31 -5.03
C ARG D 197 -39.28 -7.54 -3.74
N ARG D 198 -39.27 -6.21 -3.80
CA ARG D 198 -39.46 -5.33 -2.62
C ARG D 198 -40.76 -5.71 -1.90
N ALA D 199 -41.79 -6.06 -2.65
CA ALA D 199 -43.15 -6.38 -2.14
C ALA D 199 -43.16 -7.74 -1.44
N VAL D 200 -42.22 -8.64 -1.72
CA VAL D 200 -42.16 -10.02 -1.16
C VAL D 200 -41.16 -10.07 0.00
N ALA D 201 -40.00 -9.43 -0.16
CA ALA D 201 -38.84 -9.48 0.76
C ALA D 201 -38.07 -8.17 0.65
N PRO D 202 -38.51 -7.10 1.35
CA PRO D 202 -37.84 -5.81 1.28
C PRO D 202 -36.41 -5.88 1.80
N PRO D 203 -35.56 -4.91 1.41
CA PRO D 203 -34.19 -4.86 1.89
C PRO D 203 -34.10 -4.43 3.36
N VAL D 204 -32.95 -4.71 3.95
CA VAL D 204 -32.67 -4.38 5.36
C VAL D 204 -31.39 -3.57 5.38
N ARG D 205 -31.24 -2.77 6.42
CA ARG D 205 -30.01 -2.07 6.78
C ARG D 205 -29.85 -2.14 8.29
N PHE D 206 -28.66 -2.47 8.75
CA PHE D 206 -28.43 -2.59 10.20
C PHE D 206 -27.01 -2.16 10.54
N PRO D 207 -26.82 -1.70 11.78
CA PRO D 207 -25.49 -1.46 12.33
C PRO D 207 -24.71 -2.77 12.37
N ILE D 208 -23.41 -2.68 12.15
CA ILE D 208 -22.46 -3.83 12.23
C ILE D 208 -21.26 -3.35 13.01
N PRO D 209 -21.01 -3.90 14.22
CA PRO D 209 -19.89 -3.46 15.02
C PRO D 209 -18.58 -3.94 14.36
N VAL D 210 -17.55 -3.09 14.41
CA VAL D 210 -16.17 -3.49 13.98
C VAL D 210 -15.79 -4.75 14.78
N GLY D 211 -15.07 -5.66 14.14
CA GLY D 211 -14.78 -6.99 14.69
C GLY D 211 -15.69 -8.04 14.07
N SER D 212 -16.79 -7.62 13.46
CA SER D 212 -17.71 -8.54 12.74
C SER D 212 -17.14 -8.82 11.35
N VAL D 213 -17.57 -9.93 10.77
CA VAL D 213 -17.32 -10.31 9.35
C VAL D 213 -18.66 -10.66 8.74
N VAL D 214 -18.99 -10.11 7.58
CA VAL D 214 -20.21 -10.49 6.81
C VAL D 214 -19.78 -11.44 5.68
N ILE D 215 -20.39 -12.60 5.58
CA ILE D 215 -20.19 -13.53 4.43
C ILE D 215 -21.49 -13.54 3.64
N ARG D 216 -21.44 -13.29 2.35
CA ARG D 216 -22.66 -13.31 1.51
C ARG D 216 -22.37 -13.90 0.14
N ASP D 217 -23.41 -14.46 -0.48
CA ASP D 217 -23.39 -14.88 -1.90
C ASP D 217 -22.91 -13.68 -2.73
N GLY D 218 -21.93 -13.88 -3.63
CA GLY D 218 -21.47 -12.83 -4.53
C GLY D 218 -22.58 -12.28 -5.41
N ARG D 219 -23.70 -13.00 -5.52
CA ARG D 219 -24.86 -12.61 -6.35
C ARG D 219 -25.94 -11.88 -5.54
N LEU D 220 -25.71 -11.62 -4.25
CA LEU D 220 -26.72 -10.93 -3.41
C LEU D 220 -26.91 -9.50 -3.92
N TRP D 221 -28.16 -9.09 -4.10
CA TRP D 221 -28.48 -7.67 -4.40
C TRP D 221 -28.12 -6.83 -3.19
N HIS D 222 -27.45 -5.71 -3.40
CA HIS D 222 -27.08 -4.78 -2.31
C HIS D 222 -26.78 -3.41 -2.91
N ARG D 223 -26.57 -2.40 -2.07
CA ARG D 223 -26.11 -1.08 -2.53
C ARG D 223 -25.42 -0.33 -1.41
N GLY D 224 -24.36 0.37 -1.76
CA GLY D 224 -23.80 1.41 -0.89
C GLY D 224 -24.77 2.55 -0.81
N VAL D 225 -24.85 3.18 0.35
CA VAL D 225 -25.79 4.30 0.61
C VAL D 225 -25.00 5.47 1.16
N PRO D 226 -25.63 6.66 1.24
CA PRO D 226 -24.95 7.85 1.72
C PRO D 226 -24.36 7.66 3.12
N ASN D 227 -23.11 8.09 3.27
CA ASN D 227 -22.43 8.35 4.55
C ASN D 227 -22.77 9.79 4.93
N LEU D 228 -23.66 9.95 5.92
CA LEU D 228 -24.13 11.25 6.41
C LEU D 228 -23.40 11.61 7.69
N SER D 229 -22.26 10.99 7.99
CA SER D 229 -21.37 11.35 9.13
C SER D 229 -20.28 12.28 8.63
N ALA D 230 -19.39 12.72 9.51
CA ALA D 230 -18.30 13.67 9.22
C ALA D 230 -17.01 12.93 8.91
N ALA D 231 -17.03 11.60 8.84
CA ALA D 231 -15.79 10.80 8.73
C ALA D 231 -15.95 9.68 7.69
N PRO D 232 -14.88 9.40 6.92
CA PRO D 232 -14.88 8.30 5.97
C PRO D 232 -15.15 6.95 6.66
N ARG D 233 -15.86 6.06 5.97
CA ARG D 233 -16.26 4.72 6.48
C ARG D 233 -15.52 3.65 5.69
N PRO D 234 -14.39 3.11 6.20
CA PRO D 234 -13.63 2.09 5.48
C PRO D 234 -14.18 0.68 5.65
N LEU D 235 -14.19 -0.07 4.55
CA LEU D 235 -14.59 -1.49 4.47
C LEU D 235 -13.49 -2.25 3.75
N LEU D 236 -13.07 -3.40 4.30
CA LEU D 236 -12.11 -4.31 3.63
C LEU D 236 -12.93 -5.46 3.02
N ALA D 237 -12.58 -5.88 1.80
CA ALA D 237 -13.41 -6.83 1.02
C ALA D 237 -12.52 -7.95 0.49
N MET D 238 -12.97 -9.18 0.67
CA MET D 238 -12.36 -10.38 0.05
C MET D 238 -13.49 -11.17 -0.64
N THR D 239 -13.14 -12.03 -1.58
CA THR D 239 -14.12 -12.89 -2.28
C THR D 239 -13.48 -14.24 -2.56
N HIS D 240 -14.11 -15.29 -2.05
CA HIS D 240 -13.71 -16.70 -2.26
C HIS D 240 -14.49 -17.22 -3.47
N TYR D 241 -13.81 -17.89 -4.39
CA TYR D 241 -14.42 -18.43 -5.62
C TYR D 241 -14.15 -19.92 -5.72
N THR D 242 -15.04 -20.66 -6.34
CA THR D 242 -14.74 -22.03 -6.80
C THR D 242 -13.45 -21.96 -7.62
N GLU D 243 -12.70 -23.07 -7.56
CA GLU D 243 -11.38 -23.26 -8.22
C GLU D 243 -11.47 -22.92 -9.71
N TRP D 244 -12.60 -23.17 -10.36
CA TRP D 244 -12.73 -23.14 -11.84
C TRP D 244 -13.15 -21.75 -12.35
N PHE D 245 -13.38 -20.78 -11.49
CA PHE D 245 -13.76 -19.41 -11.91
C PHE D 245 -12.50 -18.57 -12.17
N ASP D 246 -12.36 -18.08 -13.40
CA ASP D 246 -11.15 -17.34 -13.85
C ASP D 246 -11.10 -16.01 -13.11
N MET D 247 -10.00 -15.75 -12.43
CA MET D 247 -9.75 -14.48 -11.71
C MET D 247 -8.29 -14.13 -11.91
N PRO D 248 -7.96 -12.81 -12.00
CA PRO D 248 -6.57 -12.39 -11.92
C PRO D 248 -6.11 -12.69 -10.50
N PRO D 249 -4.82 -13.03 -10.32
CA PRO D 249 -4.30 -13.26 -8.97
C PRO D 249 -4.16 -11.94 -8.21
N ILE D 250 -4.22 -12.04 -6.89
CA ILE D 250 -3.83 -10.95 -5.96
C ILE D 250 -2.31 -10.84 -5.97
N GLN D 251 -1.77 -9.66 -6.22
CA GLN D 251 -0.33 -9.36 -6.08
C GLN D 251 0.00 -9.25 -4.59
N LEU D 252 0.85 -10.15 -4.07
CA LEU D 252 1.35 -10.13 -2.68
C LEU D 252 2.87 -10.09 -2.71
N PRO D 253 3.53 -9.50 -1.70
CA PRO D 253 4.99 -9.57 -1.58
C PRO D 253 5.44 -11.00 -1.23
N ASP D 254 6.61 -11.43 -1.72
CA ASP D 254 7.12 -12.81 -1.51
C ASP D 254 7.45 -13.02 -0.02
N THR D 255 7.56 -11.93 0.76
CA THR D 255 7.76 -11.97 2.24
C THR D 255 6.61 -12.76 2.93
N VAL D 256 5.42 -12.89 2.33
CA VAL D 256 4.30 -13.64 2.97
C VAL D 256 4.08 -14.99 2.27
N LYS D 257 4.89 -15.33 1.26
CA LYS D 257 4.73 -16.61 0.53
C LYS D 257 4.84 -17.78 1.52
N SER D 258 5.75 -17.72 2.50
CA SER D 258 6.02 -18.82 3.47
C SER D 258 4.70 -19.31 4.08
N TRP D 259 3.79 -18.40 4.50
CA TRP D 259 2.57 -18.79 5.26
C TRP D 259 1.31 -18.77 4.38
N VAL D 260 1.28 -17.98 3.29
CA VAL D 260 0.12 -17.93 2.37
C VAL D 260 0.10 -19.17 1.47
N ASP D 261 1.22 -19.51 0.82
CA ASP D 261 1.33 -20.67 -0.11
C ASP D 261 1.43 -21.95 0.73
N GLY D 262 0.82 -23.04 0.26
CA GLY D 262 0.86 -24.36 0.93
C GLY D 262 0.04 -24.41 2.22
N SER D 263 -0.72 -23.35 2.55
CA SER D 263 -1.87 -23.40 3.50
C SER D 263 -3.03 -24.16 2.83
N ASP D 264 -3.83 -24.86 3.63
CA ASP D 264 -5.05 -25.57 3.16
CA ASP D 264 -5.05 -25.57 3.15
C ASP D 264 -6.16 -24.55 2.86
N ARG D 265 -5.93 -23.27 3.22
CA ARG D 265 -6.83 -22.14 2.93
C ARG D 265 -6.24 -21.38 1.75
N HIS D 266 -6.78 -21.62 0.56
CA HIS D 266 -6.12 -21.27 -0.72
C HIS D 266 -6.34 -19.79 -1.00
N THR D 267 -5.32 -19.19 -1.57
CA THR D 267 -5.34 -17.81 -2.13
C THR D 267 -4.86 -17.89 -3.58
N HIS D 268 -5.56 -17.25 -4.51
CA HIS D 268 -5.09 -17.10 -5.90
C HIS D 268 -4.15 -15.89 -5.89
N ALA D 269 -2.86 -16.16 -5.69
CA ALA D 269 -1.84 -15.13 -5.42
C ALA D 269 -0.69 -15.26 -6.43
N HIS D 270 -0.16 -14.12 -6.84
CA HIS D 270 1.13 -13.97 -7.53
C HIS D 270 2.08 -13.24 -6.56
N PHE D 271 3.21 -13.87 -6.24
CA PHE D 271 4.20 -13.39 -5.24
C PHE D 271 5.24 -12.55 -5.97
N VAL D 272 5.42 -11.30 -5.53
CA VAL D 272 6.28 -10.29 -6.20
C VAL D 272 7.53 -10.08 -5.34
N ALA D 273 8.68 -9.98 -5.99
CA ALA D 273 9.95 -9.56 -5.34
C ALA D 273 9.83 -8.08 -4.96
N GLY D 274 10.10 -7.77 -3.68
CA GLY D 274 9.98 -6.40 -3.14
C GLY D 274 8.54 -5.99 -2.94
N ASP D 275 8.27 -4.69 -3.09
CA ASP D 275 7.05 -3.99 -2.65
C ASP D 275 6.00 -4.03 -3.76
N VAL D 276 4.74 -4.21 -3.39
CA VAL D 276 3.58 -4.06 -4.31
C VAL D 276 2.99 -2.67 -4.07
N ASP D 277 2.78 -1.91 -5.14
CA ASP D 277 1.93 -0.68 -5.20
C ASP D 277 0.44 -1.09 -5.21
N HIS D 278 -0.22 -1.10 -4.05
CA HIS D 278 -1.67 -1.42 -3.93
C HIS D 278 -2.52 -0.23 -4.42
N LEU D 279 -1.98 1.00 -4.39
CA LEU D 279 -2.75 2.25 -4.61
C LEU D 279 -2.83 2.59 -6.11
N THR D 280 -1.87 2.11 -6.92
CA THR D 280 -1.86 2.20 -8.41
C THR D 280 -1.20 0.93 -8.98
N LEU E 6 6.58 -39.13 -13.71
CA LEU E 6 7.34 -38.21 -12.81
C LEU E 6 8.83 -38.24 -13.19
N ALA E 7 9.50 -37.08 -13.14
CA ALA E 7 10.91 -36.89 -13.55
C ALA E 7 11.81 -36.69 -12.32
N ALA E 8 11.20 -36.53 -11.14
CA ALA E 8 11.92 -36.30 -9.86
C ALA E 8 11.01 -36.71 -8.71
N PRO E 9 11.54 -36.81 -7.47
CA PRO E 9 10.69 -37.07 -6.31
C PRO E 9 9.66 -35.95 -6.21
N PRO E 10 8.37 -36.26 -5.95
CA PRO E 10 7.35 -35.22 -5.82
C PRO E 10 7.69 -34.22 -4.72
N GLY E 11 7.50 -32.91 -5.00
CA GLY E 11 7.77 -31.82 -4.06
C GLY E 11 7.11 -32.07 -2.72
N GLU E 12 5.88 -32.59 -2.72
CA GLU E 12 5.02 -32.85 -1.55
C GLU E 12 5.71 -33.83 -0.57
N LEU E 13 6.61 -34.70 -1.03
CA LEU E 13 7.22 -35.77 -0.19
C LEU E 13 8.70 -35.49 0.03
N THR E 14 9.24 -34.40 -0.48
CA THR E 14 10.71 -34.17 -0.61
C THR E 14 11.17 -33.05 0.33
N LEU E 15 12.31 -33.22 0.97
CA LEU E 15 13.07 -32.19 1.70
C LEU E 15 14.50 -32.22 1.15
N ALA E 16 15.01 -31.08 0.66
CA ALA E 16 16.34 -30.95 0.01
C ALA E 16 17.38 -30.52 1.05
N LEU E 17 18.46 -31.26 1.17
CA LEU E 17 19.56 -30.98 2.11
C LEU E 17 20.90 -30.96 1.38
N THR E 18 21.96 -30.63 2.11
CA THR E 18 23.38 -30.84 1.72
C THR E 18 23.96 -31.87 2.69
N PRO E 19 25.06 -32.55 2.35
CA PRO E 19 25.71 -33.49 3.27
C PRO E 19 26.23 -32.85 4.57
N ASP E 20 26.44 -31.53 4.55
CA ASP E 20 26.92 -30.74 5.71
C ASP E 20 25.81 -30.59 6.76
N ASP E 21 24.53 -30.63 6.36
CA ASP E 21 23.37 -30.46 7.27
C ASP E 21 23.37 -31.58 8.32
N LYS E 22 23.47 -31.21 9.60
CA LYS E 22 23.57 -32.15 10.74
C LYS E 22 22.22 -32.22 11.47
N THR E 23 21.38 -31.18 11.37
CA THR E 23 20.03 -31.18 11.98
C THR E 23 19.09 -30.34 11.13
N LEU E 24 17.83 -30.72 11.09
CA LEU E 24 16.73 -29.92 10.49
C LEU E 24 16.32 -28.84 11.48
N ASP E 25 16.08 -27.63 10.99
CA ASP E 25 15.42 -26.54 11.77
C ASP E 25 14.03 -27.04 12.17
N PRO E 26 13.44 -26.47 13.24
CA PRO E 26 12.14 -26.93 13.73
C PRO E 26 11.02 -27.03 12.67
N ALA E 27 10.93 -26.08 11.74
CA ALA E 27 9.86 -26.00 10.71
C ALA E 27 10.00 -27.13 9.68
N SER E 28 11.24 -27.48 9.31
CA SER E 28 11.57 -28.62 8.41
C SER E 28 11.20 -29.93 9.09
N LEU E 29 11.56 -30.09 10.37
CA LEU E 29 11.25 -31.31 11.13
C LEU E 29 9.72 -31.48 11.23
N ASP E 30 8.99 -30.39 11.50
CA ASP E 30 7.50 -30.42 11.61
C ASP E 30 6.91 -30.93 10.28
N ARG E 31 7.42 -30.43 9.16
CA ARG E 31 6.92 -30.79 7.82
C ARG E 31 7.25 -32.26 7.51
N ALA E 32 8.47 -32.71 7.84
CA ALA E 32 8.89 -34.12 7.69
C ALA E 32 7.89 -35.04 8.38
N LEU E 33 7.53 -34.73 9.64
CA LEU E 33 6.60 -35.56 10.45
C LEU E 33 5.18 -35.54 9.85
N ALA E 34 4.72 -34.42 9.33
CA ALA E 34 3.37 -34.31 8.71
C ALA E 34 3.32 -35.18 7.43
N ILE E 35 4.42 -35.20 6.68
CA ILE E 35 4.53 -36.02 5.44
C ILE E 35 4.45 -37.52 5.81
N LEU E 36 5.26 -37.95 6.79
CA LEU E 36 5.28 -39.37 7.25
C LEU E 36 3.91 -39.78 7.81
N ALA E 37 3.24 -38.89 8.57
CA ALA E 37 1.92 -39.20 9.17
C ALA E 37 0.89 -39.37 8.05
N GLU E 38 0.84 -38.44 7.10
CA GLU E 38 -0.22 -38.45 6.07
C GLU E 38 0.08 -39.50 5.00
N HIS E 39 1.29 -39.47 4.43
CA HIS E 39 1.62 -40.28 3.21
C HIS E 39 2.43 -41.54 3.53
N GLY E 40 3.13 -41.56 4.67
CA GLY E 40 3.89 -42.75 5.09
C GLY E 40 5.24 -42.82 4.37
N ILE E 41 5.63 -41.79 3.59
CA ILE E 41 6.94 -41.82 2.85
C ILE E 41 7.49 -40.41 2.67
N LEU E 42 8.81 -40.24 2.89
CA LEU E 42 9.54 -38.95 2.90
C LEU E 42 10.86 -39.13 2.14
N VAL E 43 11.18 -38.28 1.17
CA VAL E 43 12.46 -38.34 0.41
C VAL E 43 13.35 -37.18 0.84
N LEU E 44 14.55 -37.49 1.32
CA LEU E 44 15.61 -36.50 1.65
C LEU E 44 16.68 -36.51 0.55
N THR E 45 16.76 -35.46 -0.26
CA THR E 45 17.81 -35.34 -1.31
C THR E 45 19.07 -34.70 -0.71
N GLY E 46 20.22 -34.98 -1.34
CA GLY E 46 21.54 -34.38 -1.06
C GLY E 46 22.05 -34.69 0.34
N MET E 47 21.89 -35.92 0.83
CA MET E 47 22.25 -36.30 2.22
C MET E 47 23.65 -36.88 2.31
N LEU E 48 24.10 -37.66 1.31
CA LEU E 48 25.43 -38.30 1.41
C LEU E 48 26.39 -37.73 0.36
N ARG E 49 27.67 -37.62 0.73
CA ARG E 49 28.79 -37.33 -0.19
C ARG E 49 28.95 -38.49 -1.17
N THR E 50 29.33 -38.16 -2.41
CA THR E 50 29.53 -39.13 -3.49
C THR E 50 30.64 -40.11 -3.07
N ARG E 51 31.64 -39.67 -2.33
CA ARG E 51 32.78 -40.55 -1.95
C ARG E 51 32.26 -41.71 -1.10
N LEU E 52 31.22 -41.56 -0.29
CA LEU E 52 30.65 -42.71 0.47
C LEU E 52 29.81 -43.59 -0.45
N THR E 53 28.87 -43.03 -1.20
CA THR E 53 27.99 -43.82 -2.10
C THR E 53 28.86 -44.52 -3.17
N ASP E 54 29.91 -43.91 -3.69
CA ASP E 54 30.84 -44.56 -4.66
C ASP E 54 31.44 -45.81 -4.01
N GLN E 55 31.96 -45.73 -2.79
CA GLN E 55 32.66 -46.86 -2.14
C GLN E 55 31.67 -48.00 -1.88
N LEU E 56 30.43 -47.67 -1.49
CA LEU E 56 29.39 -48.69 -1.17
C LEU E 56 28.91 -49.34 -2.46
N ARG E 57 28.59 -48.52 -3.48
CA ARG E 57 28.19 -49.03 -4.81
C ARG E 57 29.26 -49.98 -5.31
N THR E 58 30.52 -49.56 -5.34
CA THR E 58 31.64 -50.35 -5.88
C THR E 58 31.70 -51.67 -5.13
N ALA E 59 31.66 -51.64 -3.80
CA ALA E 59 31.81 -52.84 -2.94
C ALA E 59 30.68 -53.83 -3.24
N MET E 60 29.45 -53.36 -3.43
CA MET E 60 28.26 -54.24 -3.68
C MET E 60 28.30 -54.83 -5.09
N LEU E 61 28.64 -54.04 -6.11
CA LEU E 61 28.79 -54.58 -7.50
C LEU E 61 29.99 -55.53 -7.54
N ASP E 62 31.06 -55.30 -6.77
CA ASP E 62 32.22 -56.24 -6.70
C ASP E 62 31.82 -57.54 -6.00
N ASP E 63 30.87 -57.52 -5.06
CA ASP E 63 30.40 -58.71 -4.31
C ASP E 63 29.45 -59.55 -5.18
N LEU E 64 28.70 -58.95 -6.09
CA LEU E 64 27.57 -59.59 -6.81
C LEU E 64 28.04 -60.87 -7.48
N PRO E 65 29.19 -60.93 -8.20
CA PRO E 65 29.66 -62.19 -8.78
C PRO E 65 29.79 -63.34 -7.77
N GLU E 66 30.33 -63.07 -6.58
CA GLU E 66 30.46 -64.10 -5.51
C GLU E 66 29.06 -64.54 -5.05
N VAL E 67 28.09 -63.62 -4.96
CA VAL E 67 26.68 -63.97 -4.62
C VAL E 67 26.10 -64.92 -5.69
N LEU E 68 26.33 -64.64 -6.98
CA LEU E 68 25.72 -65.40 -8.09
C LEU E 68 26.40 -66.75 -8.26
N ARG E 69 27.59 -66.94 -7.72
CA ARG E 69 28.38 -68.20 -7.69
C ARG E 69 27.75 -69.26 -6.77
N GLN E 70 26.97 -68.88 -5.75
CA GLN E 70 26.16 -69.84 -4.93
C GLN E 70 25.26 -70.69 -5.84
N GLN E 71 24.96 -71.92 -5.44
CA GLN E 71 24.02 -72.79 -6.23
C GLN E 71 22.63 -72.14 -6.17
N ASP E 72 22.14 -71.84 -4.96
CA ASP E 72 20.79 -71.22 -4.75
C ASP E 72 20.89 -69.75 -4.27
N VAL E 73 20.62 -68.84 -5.20
CA VAL E 73 20.80 -67.37 -4.98
C VAL E 73 19.53 -66.88 -4.30
N PRO E 74 19.63 -66.33 -3.08
CA PRO E 74 18.47 -65.98 -2.28
C PRO E 74 17.75 -64.74 -2.85
N THR E 75 16.44 -64.81 -2.95
CA THR E 75 15.59 -63.77 -3.59
C THR E 75 14.42 -63.36 -2.69
N ASN E 76 13.90 -62.18 -2.92
CA ASN E 76 12.70 -61.65 -2.22
C ASN E 76 11.51 -61.85 -3.15
N PHE E 77 10.75 -62.91 -2.90
CA PHE E 77 9.45 -63.25 -3.53
C PHE E 77 9.62 -63.85 -4.92
N VAL E 78 10.36 -63.19 -5.81
CA VAL E 78 10.37 -63.52 -7.27
C VAL E 78 11.79 -63.34 -7.81
N PRO E 79 12.09 -64.00 -8.93
CA PRO E 79 13.42 -63.92 -9.54
C PRO E 79 13.89 -62.49 -9.84
N GLY E 80 15.18 -62.26 -9.58
CA GLY E 80 15.90 -61.03 -9.96
C GLY E 80 15.96 -60.03 -8.83
N HIS E 81 15.15 -60.23 -7.76
CA HIS E 81 15.18 -59.40 -6.54
C HIS E 81 16.06 -60.12 -5.53
N VAL E 82 17.36 -59.86 -5.61
CA VAL E 82 18.38 -60.66 -4.89
C VAL E 82 18.58 -60.03 -3.52
N GLN E 83 18.71 -60.89 -2.51
CA GLN E 83 19.05 -60.49 -1.12
C GLN E 83 20.57 -60.34 -1.04
N GLN E 84 21.04 -59.13 -0.75
CA GLN E 84 22.50 -58.88 -0.69
C GLN E 84 22.79 -57.87 0.40
N ASP E 85 23.46 -58.33 1.44
CA ASP E 85 23.87 -57.47 2.57
C ASP E 85 25.10 -56.69 2.11
N PRO E 86 25.19 -55.39 2.44
CA PRO E 86 26.41 -54.63 2.19
C PRO E 86 27.49 -55.15 3.12
N PRO E 87 28.78 -54.90 2.83
CA PRO E 87 29.86 -55.40 3.67
C PRO E 87 29.81 -54.74 5.06
N VAL E 88 30.26 -55.48 6.07
CA VAL E 88 30.47 -54.93 7.45
C VAL E 88 31.96 -55.05 7.79
N ARG E 89 32.82 -54.79 6.81
CA ARG E 89 34.26 -54.44 7.01
C ARG E 89 34.32 -53.04 7.64
N GLU E 90 35.25 -52.83 8.57
CA GLU E 90 35.52 -51.52 9.22
C GLU E 90 35.58 -50.40 8.15
N SER E 91 36.27 -50.66 7.02
CA SER E 91 36.57 -49.64 5.99
C SER E 91 35.30 -49.19 5.24
N LEU E 92 34.18 -49.94 5.32
CA LEU E 92 32.92 -49.60 4.58
C LEU E 92 31.76 -49.34 5.54
N LEU E 93 32.04 -49.19 6.84
CA LEU E 93 31.02 -48.79 7.84
C LEU E 93 31.23 -47.32 8.18
N PHE E 94 30.28 -46.48 7.75
CA PHE E 94 30.40 -45.00 7.73
C PHE E 94 29.41 -44.39 8.70
N PRO E 95 29.88 -43.59 9.68
CA PRO E 95 28.98 -42.93 10.63
C PRO E 95 27.82 -42.18 9.98
N ASP E 96 28.03 -41.56 8.82
CA ASP E 96 27.03 -40.72 8.12
C ASP E 96 25.93 -41.64 7.53
N VAL E 97 26.22 -42.95 7.35
CA VAL E 97 25.24 -43.94 6.85
C VAL E 97 24.57 -44.64 8.06
N LEU E 98 25.35 -45.29 8.94
CA LEU E 98 24.79 -46.07 10.08
C LEU E 98 24.12 -45.15 11.10
N LEU E 99 24.73 -43.99 11.38
CA LEU E 99 24.34 -43.06 12.49
C LEU E 99 24.06 -41.67 11.92
N ASN E 100 23.27 -41.60 10.85
CA ASN E 100 23.01 -40.31 10.17
C ASN E 100 22.26 -39.38 11.12
N PRO E 101 22.79 -38.17 11.41
CA PRO E 101 22.18 -37.32 12.42
C PRO E 101 20.78 -36.83 12.05
N VAL E 102 20.52 -36.57 10.77
CA VAL E 102 19.19 -36.10 10.29
C VAL E 102 18.19 -37.28 10.35
N VAL E 103 18.61 -38.47 9.92
CA VAL E 103 17.73 -39.67 9.93
C VAL E 103 17.25 -39.89 11.37
N TYR E 104 18.18 -39.95 12.33
CA TYR E 104 17.87 -40.22 13.75
C TYR E 104 17.07 -39.08 14.40
N GLN E 105 17.32 -37.83 13.99
CA GLN E 105 16.49 -36.69 14.47
C GLN E 105 15.02 -36.99 14.11
N ILE E 106 14.76 -37.49 12.91
CA ILE E 106 13.38 -37.77 12.42
C ILE E 106 12.82 -39.00 13.16
N THR E 107 13.59 -40.09 13.24
CA THR E 107 13.07 -41.36 13.83
C THR E 107 12.89 -41.15 15.35
N HIS E 108 13.74 -40.34 16.01
CA HIS E 108 13.56 -40.01 17.43
C HIS E 108 12.21 -39.30 17.62
N ALA E 109 11.87 -38.37 16.72
CA ALA E 109 10.66 -37.54 16.83
C ALA E 109 9.41 -38.40 16.59
N VAL E 110 9.48 -39.42 15.72
CA VAL E 110 8.32 -40.30 15.42
C VAL E 110 8.21 -41.45 16.43
N LEU E 111 9.32 -42.17 16.70
CA LEU E 111 9.29 -43.44 17.48
C LEU E 111 9.72 -43.23 18.93
N GLY E 112 10.40 -42.11 19.25
CA GLY E 112 10.95 -41.87 20.60
C GLY E 112 12.46 -42.03 20.66
N ALA E 113 13.09 -41.52 21.72
CA ALA E 113 14.55 -41.35 21.86
C ALA E 113 15.23 -42.71 21.98
N ASP E 114 14.46 -43.74 22.29
CA ASP E 114 14.95 -45.13 22.51
C ASP E 114 14.82 -45.96 21.21
N ALA E 115 14.32 -45.37 20.14
CA ALA E 115 14.26 -46.01 18.80
C ALA E 115 15.66 -46.45 18.39
N ARG E 116 15.78 -47.55 17.67
CA ARG E 116 17.11 -48.14 17.35
C ARG E 116 17.10 -48.76 15.96
N ASN E 117 18.19 -48.60 15.22
CA ASN E 117 18.40 -49.31 13.95
C ASN E 117 18.67 -50.79 14.28
N ALA E 118 17.97 -51.71 13.62
CA ALA E 118 18.15 -53.17 13.80
C ALA E 118 18.32 -53.89 12.45
N VAL E 119 18.50 -53.17 11.35
CA VAL E 119 18.66 -53.77 9.99
C VAL E 119 19.80 -53.08 9.25
N TYR E 120 20.72 -53.84 8.65
CA TYR E 120 21.73 -53.34 7.70
C TYR E 120 21.80 -54.35 6.54
N SER E 121 20.90 -54.18 5.59
CA SER E 121 20.65 -55.17 4.51
C SER E 121 20.70 -54.46 3.14
N GLY E 122 20.47 -55.22 2.08
CA GLY E 122 20.43 -54.65 0.73
C GLY E 122 19.60 -55.47 -0.25
N ASN E 123 19.24 -54.82 -1.33
CA ASN E 123 18.37 -55.34 -2.41
C ASN E 123 19.12 -55.07 -3.72
N MET E 124 19.55 -56.12 -4.41
CA MET E 124 20.19 -56.02 -5.73
C MET E 124 19.13 -56.42 -6.78
N ASN E 125 18.59 -55.44 -7.50
CA ASN E 125 17.53 -55.66 -8.50
C ASN E 125 18.23 -55.89 -9.85
N LEU E 126 18.27 -57.14 -10.31
CA LEU E 126 19.04 -57.53 -11.51
C LEU E 126 18.26 -57.20 -12.78
N PRO E 127 18.98 -56.93 -13.89
CA PRO E 127 18.33 -56.86 -15.20
C PRO E 127 17.40 -58.04 -15.46
N GLY E 128 16.16 -57.77 -15.90
CA GLY E 128 15.17 -58.79 -16.27
C GLY E 128 14.45 -59.35 -15.05
N SER E 129 14.52 -58.65 -13.92
CA SER E 129 13.84 -59.08 -12.67
C SER E 129 12.32 -59.06 -12.88
N HIS E 130 11.58 -59.78 -12.04
CA HIS E 130 10.10 -59.91 -12.16
C HIS E 130 9.43 -58.84 -11.27
N GLU E 131 8.10 -58.74 -11.33
CA GLU E 131 7.27 -57.88 -10.46
C GLU E 131 7.13 -58.59 -9.10
N GLN E 132 7.53 -57.95 -7.99
CA GLN E 132 7.20 -58.45 -6.63
C GLN E 132 5.71 -58.23 -6.40
N PRO E 133 5.06 -59.03 -5.55
CA PRO E 133 3.70 -58.73 -5.11
C PRO E 133 3.75 -57.50 -4.17
N VAL E 134 2.71 -56.69 -4.19
CA VAL E 134 2.56 -55.56 -3.23
C VAL E 134 2.49 -56.16 -1.83
N HIS E 135 3.33 -55.66 -0.93
CA HIS E 135 3.47 -56.23 0.44
C HIS E 135 3.83 -55.12 1.42
N LEU E 136 3.84 -55.45 2.71
CA LEU E 136 4.48 -54.57 3.72
C LEU E 136 5.69 -55.33 4.27
N ASP E 137 6.76 -54.61 4.56
CA ASP E 137 8.01 -55.21 5.09
C ASP E 137 7.77 -55.61 6.55
N GLU E 138 6.99 -54.82 7.28
CA GLU E 138 6.72 -55.04 8.73
C GLU E 138 5.22 -54.90 8.92
N PRO E 139 4.54 -55.87 9.56
CA PRO E 139 3.08 -55.84 9.64
C PRO E 139 2.50 -54.98 10.77
N HIS E 140 1.18 -54.81 10.71
CA HIS E 140 0.37 -54.34 11.84
C HIS E 140 0.46 -55.39 12.95
N LEU E 141 0.42 -54.93 14.20
CA LEU E 141 0.71 -55.78 15.38
C LEU E 141 -0.50 -56.65 15.73
N TRP E 142 -1.71 -56.22 15.37
CA TRP E 142 -2.97 -57.02 15.47
C TRP E 142 -3.82 -56.74 14.24
N PRO E 143 -4.60 -57.72 13.75
CA PRO E 143 -5.56 -57.46 12.68
C PRO E 143 -6.74 -56.57 13.14
N GLY E 144 -7.17 -55.67 12.26
CA GLY E 144 -8.41 -54.87 12.43
C GLY E 144 -8.23 -53.72 13.41
N ILE E 145 -6.99 -53.33 13.70
CA ILE E 145 -6.65 -52.29 14.72
C ILE E 145 -5.83 -51.19 14.05
N SER E 146 -6.22 -49.94 14.28
CA SER E 146 -5.45 -48.74 13.91
C SER E 146 -4.51 -48.42 15.06
N HIS E 147 -3.21 -48.38 14.79
CA HIS E 147 -2.20 -48.00 15.80
C HIS E 147 -1.13 -47.17 15.12
N PRO E 148 -0.39 -46.33 15.86
CA PRO E 148 0.69 -45.56 15.27
C PRO E 148 1.84 -46.45 14.81
N PRO E 149 2.81 -45.86 14.09
CA PRO E 149 3.99 -46.58 13.62
C PRO E 149 4.79 -47.17 14.77
N TYR E 150 5.48 -48.29 14.54
CA TYR E 150 6.52 -48.81 15.47
C TYR E 150 7.85 -48.99 14.74
N CYS E 151 7.90 -48.71 13.45
CA CYS E 151 9.17 -48.86 12.68
C CYS E 151 9.15 -47.99 11.42
N LEU E 152 10.33 -47.51 11.05
CA LEU E 152 10.57 -46.67 9.86
C LEU E 152 11.71 -47.29 9.07
N CYS E 153 11.44 -47.65 7.82
CA CYS E 153 12.47 -48.15 6.87
C CYS E 153 13.23 -46.94 6.33
N VAL E 154 14.53 -47.09 6.21
CA VAL E 154 15.46 -46.08 5.66
C VAL E 154 16.14 -46.71 4.45
N ASP E 155 15.75 -46.28 3.24
CA ASP E 155 16.22 -46.85 1.94
C ASP E 155 17.25 -45.90 1.34
N VAL E 156 18.42 -46.42 0.99
CA VAL E 156 19.55 -45.61 0.45
C VAL E 156 19.93 -46.16 -0.92
N PRO E 157 19.46 -45.55 -2.03
CA PRO E 157 19.88 -45.98 -3.36
C PRO E 157 21.39 -45.74 -3.53
N LEU E 158 22.08 -46.66 -4.18
CA LEU E 158 23.55 -46.57 -4.39
C LEU E 158 23.89 -46.27 -5.85
N ILE E 159 22.89 -46.13 -6.71
CA ILE E 159 22.99 -45.46 -8.04
C ILE E 159 21.73 -44.61 -8.20
N ASP E 160 21.69 -43.76 -9.23
CA ASP E 160 20.43 -43.05 -9.59
C ASP E 160 19.38 -44.11 -9.90
N PHE E 161 18.25 -44.06 -9.21
CA PHE E 161 17.09 -44.94 -9.49
C PHE E 161 16.26 -44.24 -10.56
N THR E 162 15.87 -44.97 -11.60
CA THR E 162 15.04 -44.44 -12.71
C THR E 162 13.78 -45.31 -12.83
N LEU E 163 12.80 -44.84 -13.59
CA LEU E 163 11.62 -45.66 -13.96
C LEU E 163 12.09 -46.90 -14.71
N GLU E 164 13.20 -46.81 -15.44
CA GLU E 164 13.71 -47.93 -16.28
C GLU E 164 14.43 -49.00 -15.43
N ASN E 165 15.22 -48.62 -14.42
CA ASN E 165 16.17 -49.56 -13.76
C ASN E 165 15.60 -50.04 -12.41
N GLY E 166 14.32 -49.78 -12.14
CA GLY E 166 13.57 -50.45 -11.06
C GLY E 166 13.41 -49.60 -9.80
N SER E 167 13.23 -48.28 -9.93
CA SER E 167 12.77 -47.45 -8.80
C SER E 167 11.52 -48.12 -8.19
N THR E 168 11.50 -48.29 -6.87
CA THR E 168 10.44 -49.02 -6.12
C THR E 168 9.07 -48.34 -6.29
N GLU E 169 8.01 -49.13 -6.44
CA GLU E 169 6.61 -48.63 -6.42
C GLU E 169 6.15 -48.48 -4.97
N TYR E 170 5.61 -47.31 -4.62
CA TYR E 170 5.12 -46.98 -3.27
C TYR E 170 3.63 -46.62 -3.34
N TRP E 171 2.86 -47.03 -2.32
CA TRP E 171 1.40 -46.73 -2.21
C TRP E 171 1.18 -45.70 -1.11
N PRO E 172 1.16 -44.40 -1.44
CA PRO E 172 1.04 -43.36 -0.41
C PRO E 172 -0.25 -43.54 0.40
N GLY E 173 -0.15 -43.36 1.71
CA GLY E 173 -1.28 -43.37 2.66
C GLY E 173 -1.65 -44.78 3.08
N SER E 174 -0.98 -45.80 2.53
CA SER E 174 -1.39 -47.22 2.71
C SER E 174 -1.00 -47.71 4.13
N HIS E 175 -0.09 -47.00 4.79
CA HIS E 175 0.51 -47.43 6.09
C HIS E 175 -0.54 -47.51 7.18
N VAL E 176 -1.70 -46.84 7.05
CA VAL E 176 -2.74 -46.85 8.12
C VAL E 176 -3.83 -47.88 7.84
N LEU E 177 -3.78 -48.59 6.72
CA LEU E 177 -4.87 -49.53 6.34
C LEU E 177 -4.67 -50.87 7.04
N ASN E 178 -5.64 -51.31 7.82
CA ASN E 178 -5.56 -52.62 8.51
C ASN E 178 -6.96 -53.16 8.76
N PRO E 179 -7.79 -53.37 7.72
CA PRO E 179 -9.05 -54.09 7.91
C PRO E 179 -8.78 -55.60 8.06
N ASP E 180 -9.73 -56.34 8.65
CA ASP E 180 -9.71 -57.82 8.77
C ASP E 180 -9.48 -58.46 7.39
N GLU E 181 -8.66 -59.52 7.34
CA GLU E 181 -8.39 -60.32 6.10
C GLU E 181 -7.93 -59.36 5.00
N CYS E 182 -6.86 -58.60 5.27
CA CYS E 182 -6.24 -57.65 4.32
C CYS E 182 -4.84 -58.14 3.92
N TYR E 183 -4.16 -58.91 4.77
CA TYR E 183 -2.80 -59.44 4.54
C TYR E 183 -2.80 -60.96 4.67
N ASP E 184 -1.94 -61.62 3.90
CA ASP E 184 -1.68 -63.09 3.99
C ASP E 184 -0.50 -63.30 4.94
N GLU E 185 -0.14 -64.55 5.19
CA GLU E 185 0.95 -64.93 6.15
C GLU E 185 2.29 -64.30 5.72
N ARG E 186 2.49 -63.98 4.43
CA ARG E 186 3.79 -63.48 3.91
C ARG E 186 3.85 -61.94 3.97
N GLY E 187 2.81 -61.25 4.43
CA GLY E 187 2.75 -59.78 4.39
C GLY E 187 2.37 -59.21 3.01
N CYS E 188 1.82 -60.03 2.13
CA CYS E 188 1.28 -59.57 0.80
C CYS E 188 -0.15 -59.06 0.95
N VAL E 189 -0.48 -57.96 0.29
CA VAL E 189 -1.84 -57.36 0.35
C VAL E 189 -2.79 -58.21 -0.51
N LEU E 190 -3.95 -58.54 0.02
CA LEU E 190 -4.93 -59.41 -0.66
C LEU E 190 -5.53 -58.64 -1.83
N PRO E 191 -5.72 -59.34 -2.97
CA PRO E 191 -6.06 -58.69 -4.24
C PRO E 191 -7.29 -57.79 -4.17
N ALA E 192 -8.35 -58.19 -3.47
CA ALA E 192 -9.60 -57.41 -3.37
C ALA E 192 -9.28 -56.02 -2.76
N GLU E 193 -8.49 -55.99 -1.70
CA GLU E 193 -8.17 -54.73 -0.98
C GLU E 193 -7.23 -53.85 -1.82
N LEU E 194 -6.33 -54.45 -2.58
CA LEU E 194 -5.43 -53.72 -3.50
C LEU E 194 -6.26 -52.91 -4.50
N GLU E 195 -7.24 -53.56 -5.11
CA GLU E 195 -8.06 -52.95 -6.19
C GLU E 195 -8.94 -51.84 -5.59
N ARG E 196 -9.53 -52.08 -4.41
CA ARG E 196 -10.30 -51.04 -3.68
C ARG E 196 -9.43 -49.80 -3.47
N ARG E 197 -8.20 -50.01 -3.00
CA ARG E 197 -7.27 -48.92 -2.65
C ARG E 197 -6.85 -48.21 -3.94
N ARG E 198 -6.55 -48.97 -5.01
CA ARG E 198 -6.03 -48.43 -6.29
C ARG E 198 -6.95 -47.31 -6.77
N ALA E 199 -8.27 -47.48 -6.62
CA ALA E 199 -9.32 -46.57 -7.13
C ALA E 199 -9.35 -45.26 -6.33
N VAL E 200 -8.86 -45.26 -5.08
CA VAL E 200 -8.93 -44.11 -4.14
C VAL E 200 -7.58 -43.38 -4.12
N ALA E 201 -6.47 -44.12 -4.10
CA ALA E 201 -5.09 -43.58 -3.99
C ALA E 201 -4.14 -44.52 -4.74
N PRO E 202 -4.01 -44.37 -6.06
CA PRO E 202 -3.13 -45.24 -6.85
C PRO E 202 -1.67 -45.10 -6.44
N PRO E 203 -0.83 -46.11 -6.73
CA PRO E 203 0.60 -46.05 -6.43
C PRO E 203 1.36 -45.08 -7.32
N VAL E 204 2.54 -44.69 -6.87
CA VAL E 204 3.44 -43.73 -7.57
C VAL E 204 4.81 -44.37 -7.71
N ARG E 205 5.56 -43.95 -8.73
CA ARG E 205 6.95 -44.41 -8.97
C ARG E 205 7.74 -43.21 -9.51
N PHE E 206 8.94 -42.94 -9.00
CA PHE E 206 9.70 -41.74 -9.43
C PHE E 206 11.18 -42.04 -9.36
N PRO E 207 11.98 -41.30 -10.16
CA PRO E 207 13.44 -41.33 -10.04
C PRO E 207 13.86 -40.83 -8.66
N ILE E 208 14.93 -41.40 -8.15
CA ILE E 208 15.59 -40.97 -6.88
C ILE E 208 17.08 -40.91 -7.14
N PRO E 209 17.69 -39.71 -7.13
CA PRO E 209 19.11 -39.59 -7.41
C PRO E 209 19.91 -40.18 -6.24
N VAL E 210 21.02 -40.85 -6.56
CA VAL E 210 21.99 -41.32 -5.53
C VAL E 210 22.41 -40.11 -4.69
N GLY E 211 22.62 -40.31 -3.39
CA GLY E 211 22.80 -39.22 -2.42
C GLY E 211 21.53 -39.04 -1.61
N SER E 212 20.38 -39.46 -2.13
CA SER E 212 19.09 -39.34 -1.42
C SER E 212 18.92 -40.46 -0.40
N VAL E 213 18.08 -40.25 0.59
CA VAL E 213 17.63 -41.27 1.58
C VAL E 213 16.10 -41.19 1.63
N VAL E 214 15.41 -42.32 1.52
CA VAL E 214 13.92 -42.41 1.67
C VAL E 214 13.60 -42.95 3.06
N ILE E 215 12.76 -42.27 3.81
CA ILE E 215 12.25 -42.76 5.12
C ILE E 215 10.76 -43.05 4.95
N ARG E 216 10.31 -44.24 5.34
CA ARG E 216 8.87 -44.61 5.20
C ARG E 216 8.42 -45.50 6.37
N ASP E 217 7.12 -45.47 6.65
CA ASP E 217 6.46 -46.41 7.60
C ASP E 217 6.81 -47.83 7.16
N GLY E 218 7.27 -48.70 8.06
CA GLY E 218 7.55 -50.12 7.78
C GLY E 218 6.33 -50.85 7.26
N ARG E 219 5.13 -50.28 7.46
CA ARG E 219 3.84 -50.90 7.05
C ARG E 219 3.36 -50.35 5.71
N LEU E 220 4.14 -49.49 5.05
CA LEU E 220 3.72 -48.92 3.73
C LEU E 220 3.65 -50.04 2.70
N TRP E 221 2.55 -50.11 1.95
CA TRP E 221 2.47 -51.03 0.79
C TRP E 221 3.47 -50.56 -0.26
N HIS E 222 4.22 -51.50 -0.84
CA HIS E 222 5.22 -51.19 -1.89
C HIS E 222 5.56 -52.48 -2.63
N ARG E 223 6.31 -52.37 -3.73
CA ARG E 223 6.84 -53.57 -4.43
C ARG E 223 8.07 -53.18 -5.25
N GLY E 224 9.04 -54.08 -5.27
CA GLY E 224 10.08 -54.06 -6.30
C GLY E 224 9.46 -54.33 -7.67
N VAL E 225 10.00 -53.67 -8.69
CA VAL E 225 9.49 -53.81 -10.08
C VAL E 225 10.65 -54.18 -10.99
N PRO E 226 10.36 -54.61 -12.24
CA PRO E 226 11.41 -55.05 -13.16
C PRO E 226 12.44 -53.92 -13.39
N ASN E 227 13.72 -54.33 -13.36
CA ASN E 227 14.88 -53.55 -13.84
C ASN E 227 15.02 -53.88 -15.33
N LEU E 228 14.65 -52.92 -16.18
CA LEU E 228 14.66 -53.08 -17.65
C LEU E 228 15.91 -52.42 -18.24
N SER E 229 16.94 -52.15 -17.43
CA SER E 229 18.27 -51.66 -17.89
C SER E 229 19.22 -52.84 -18.03
N ALA E 230 20.45 -52.59 -18.44
CA ALA E 230 21.47 -53.64 -18.66
C ALA E 230 22.37 -53.77 -17.43
N ALA E 231 22.06 -53.08 -16.33
CA ALA E 231 22.96 -53.01 -15.16
C ALA E 231 22.20 -53.26 -13.86
N PRO E 232 22.82 -53.99 -12.91
CA PRO E 232 22.22 -54.22 -11.59
C PRO E 232 21.96 -52.91 -10.84
N ARG E 233 20.87 -52.84 -10.09
CA ARG E 233 20.46 -51.63 -9.31
C ARG E 233 20.59 -51.91 -7.81
N PRO E 234 21.69 -51.54 -7.16
CA PRO E 234 21.84 -51.78 -5.72
C PRO E 234 21.14 -50.76 -4.82
N LEU E 235 20.53 -51.26 -3.74
CA LEU E 235 19.84 -50.47 -2.68
C LEU E 235 20.36 -50.94 -1.32
N LEU E 236 20.69 -50.02 -0.44
CA LEU E 236 21.07 -50.31 0.97
C LEU E 236 19.87 -49.99 1.86
N ALA E 237 19.59 -50.84 2.83
CA ALA E 237 18.31 -50.77 3.59
C ALA E 237 18.60 -50.88 5.07
N MET E 238 18.01 -49.97 5.86
CA MET E 238 18.05 -49.99 7.33
C MET E 238 16.63 -49.84 7.85
N THR E 239 16.35 -50.22 9.09
CA THR E 239 15.00 -50.07 9.70
C THR E 239 15.16 -49.73 11.18
N HIS E 240 14.57 -48.60 11.58
CA HIS E 240 14.53 -48.13 12.97
C HIS E 240 13.23 -48.65 13.61
N TYR E 241 13.31 -49.19 14.82
CA TYR E 241 12.14 -49.76 15.54
C TYR E 241 12.02 -49.11 16.92
N THR E 242 10.80 -48.99 17.44
CA THR E 242 10.59 -48.67 18.88
C THR E 242 11.41 -49.68 19.70
N GLU E 243 11.85 -49.23 20.86
CA GLU E 243 12.68 -49.96 21.83
C GLU E 243 12.07 -51.33 22.15
N TRP E 244 10.74 -51.43 22.20
CA TRP E 244 10.05 -52.63 22.74
C TRP E 244 9.77 -53.68 21.67
N PHE E 245 10.13 -53.44 20.41
CA PHE E 245 9.95 -54.45 19.33
C PHE E 245 11.17 -55.37 19.25
N ASP E 246 10.96 -56.67 19.44
CA ASP E 246 12.06 -57.66 19.50
C ASP E 246 12.70 -57.79 18.12
N MET E 247 14.01 -57.60 18.03
CA MET E 247 14.76 -57.81 16.76
C MET E 247 16.07 -58.50 17.07
N PRO E 248 16.58 -59.36 16.17
CA PRO E 248 17.92 -59.91 16.31
C PRO E 248 18.90 -58.76 16.10
N PRO E 249 20.06 -58.78 16.78
CA PRO E 249 21.04 -57.73 16.59
C PRO E 249 21.73 -57.84 15.24
N ILE E 250 22.21 -56.70 14.74
CA ILE E 250 23.15 -56.60 13.59
C ILE E 250 24.52 -57.07 14.06
N GLN E 251 25.13 -58.05 13.39
CA GLN E 251 26.53 -58.48 13.63
C GLN E 251 27.47 -57.42 13.04
N LEU E 252 28.26 -56.78 13.90
CA LEU E 252 29.33 -55.83 13.48
C LEU E 252 30.66 -56.30 14.05
N PRO E 253 31.79 -55.98 13.38
CA PRO E 253 33.12 -56.25 13.94
C PRO E 253 33.38 -55.32 15.13
N ASP E 254 34.13 -55.80 16.14
CA ASP E 254 34.41 -55.03 17.38
C ASP E 254 35.29 -53.81 17.06
N THR E 255 35.91 -53.78 15.88
CA THR E 255 36.70 -52.63 15.36
C THR E 255 35.84 -51.36 15.30
N VAL E 256 34.50 -51.44 15.23
CA VAL E 256 33.64 -50.22 15.16
C VAL E 256 32.91 -50.00 16.50
N LYS E 257 33.14 -50.86 17.49
CA LYS E 257 32.45 -50.74 18.81
C LYS E 257 32.71 -49.36 19.41
N SER E 258 33.94 -48.84 19.31
CA SER E 258 34.35 -47.55 19.94
C SER E 258 33.34 -46.45 19.59
N TRP E 259 32.89 -46.33 18.32
CA TRP E 259 32.03 -45.20 17.86
C TRP E 259 30.55 -45.60 17.72
N VAL E 260 30.25 -46.88 17.51
CA VAL E 260 28.84 -47.35 17.37
C VAL E 260 28.20 -47.44 18.77
N ASP E 261 28.85 -48.09 19.74
CA ASP E 261 28.32 -48.25 21.12
C ASP E 261 28.46 -46.92 21.87
N GLY E 262 27.47 -46.59 22.71
CA GLY E 262 27.47 -45.37 23.54
C GLY E 262 27.26 -44.09 22.74
N SER E 263 26.91 -44.20 21.46
CA SER E 263 26.29 -43.12 20.65
C SER E 263 24.86 -42.91 21.13
N ASP E 264 24.37 -41.67 21.06
CA ASP E 264 22.96 -41.29 21.39
C ASP E 264 22.03 -41.73 20.24
N ARG E 265 22.61 -42.23 19.15
CA ARG E 265 21.87 -42.79 17.99
C ARG E 265 21.97 -44.32 18.11
N HIS E 266 20.91 -44.95 18.58
CA HIS E 266 20.97 -46.34 19.08
C HIS E 266 20.96 -47.33 17.91
N THR E 267 21.76 -48.37 18.04
CA THR E 267 21.85 -49.52 17.13
C THR E 267 21.71 -50.78 17.97
N HIS E 268 20.85 -51.71 17.55
CA HIS E 268 20.80 -53.05 18.17
C HIS E 268 21.93 -53.88 17.55
N ALA E 269 23.11 -53.89 18.17
CA ALA E 269 24.33 -54.47 17.57
C ALA E 269 24.94 -55.52 18.50
N HIS E 270 25.47 -56.59 17.93
CA HIS E 270 26.34 -57.58 18.60
C HIS E 270 27.73 -57.49 17.96
N PHE E 271 28.75 -57.19 18.76
CA PHE E 271 30.14 -56.92 18.32
C PHE E 271 30.93 -58.24 18.34
N VAL E 272 31.50 -58.63 17.20
CA VAL E 272 32.20 -59.93 17.00
C VAL E 272 33.70 -59.66 16.92
N ALA E 273 34.50 -60.54 17.55
CA ALA E 273 35.97 -60.56 17.41
C ALA E 273 36.33 -60.99 16.00
N GLY E 274 37.17 -60.20 15.32
CA GLY E 274 37.61 -60.48 13.94
C GLY E 274 36.53 -60.14 12.92
N ASP E 275 36.49 -60.89 11.81
CA ASP E 275 35.73 -60.54 10.57
C ASP E 275 34.32 -61.11 10.65
N VAL E 276 33.33 -60.34 10.20
CA VAL E 276 31.93 -60.83 9.99
C VAL E 276 31.77 -61.11 8.49
N ASP E 277 31.35 -62.33 8.15
CA ASP E 277 31.06 -62.79 6.76
C ASP E 277 29.63 -62.36 6.42
N HIS E 278 29.48 -61.22 5.73
CA HIS E 278 28.17 -60.57 5.45
C HIS E 278 27.33 -61.35 4.42
N LEU E 279 27.98 -62.21 3.62
CA LEU E 279 27.33 -63.19 2.69
C LEU E 279 27.33 -64.59 3.31
N ALA F 3 -26.15 5.09 -11.42
CA ALA F 3 -24.88 4.98 -12.14
C ALA F 3 -24.82 5.98 -13.31
N MET F 4 -25.49 7.14 -13.28
CA MET F 4 -25.70 7.97 -14.52
C MET F 4 -24.37 8.12 -15.25
N ALA F 5 -23.39 8.84 -14.68
CA ALA F 5 -22.14 9.32 -15.31
C ALA F 5 -21.25 8.18 -15.82
N LEU F 6 -20.70 8.29 -17.03
CA LEU F 6 -19.84 7.27 -17.67
C LEU F 6 -18.38 7.46 -17.25
N ALA F 7 -17.63 6.36 -17.09
CA ALA F 7 -16.26 6.32 -16.54
C ALA F 7 -15.25 6.03 -17.66
N ALA F 8 -15.73 5.67 -18.85
CA ALA F 8 -14.90 5.35 -20.03
C ALA F 8 -15.77 5.50 -21.28
N PRO F 9 -15.16 5.50 -22.49
CA PRO F 9 -15.95 5.47 -23.72
C PRO F 9 -16.82 4.23 -23.71
N PRO F 10 -18.10 4.33 -24.09
CA PRO F 10 -18.98 3.16 -24.12
C PRO F 10 -18.46 2.09 -25.10
N GLY F 11 -18.53 0.82 -24.69
CA GLY F 11 -18.11 -0.35 -25.48
C GLY F 11 -18.64 -0.28 -26.91
N GLU F 12 -19.90 0.11 -27.09
CA GLU F 12 -20.56 0.06 -28.43
C GLU F 12 -19.97 1.11 -29.37
N LEU F 13 -19.19 2.09 -28.91
CA LEU F 13 -18.60 3.15 -29.77
C LEU F 13 -17.07 3.01 -29.84
N THR F 14 -16.50 2.02 -29.18
CA THR F 14 -15.03 1.94 -28.92
C THR F 14 -14.42 0.78 -29.70
N LEU F 15 -13.23 1.00 -30.26
CA LEU F 15 -12.32 -0.04 -30.79
C LEU F 15 -10.95 0.20 -30.16
N ALA F 16 -10.37 -0.79 -29.48
CA ALA F 16 -9.11 -0.64 -28.73
C ALA F 16 -7.95 -1.12 -29.60
N LEU F 17 -6.95 -0.27 -29.84
CA LEU F 17 -5.79 -0.57 -30.70
C LEU F 17 -4.50 -0.27 -29.93
N THR F 18 -3.35 -0.57 -30.53
CA THR F 18 -2.01 -0.15 -30.05
C THR F 18 -1.42 0.75 -31.14
N PRO F 19 -0.40 1.58 -30.84
CA PRO F 19 0.22 2.42 -31.87
C PRO F 19 0.91 1.62 -32.98
N ASP F 20 1.23 0.34 -32.72
CA ASP F 20 1.88 -0.59 -33.67
C ASP F 20 0.89 -1.04 -34.76
N ASP F 21 -0.42 -1.02 -34.48
CA ASP F 21 -1.47 -1.40 -35.45
C ASP F 21 -1.44 -0.42 -36.62
N LYS F 22 -1.19 -0.91 -37.84
CA LYS F 22 -1.11 -0.09 -39.09
C LYS F 22 -2.39 -0.29 -39.90
N THR F 23 -3.12 -1.40 -39.71
CA THR F 23 -4.40 -1.65 -40.41
C THR F 23 -5.29 -2.48 -39.50
N LEU F 24 -6.60 -2.29 -39.61
CA LEU F 24 -7.64 -3.14 -38.99
C LEU F 24 -7.80 -4.37 -39.86
N ASP F 25 -7.91 -5.56 -39.24
CA ASP F 25 -8.35 -6.81 -39.92
C ASP F 25 -9.76 -6.56 -40.47
N PRO F 26 -10.22 -7.33 -41.47
CA PRO F 26 -11.53 -7.08 -42.09
C PRO F 26 -12.73 -6.98 -41.13
N ALA F 27 -12.78 -7.82 -40.09
CA ALA F 27 -13.91 -7.87 -39.12
C ALA F 27 -13.94 -6.60 -38.25
N SER F 28 -12.77 -6.09 -37.86
CA SER F 28 -12.61 -4.83 -37.08
C SER F 28 -13.00 -3.65 -37.96
N LEU F 29 -12.57 -3.63 -39.23
CA LEU F 29 -12.92 -2.54 -40.16
C LEU F 29 -14.45 -2.52 -40.35
N ASP F 30 -15.08 -3.70 -40.50
CA ASP F 30 -16.55 -3.82 -40.68
C ASP F 30 -17.25 -3.23 -39.45
N ARG F 31 -16.76 -3.54 -38.25
CA ARG F 31 -17.34 -3.04 -36.96
C ARG F 31 -17.17 -1.52 -36.87
N ALA F 32 -15.99 -1.00 -37.20
CA ALA F 32 -15.72 0.46 -37.25
C ALA F 32 -16.78 1.16 -38.13
N LEU F 33 -17.00 0.63 -39.34
CA LEU F 33 -17.96 1.20 -40.32
C LEU F 33 -19.40 1.08 -39.83
N ALA F 34 -19.76 -0.01 -39.17
CA ALA F 34 -21.13 -0.24 -38.63
C ALA F 34 -21.38 0.76 -37.49
N ILE F 35 -20.36 1.07 -36.68
CA ILE F 35 -20.45 2.07 -35.58
C ILE F 35 -20.68 3.45 -36.18
N LEU F 36 -19.86 3.85 -37.16
CA LEU F 36 -20.00 5.17 -37.85
C LEU F 36 -21.35 5.30 -38.55
N ALA F 37 -21.84 4.25 -39.19
CA ALA F 37 -23.16 4.28 -39.88
C ALA F 37 -24.28 4.43 -38.86
N GLU F 38 -24.27 3.65 -37.79
CA GLU F 38 -25.39 3.64 -36.81
C GLU F 38 -25.30 4.87 -35.88
N HIS F 39 -24.15 5.09 -35.27
CA HIS F 39 -23.97 6.06 -34.15
C HIS F 39 -23.35 7.38 -34.63
N GLY F 40 -22.58 7.36 -35.71
CA GLY F 40 -21.93 8.55 -36.26
C GLY F 40 -20.70 8.96 -35.47
N ILE F 41 -20.25 8.15 -34.52
CA ILE F 41 -19.04 8.44 -33.70
C ILE F 41 -18.38 7.13 -33.29
N LEU F 42 -17.04 7.10 -33.44
CA LEU F 42 -16.17 5.96 -33.17
C LEU F 42 -14.99 6.45 -32.34
N VAL F 43 -14.72 5.82 -31.20
CA VAL F 43 -13.55 6.14 -30.34
C VAL F 43 -12.52 5.03 -30.52
N LEU F 44 -11.32 5.40 -30.95
CA LEU F 44 -10.17 4.48 -31.11
C LEU F 44 -9.20 4.77 -29.96
N THR F 45 -9.08 3.86 -28.99
CA THR F 45 -8.07 4.00 -27.90
C THR F 45 -6.72 3.44 -28.35
N GLY F 46 -5.66 3.92 -27.73
CA GLY F 46 -4.27 3.43 -27.86
C GLY F 46 -3.71 3.63 -29.25
N MET F 47 -3.96 4.78 -29.90
CA MET F 47 -3.50 5.01 -31.30
C MET F 47 -2.18 5.75 -31.35
N LEU F 48 -1.99 6.75 -30.50
CA LEU F 48 -0.85 7.70 -30.63
C LEU F 48 0.09 7.56 -29.44
N ARG F 49 1.38 7.56 -29.73
CA ARG F 49 2.47 7.40 -28.73
C ARG F 49 2.53 8.68 -27.90
N THR F 50 2.89 8.55 -26.63
CA THR F 50 3.07 9.67 -25.67
C THR F 50 4.05 10.70 -26.23
N ARG F 51 5.10 10.27 -26.92
CA ARG F 51 6.14 11.18 -27.45
C ARG F 51 5.51 12.21 -28.40
N LEU F 52 4.49 11.81 -29.18
CA LEU F 52 3.84 12.77 -30.14
C LEU F 52 2.89 13.67 -29.35
N THR F 53 1.99 13.09 -28.56
CA THR F 53 0.97 13.85 -27.82
C THR F 53 1.66 14.82 -26.85
N ASP F 54 2.76 14.43 -26.20
CA ASP F 54 3.49 15.34 -25.28
C ASP F 54 3.98 16.57 -26.07
N GLN F 55 4.61 16.37 -27.23
CA GLN F 55 5.21 17.47 -28.01
C GLN F 55 4.11 18.42 -28.49
N LEU F 56 2.95 17.90 -28.90
CA LEU F 56 1.85 18.70 -29.44
C LEU F 56 1.16 19.47 -28.30
N ARG F 57 0.87 18.77 -27.20
CA ARG F 57 0.32 19.43 -25.99
C ARG F 57 1.22 20.60 -25.57
N THR F 58 2.51 20.35 -25.42
CA THR F 58 3.49 21.35 -24.94
C THR F 58 3.44 22.54 -25.89
N ALA F 59 3.50 22.31 -27.19
CA ALA F 59 3.60 23.37 -28.21
C ALA F 59 2.34 24.26 -28.16
N MET F 60 1.16 23.65 -27.97
CA MET F 60 -0.13 24.40 -27.97
C MET F 60 -0.28 25.19 -26.65
N LEU F 61 0.06 24.62 -25.49
CA LEU F 61 0.03 25.36 -24.21
C LEU F 61 1.08 26.48 -24.24
N ASP F 62 2.22 26.29 -24.90
CA ASP F 62 3.26 27.35 -25.04
C ASP F 62 2.73 28.50 -25.92
N ASP F 63 1.87 28.20 -26.90
CA ASP F 63 1.38 29.23 -27.86
C ASP F 63 0.19 30.00 -27.27
N LEU F 64 -0.54 29.41 -26.32
CA LEU F 64 -1.82 29.97 -25.83
C LEU F 64 -1.65 31.41 -25.36
N PRO F 65 -0.62 31.78 -24.55
CA PRO F 65 -0.48 33.18 -24.13
C PRO F 65 -0.42 34.18 -25.30
N GLU F 66 0.31 33.84 -26.37
CA GLU F 66 0.41 34.72 -27.57
C GLU F 66 -0.96 34.83 -28.23
N VAL F 67 -1.74 33.74 -28.26
CA VAL F 67 -3.12 33.75 -28.83
C VAL F 67 -4.00 34.72 -28.03
N LEU F 68 -3.93 34.67 -26.69
CA LEU F 68 -4.85 35.44 -25.82
C LEU F 68 -4.47 36.92 -25.82
N ARG F 69 -3.24 37.25 -26.20
CA ARG F 69 -2.72 38.64 -26.23
C ARG F 69 -3.27 39.43 -27.43
N GLN F 70 -3.77 38.77 -28.49
CA GLN F 70 -4.52 39.43 -29.61
C GLN F 70 -5.67 40.27 -29.04
N GLN F 71 -6.02 41.39 -29.71
CA GLN F 71 -7.14 42.27 -29.29
C GLN F 71 -8.43 41.47 -29.40
N ASP F 72 -8.66 40.83 -30.56
CA ASP F 72 -9.85 39.96 -30.79
C ASP F 72 -9.42 38.49 -30.86
N VAL F 73 -9.74 37.73 -29.81
CA VAL F 73 -9.41 36.28 -29.71
C VAL F 73 -10.52 35.56 -30.43
N PRO F 74 -10.20 34.75 -31.46
CA PRO F 74 -11.21 33.97 -32.18
C PRO F 74 -11.80 32.87 -31.26
N THR F 75 -13.12 32.82 -31.11
CA THR F 75 -13.81 31.87 -30.21
C THR F 75 -14.97 31.23 -30.96
N ASN F 76 -15.37 30.04 -30.54
CA ASN F 76 -16.46 29.27 -31.15
C ASN F 76 -17.69 29.45 -30.25
N PHE F 77 -18.57 30.36 -30.66
CA PHE F 77 -19.95 30.58 -30.14
C PHE F 77 -19.96 31.34 -28.82
N VAL F 78 -19.20 30.91 -27.82
CA VAL F 78 -19.30 31.42 -26.42
C VAL F 78 -17.91 31.52 -25.81
N PRO F 79 -17.75 32.34 -24.75
CA PRO F 79 -16.45 32.53 -24.11
C PRO F 79 -15.76 31.24 -23.67
N GLY F 80 -14.45 31.19 -23.87
CA GLY F 80 -13.59 30.10 -23.36
C GLY F 80 -13.34 29.02 -24.39
N HIS F 81 -14.11 28.98 -25.48
CA HIS F 81 -13.92 27.98 -26.56
C HIS F 81 -13.08 28.61 -27.67
N VAL F 82 -11.77 28.56 -27.51
CA VAL F 82 -10.83 29.38 -28.32
C VAL F 82 -10.43 28.57 -29.55
N GLN F 83 -10.38 29.24 -30.69
CA GLN F 83 -9.86 28.67 -31.96
CA GLN F 83 -9.86 28.71 -31.98
C GLN F 83 -8.34 28.82 -31.96
N GLN F 84 -7.62 27.71 -31.97
CA GLN F 84 -6.14 27.72 -31.92
C GLN F 84 -5.63 26.59 -32.82
N ASP F 85 -4.95 26.98 -33.89
CA ASP F 85 -4.31 26.05 -34.83
C ASP F 85 -3.05 25.55 -34.16
N PRO F 86 -2.75 24.23 -34.27
CA PRO F 86 -1.47 23.70 -33.79
C PRO F 86 -0.38 24.23 -34.71
N PRO F 87 0.90 24.22 -34.27
CA PRO F 87 1.97 24.72 -35.13
C PRO F 87 2.13 23.84 -36.37
N VAL F 88 2.58 24.45 -37.47
CA VAL F 88 2.93 23.72 -38.71
C VAL F 88 4.42 23.98 -38.98
N ARG F 89 5.23 23.98 -37.92
CA ARG F 89 6.70 23.79 -37.95
C ARG F 89 6.97 22.34 -38.36
N GLU F 90 7.99 22.14 -39.19
CA GLU F 90 8.43 20.78 -39.66
C GLU F 90 8.55 19.82 -38.46
N SER F 91 9.12 20.28 -37.34
CA SER F 91 9.47 19.45 -36.16
C SER F 91 8.20 18.93 -35.45
N LEU F 92 7.02 19.52 -35.69
CA LEU F 92 5.76 19.14 -34.99
C LEU F 92 4.71 18.61 -35.97
N LEU F 93 5.11 18.33 -37.20
CA LEU F 93 4.23 17.67 -38.20
C LEU F 93 4.66 16.21 -38.32
N PHE F 94 3.81 15.31 -37.84
CA PHE F 94 4.10 13.88 -37.60
C PHE F 94 3.24 13.04 -38.53
N PRO F 95 3.85 12.20 -39.38
CA PRO F 95 3.09 11.32 -40.27
C PRO F 95 2.01 10.49 -39.54
N ASP F 96 2.24 10.06 -38.30
CA ASP F 96 1.25 9.22 -37.56
C ASP F 96 0.06 10.07 -37.11
N VAL F 97 0.18 11.40 -37.12
CA VAL F 97 -0.96 12.32 -36.83
C VAL F 97 -1.62 12.76 -38.16
N LEU F 98 -0.86 13.37 -39.09
CA LEU F 98 -1.43 13.90 -40.35
C LEU F 98 -1.90 12.78 -41.26
N LEU F 99 -1.13 11.68 -41.35
CA LEU F 99 -1.32 10.59 -42.35
C LEU F 99 -1.47 9.25 -41.62
N ASN F 100 -2.31 9.21 -40.59
CA ASN F 100 -2.44 8.00 -39.75
C ASN F 100 -3.00 6.85 -40.61
N PRO F 101 -2.32 5.69 -40.67
CA PRO F 101 -2.76 4.62 -41.55
C PRO F 101 -4.13 4.04 -41.20
N VAL F 102 -4.46 3.94 -39.91
CA VAL F 102 -5.77 3.40 -39.46
C VAL F 102 -6.87 4.44 -39.77
N VAL F 103 -6.62 5.72 -39.49
CA VAL F 103 -7.60 6.80 -39.75
C VAL F 103 -7.97 6.76 -41.24
N TYR F 104 -6.98 6.77 -42.13
CA TYR F 104 -7.20 6.80 -43.60
C TYR F 104 -7.79 5.49 -44.10
N GLN F 105 -7.46 4.37 -43.48
CA GLN F 105 -8.10 3.07 -43.84
C GLN F 105 -9.61 3.23 -43.65
N ILE F 106 -10.02 3.86 -42.55
CA ILE F 106 -11.47 4.02 -42.22
C ILE F 106 -12.08 5.06 -43.17
N THR F 107 -11.45 6.22 -43.35
CA THR F 107 -12.02 7.31 -44.16
C THR F 107 -12.03 6.87 -45.64
N HIS F 108 -11.04 6.12 -46.10
CA HIS F 108 -11.06 5.55 -47.48
C HIS F 108 -12.29 4.66 -47.66
N ALA F 109 -12.61 3.83 -46.66
CA ALA F 109 -13.70 2.85 -46.73
C ALA F 109 -15.05 3.58 -46.71
N VAL F 110 -15.18 4.70 -46.00
CA VAL F 110 -16.46 5.48 -45.94
C VAL F 110 -16.57 6.46 -47.12
N LEU F 111 -15.53 7.26 -47.40
CA LEU F 111 -15.61 8.43 -48.31
C LEU F 111 -15.02 8.11 -49.68
N GLY F 112 -14.22 7.04 -49.80
CA GLY F 112 -13.52 6.67 -51.04
C GLY F 112 -12.04 7.03 -51.00
N ALA F 113 -11.28 6.48 -51.95
CA ALA F 113 -9.80 6.51 -51.99
C ALA F 113 -9.30 7.94 -52.23
N ASP F 114 -10.19 8.81 -52.69
CA ASP F 114 -9.86 10.21 -53.10
C ASP F 114 -10.18 11.16 -51.95
N ALA F 115 -10.68 10.65 -50.81
CA ALA F 115 -10.95 11.47 -49.61
C ALA F 115 -9.66 12.17 -49.21
N ARG F 116 -9.77 13.38 -48.66
CA ARG F 116 -8.57 14.19 -48.35
C ARG F 116 -8.79 14.93 -47.05
N ASN F 117 -7.75 15.01 -46.23
CA ASN F 117 -7.73 15.89 -45.05
C ASN F 117 -7.64 17.33 -45.55
N ALA F 118 -8.51 18.22 -45.08
CA ALA F 118 -8.53 19.65 -45.45
C ALA F 118 -8.59 20.54 -44.21
N VAL F 119 -8.39 20.00 -43.02
CA VAL F 119 -8.41 20.77 -41.75
C VAL F 119 -7.25 20.33 -40.86
N TYR F 120 -6.49 21.29 -40.34
CA TYR F 120 -5.47 21.08 -39.30
C TYR F 120 -5.63 22.23 -38.32
N SER F 121 -6.55 22.06 -37.38
CA SER F 121 -7.01 23.12 -36.47
C SER F 121 -6.98 22.59 -35.04
N GLY F 122 -7.38 23.42 -34.10
CA GLY F 122 -7.48 23.02 -32.68
C GLY F 122 -8.49 23.84 -31.92
N ASN F 123 -8.90 23.27 -30.78
CA ASN F 123 -9.91 23.79 -29.85
C ASN F 123 -9.26 23.83 -28.48
N MET F 124 -9.01 25.02 -27.96
CA MET F 124 -8.46 25.23 -26.62
C MET F 124 -9.63 25.63 -25.73
N ASN F 125 -10.10 24.70 -24.86
CA ASN F 125 -11.24 24.91 -23.96
C ASN F 125 -10.64 25.43 -22.63
N LEU F 126 -10.79 26.72 -22.37
CA LEU F 126 -10.15 27.40 -21.22
C LEU F 126 -10.93 27.12 -19.93
N PRO F 127 -10.24 27.12 -18.77
CA PRO F 127 -10.91 27.14 -17.47
C PRO F 127 -12.00 28.22 -17.40
N GLY F 128 -13.19 27.83 -16.95
CA GLY F 128 -14.34 28.74 -16.76
C GLY F 128 -15.09 28.99 -18.06
N SER F 129 -14.87 28.16 -19.07
CA SER F 129 -15.53 28.32 -20.40
C SER F 129 -17.04 28.12 -20.22
N HIS F 130 -17.83 28.62 -21.16
CA HIS F 130 -19.31 28.52 -21.14
C HIS F 130 -19.76 27.29 -21.94
N GLU F 131 -21.07 27.02 -21.94
CA GLU F 131 -21.70 25.92 -22.69
C GLU F 131 -21.93 26.38 -24.11
N GLN F 132 -21.39 25.67 -25.11
CA GLN F 132 -21.70 25.94 -26.53
C GLN F 132 -23.11 25.47 -26.80
N PRO F 133 -23.80 26.05 -27.81
CA PRO F 133 -25.04 25.47 -28.30
C PRO F 133 -24.73 24.17 -29.05
N VAL F 134 -25.65 23.21 -29.00
CA VAL F 134 -25.57 21.99 -29.83
C VAL F 134 -25.59 22.41 -31.30
N HIS F 135 -24.64 21.94 -32.07
CA HIS F 135 -24.46 22.34 -33.48
C HIS F 135 -23.89 21.17 -34.27
N LEU F 136 -23.81 21.32 -35.58
CA LEU F 136 -22.99 20.42 -36.42
C LEU F 136 -21.87 21.25 -37.01
N ASP F 137 -20.69 20.67 -37.14
CA ASP F 137 -19.50 21.36 -37.68
C ASP F 137 -19.66 21.53 -39.19
N GLU F 138 -20.27 20.56 -39.86
CA GLU F 138 -20.45 20.56 -41.32
C GLU F 138 -21.91 20.21 -41.58
N PRO F 139 -22.63 20.99 -42.40
CA PRO F 139 -24.06 20.76 -42.61
C PRO F 139 -24.40 19.64 -43.59
N HIS F 140 -25.68 19.29 -43.59
CA HIS F 140 -26.31 18.54 -44.69
C HIS F 140 -26.27 19.42 -45.94
N LEU F 141 -26.12 18.80 -47.10
CA LEU F 141 -25.84 19.47 -48.39
C LEU F 141 -27.13 20.02 -48.97
N TRP F 142 -28.29 19.44 -48.64
CA TRP F 142 -29.64 19.96 -48.98
C TRP F 142 -30.57 19.79 -47.79
N PRO F 143 -31.50 20.73 -47.55
CA PRO F 143 -32.46 20.58 -46.46
C PRO F 143 -33.50 19.49 -46.75
N GLY F 144 -33.88 18.71 -45.74
CA GLY F 144 -34.99 17.73 -45.80
C GLY F 144 -34.63 16.46 -46.53
N ILE F 145 -33.34 16.18 -46.74
CA ILE F 145 -32.83 15.09 -47.61
C ILE F 145 -31.88 14.22 -46.80
N SER F 146 -32.03 12.90 -46.94
CA SER F 146 -31.07 11.90 -46.46
C SER F 146 -30.02 11.67 -47.53
N HIS F 147 -28.76 11.88 -47.19
CA HIS F 147 -27.62 11.55 -48.08
C HIS F 147 -26.52 10.94 -47.22
N PRO F 148 -25.63 10.14 -47.83
CA PRO F 148 -24.51 9.58 -47.09
C PRO F 148 -23.53 10.65 -46.63
N PRO F 149 -22.57 10.25 -45.77
CA PRO F 149 -21.54 11.16 -45.28
C PRO F 149 -20.71 11.73 -46.43
N TYR F 150 -20.20 12.94 -46.27
CA TYR F 150 -19.17 13.53 -47.18
C TYR F 150 -17.96 13.98 -46.38
N CYS F 151 -17.99 13.87 -45.07
CA CYS F 151 -16.84 14.26 -44.23
C CYS F 151 -16.86 13.56 -42.88
N LEU F 152 -15.66 13.30 -42.38
CA LEU F 152 -15.41 12.66 -41.08
C LEU F 152 -14.42 13.55 -40.32
N CYS F 153 -14.85 14.03 -39.16
CA CYS F 153 -14.00 14.80 -38.22
C CYS F 153 -13.13 13.78 -37.48
N VAL F 154 -11.87 14.12 -37.31
CA VAL F 154 -10.87 13.29 -36.59
C VAL F 154 -10.35 14.17 -35.45
N ASP F 155 -10.79 13.89 -34.23
CA ASP F 155 -10.52 14.69 -33.02
C ASP F 155 -9.43 13.96 -32.21
N VAL F 156 -8.37 14.65 -31.86
CA VAL F 156 -7.21 14.08 -31.12
C VAL F 156 -7.02 14.85 -29.82
N PRO F 157 -7.51 14.33 -28.68
CA PRO F 157 -7.29 14.99 -27.40
C PRO F 157 -5.79 14.98 -27.08
N LEU F 158 -5.27 16.09 -26.54
CA LEU F 158 -3.82 16.24 -26.24
C LEU F 158 -3.58 16.20 -24.73
N ILE F 159 -4.62 16.06 -23.92
CA ILE F 159 -4.55 15.59 -22.51
C ILE F 159 -5.70 14.61 -22.29
N ASP F 160 -5.72 13.92 -21.16
CA ASP F 160 -6.90 13.10 -20.78
C ASP F 160 -8.10 14.03 -20.69
N PHE F 161 -9.16 13.73 -21.43
CA PHE F 161 -10.46 14.45 -21.35
C PHE F 161 -11.27 13.81 -20.22
N THR F 162 -11.80 14.63 -19.31
CA THR F 162 -12.64 14.17 -18.18
C THR F 162 -13.98 14.91 -18.22
N LEU F 163 -14.94 14.45 -17.42
CA LEU F 163 -16.23 15.15 -17.24
C LEU F 163 -15.96 16.52 -16.63
N GLU F 164 -14.86 16.69 -15.87
CA GLU F 164 -14.51 17.95 -15.17
C GLU F 164 -13.92 18.96 -16.19
N ASN F 165 -13.04 18.54 -17.11
CA ASN F 165 -12.17 19.49 -17.86
C ASN F 165 -12.69 19.68 -19.29
N GLY F 166 -13.90 19.22 -19.58
CA GLY F 166 -14.62 19.63 -20.80
C GLY F 166 -14.62 18.58 -21.90
N SER F 167 -14.67 17.30 -21.57
CA SER F 167 -14.95 16.26 -22.58
C SER F 167 -16.24 16.66 -23.35
N THR F 168 -16.18 16.65 -24.66
CA THR F 168 -17.24 17.09 -25.60
C THR F 168 -18.52 16.26 -25.41
N GLU F 169 -19.67 16.89 -25.47
CA GLU F 169 -20.99 16.19 -25.49
C GLU F 169 -21.31 15.77 -26.93
N TYR F 170 -21.64 14.51 -27.15
CA TYR F 170 -21.96 13.93 -28.47
C TYR F 170 -23.40 13.37 -28.47
N TRP F 171 -24.12 13.52 -29.57
CA TRP F 171 -25.51 13.01 -29.73
C TRP F 171 -25.51 11.83 -30.70
N PRO F 172 -25.36 10.58 -30.22
CA PRO F 172 -25.27 9.42 -31.11
C PRO F 172 -26.51 9.30 -32.00
N GLY F 173 -26.29 8.99 -33.26
CA GLY F 173 -27.33 8.74 -34.27
C GLY F 173 -27.82 10.04 -34.90
N SER F 174 -27.35 11.19 -34.46
CA SER F 174 -27.89 12.52 -34.88
C SER F 174 -27.43 12.86 -36.30
N HIS F 175 -26.39 12.20 -36.80
CA HIS F 175 -25.76 12.52 -38.10
C HIS F 175 -26.72 12.30 -39.27
N VAL F 176 -27.77 11.52 -39.11
CA VAL F 176 -28.72 11.23 -40.23
C VAL F 176 -29.95 12.14 -40.15
N LEU F 177 -30.07 12.97 -39.13
CA LEU F 177 -31.30 13.78 -38.92
C LEU F 177 -31.19 15.06 -39.76
N ASN F 178 -32.15 15.30 -40.63
CA ASN F 178 -32.17 16.51 -41.48
C ASN F 178 -33.61 16.82 -41.86
N PRO F 179 -34.51 17.02 -40.89
CA PRO F 179 -35.87 17.46 -41.23
C PRO F 179 -35.86 18.96 -41.57
N ASP F 180 -36.88 19.42 -42.27
CA ASP F 180 -37.08 20.86 -42.63
C ASP F 180 -37.03 21.74 -41.38
N GLU F 181 -36.40 22.91 -41.48
CA GLU F 181 -36.28 23.92 -40.39
C GLU F 181 -35.76 23.23 -39.12
N CYS F 182 -34.57 22.62 -39.21
CA CYS F 182 -33.89 21.92 -38.10
C CYS F 182 -32.63 22.68 -37.66
N TYR F 183 -32.00 23.42 -38.59
CA TYR F 183 -30.72 24.12 -38.37
C TYR F 183 -30.88 25.60 -38.73
N ASP F 184 -30.18 26.46 -37.99
CA ASP F 184 -30.08 27.91 -38.29
C ASP F 184 -28.82 28.13 -39.14
N GLU F 185 -28.60 29.36 -39.57
CA GLU F 185 -27.47 29.78 -40.43
C GLU F 185 -26.13 29.47 -39.75
N ARG F 186 -26.05 29.37 -38.43
CA ARG F 186 -24.77 29.16 -37.70
C ARG F 186 -24.47 27.66 -37.52
N GLY F 187 -25.31 26.75 -38.02
CA GLY F 187 -25.15 25.31 -37.82
C GLY F 187 -25.69 24.81 -36.48
N CYS F 188 -26.45 25.64 -35.74
CA CYS F 188 -27.03 25.27 -34.43
C CYS F 188 -28.35 24.53 -34.63
N VAL F 189 -28.57 23.48 -33.84
CA VAL F 189 -29.84 22.71 -33.88
C VAL F 189 -30.91 23.53 -33.17
N LEU F 190 -32.08 23.63 -33.77
CA LEU F 190 -33.23 24.38 -33.19
C LEU F 190 -33.69 23.67 -31.94
N PRO F 191 -34.04 24.43 -30.87
CA PRO F 191 -34.40 23.82 -29.58
C PRO F 191 -35.56 22.81 -29.67
N ALA F 192 -36.56 23.01 -30.51
CA ALA F 192 -37.69 22.06 -30.66
C ALA F 192 -37.15 20.68 -31.09
N GLU F 193 -36.24 20.63 -32.05
CA GLU F 193 -35.67 19.37 -32.58
C GLU F 193 -34.74 18.71 -31.55
N LEU F 194 -34.02 19.51 -30.78
CA LEU F 194 -33.14 19.00 -29.69
C LEU F 194 -33.99 18.20 -28.69
N GLU F 195 -35.11 18.78 -28.26
CA GLU F 195 -36.02 18.22 -27.23
CA GLU F 195 -35.95 18.17 -27.20
C GLU F 195 -36.64 16.93 -27.77
N ARG F 196 -37.12 16.94 -29.02
CA ARG F 196 -37.68 15.73 -29.68
C ARG F 196 -36.64 14.62 -29.65
N ARG F 197 -35.40 14.94 -30.01
CA ARG F 197 -34.32 13.95 -30.14
C ARG F 197 -33.95 13.45 -28.74
N ARG F 198 -33.86 14.34 -27.76
CA ARG F 198 -33.39 14.02 -26.39
C ARG F 198 -34.22 12.86 -25.84
N ALA F 199 -35.52 12.85 -26.13
CA ALA F 199 -36.49 11.86 -25.60
C ALA F 199 -36.28 10.47 -26.25
N VAL F 200 -35.66 10.40 -27.44
CA VAL F 200 -35.48 9.15 -28.22
C VAL F 200 -34.05 8.62 -28.00
N ALA F 201 -33.04 9.50 -28.02
CA ALA F 201 -31.61 9.16 -27.97
C ALA F 201 -30.86 10.31 -27.32
N PRO F 202 -30.81 10.35 -25.96
CA PRO F 202 -30.15 11.44 -25.25
C PRO F 202 -28.66 11.47 -25.55
N PRO F 203 -28.00 12.64 -25.35
CA PRO F 203 -26.57 12.76 -25.54
C PRO F 203 -25.77 12.03 -24.46
N VAL F 204 -24.50 11.77 -24.78
CA VAL F 204 -23.55 11.09 -23.87
C VAL F 204 -22.33 11.98 -23.77
N ARG F 205 -21.63 11.88 -22.65
CA ARG F 205 -20.36 12.59 -22.38
C ARG F 205 -19.49 11.61 -21.58
N PHE F 206 -18.26 11.40 -21.97
CA PHE F 206 -17.41 10.39 -21.34
C PHE F 206 -15.96 10.84 -21.35
N PRO F 207 -15.16 10.32 -20.41
CA PRO F 207 -13.71 10.52 -20.42
C PRO F 207 -13.13 9.88 -21.69
N ILE F 208 -12.07 10.50 -22.21
CA ILE F 208 -11.28 10.00 -23.36
C ILE F 208 -9.81 10.16 -23.01
N PRO F 209 -9.05 9.08 -22.86
CA PRO F 209 -7.64 9.19 -22.49
C PRO F 209 -6.84 9.74 -23.66
N VAL F 210 -5.84 10.57 -23.38
CA VAL F 210 -4.85 11.04 -24.40
C VAL F 210 -4.25 9.80 -25.07
N GLY F 211 -3.98 9.89 -26.37
CA GLY F 211 -3.56 8.75 -27.22
C GLY F 211 -4.76 8.22 -28.00
N SER F 212 -5.98 8.59 -27.63
CA SER F 212 -7.20 8.17 -28.36
C SER F 212 -7.38 9.08 -29.56
N VAL F 213 -8.12 8.59 -30.56
CA VAL F 213 -8.61 9.39 -31.70
C VAL F 213 -10.11 9.15 -31.79
N VAL F 214 -10.90 10.20 -31.92
CA VAL F 214 -12.37 10.11 -32.17
C VAL F 214 -12.61 10.40 -33.66
N ILE F 215 -13.31 9.50 -34.36
CA ILE F 215 -13.72 9.72 -35.75
C ILE F 215 -15.24 9.84 -35.72
N ARG F 216 -15.79 10.90 -36.31
CA ARG F 216 -17.26 11.09 -36.31
C ARG F 216 -17.71 11.73 -37.61
N ASP F 217 -18.97 11.49 -37.97
CA ASP F 217 -19.66 12.18 -39.08
C ASP F 217 -19.57 13.68 -38.80
N GLY F 218 -19.13 14.48 -39.77
CA GLY F 218 -19.07 15.95 -39.64
C GLY F 218 -20.43 16.56 -39.35
N ARG F 219 -21.51 15.81 -39.55
CA ARG F 219 -22.90 16.28 -39.31
C ARG F 219 -23.41 15.86 -37.92
N LEU F 220 -22.59 15.20 -37.09
CA LEU F 220 -23.04 14.75 -35.76
C LEU F 220 -23.31 15.99 -34.89
N TRP F 221 -24.45 16.00 -34.22
CA TRP F 221 -24.75 17.04 -33.21
C TRP F 221 -23.79 16.84 -32.03
N HIS F 222 -23.21 17.92 -31.54
CA HIS F 222 -22.27 17.90 -30.39
C HIS F 222 -22.17 19.32 -29.81
N ARG F 223 -21.51 19.46 -28.66
CA ARG F 223 -21.22 20.80 -28.10
C ARG F 223 -20.02 20.71 -27.18
N GLY F 224 -19.18 21.74 -27.21
CA GLY F 224 -18.22 22.01 -26.15
C GLY F 224 -18.96 22.36 -24.88
N VAL F 225 -18.41 21.95 -23.74
CA VAL F 225 -19.03 22.21 -22.41
C VAL F 225 -17.99 22.87 -21.52
N PRO F 226 -18.41 23.42 -20.37
CA PRO F 226 -17.49 24.10 -19.46
C PRO F 226 -16.34 23.19 -19.03
N ASN F 227 -15.13 23.76 -19.09
CA ASN F 227 -13.90 23.23 -18.46
C ASN F 227 -13.89 23.82 -17.04
N LEU F 228 -14.18 22.97 -16.05
CA LEU F 228 -14.28 23.37 -14.62
C LEU F 228 -13.00 22.99 -13.89
N SER F 229 -11.91 22.70 -14.62
CA SER F 229 -10.56 22.48 -14.06
C SER F 229 -9.78 23.79 -14.09
N ALA F 230 -8.55 23.79 -13.59
CA ALA F 230 -7.67 24.98 -13.53
C ALA F 230 -6.72 24.98 -14.72
N ALA F 231 -6.88 24.07 -15.67
CA ALA F 231 -5.92 23.92 -16.79
C ALA F 231 -6.63 23.90 -18.15
N PRO F 232 -6.05 24.58 -19.14
CA PRO F 232 -6.62 24.57 -20.49
C PRO F 232 -6.64 23.15 -21.08
N ARG F 233 -7.67 22.83 -21.86
CA ARG F 233 -7.88 21.48 -22.41
C ARG F 233 -7.69 21.54 -23.93
N PRO F 234 -6.50 21.22 -24.46
CA PRO F 234 -6.26 21.29 -25.90
C PRO F 234 -6.76 20.05 -26.66
N LEU F 235 -7.36 20.31 -27.81
CA LEU F 235 -7.86 19.31 -28.77
C LEU F 235 -7.29 19.65 -30.15
N LEU F 236 -6.71 18.66 -30.82
CA LEU F 236 -6.26 18.83 -32.23
C LEU F 236 -7.34 18.24 -33.14
N ALA F 237 -7.67 18.94 -34.21
CA ALA F 237 -8.83 18.58 -35.05
C ALA F 237 -8.41 18.52 -36.51
N MET F 238 -8.77 17.43 -37.18
CA MET F 238 -8.66 17.29 -38.64
C MET F 238 -10.03 16.90 -39.18
N THR F 239 -10.25 17.05 -40.48
CA THR F 239 -11.52 16.66 -41.14
C THR F 239 -11.19 16.18 -42.54
N HIS F 240 -11.59 14.94 -42.82
CA HIS F 240 -11.46 14.31 -44.15
C HIS F 240 -12.76 14.57 -44.89
N TYR F 241 -12.65 14.97 -46.16
CA TYR F 241 -13.80 15.29 -47.03
C TYR F 241 -13.71 14.46 -48.30
N THR F 242 -14.84 14.13 -48.90
CA THR F 242 -14.88 13.69 -50.31
C THR F 242 -14.11 14.71 -51.15
N GLU F 243 -13.49 14.23 -52.22
CA GLU F 243 -12.66 14.99 -53.19
C GLU F 243 -13.42 16.23 -53.69
N TRP F 244 -14.73 16.13 -53.87
CA TRP F 244 -15.53 17.15 -54.59
C TRP F 244 -16.05 18.27 -53.67
N PHE F 245 -15.77 18.21 -52.36
CA PHE F 245 -16.23 19.26 -51.41
C PHE F 245 -15.21 20.42 -51.35
N ASP F 246 -15.63 21.63 -51.71
CA ASP F 246 -14.76 22.81 -51.79
C ASP F 246 -14.26 23.17 -50.38
N MET F 247 -12.94 23.20 -50.22
CA MET F 247 -12.28 23.58 -48.97
C MET F 247 -11.05 24.41 -49.35
N PRO F 248 -10.71 25.43 -48.53
CA PRO F 248 -9.42 26.10 -48.67
C PRO F 248 -8.35 25.07 -48.29
N PRO F 249 -7.16 25.13 -48.91
CA PRO F 249 -6.09 24.22 -48.56
C PRO F 249 -5.50 24.58 -47.21
N ILE F 250 -4.94 23.58 -46.54
CA ILE F 250 -4.09 23.73 -45.33
C ILE F 250 -2.75 24.28 -45.80
N GLN F 251 -2.31 25.39 -45.20
CA GLN F 251 -0.95 25.95 -45.41
C GLN F 251 0.04 25.06 -44.63
N LEU F 252 0.95 24.40 -45.35
CA LEU F 252 2.05 23.61 -44.76
C LEU F 252 3.36 24.16 -45.29
N PRO F 253 4.47 24.04 -44.52
CA PRO F 253 5.79 24.38 -45.03
C PRO F 253 6.24 23.40 -46.12
N ASP F 254 6.98 23.88 -47.12
CA ASP F 254 7.47 23.09 -48.28
C ASP F 254 8.47 22.03 -47.80
N THR F 255 9.02 22.19 -46.59
CA THR F 255 9.91 21.20 -45.92
C THR F 255 9.21 19.85 -45.75
N VAL F 256 7.87 19.77 -45.73
CA VAL F 256 7.13 18.49 -45.55
C VAL F 256 6.51 18.06 -46.88
N LYS F 257 6.69 18.80 -47.97
CA LYS F 257 6.11 18.43 -49.28
C LYS F 257 6.58 17.01 -49.67
N SER F 258 7.86 16.67 -49.44
CA SER F 258 8.45 15.36 -49.84
C SER F 258 7.56 14.20 -49.39
N TRP F 259 7.03 14.19 -48.16
CA TRP F 259 6.28 13.03 -47.60
C TRP F 259 4.76 13.27 -47.59
N VAL F 260 4.30 14.52 -47.58
CA VAL F 260 2.83 14.82 -47.60
C VAL F 260 2.30 14.64 -49.03
N ASP F 261 2.94 15.23 -50.05
CA ASP F 261 2.51 15.15 -51.46
C ASP F 261 2.87 13.77 -52.02
N GLY F 262 2.01 13.20 -52.86
CA GLY F 262 2.27 11.88 -53.51
C GLY F 262 2.18 10.70 -52.55
N SER F 263 1.74 10.92 -51.30
CA SER F 263 1.18 9.86 -50.42
C SER F 263 -0.20 9.45 -50.97
N ASP F 264 -0.59 8.19 -50.80
CA ASP F 264 -1.94 7.68 -51.17
CA ASP F 264 -1.94 7.71 -51.20
C ASP F 264 -2.96 8.13 -50.12
N ARG F 265 -2.51 8.76 -49.04
CA ARG F 265 -3.37 9.39 -48.01
C ARG F 265 -3.36 10.90 -48.27
N HIS F 266 -4.43 11.39 -48.90
CA HIS F 266 -4.43 12.72 -49.56
C HIS F 266 -4.64 13.81 -48.50
N THR F 267 -3.96 14.92 -48.72
CA THR F 267 -4.13 16.19 -47.98
C THR F 267 -4.39 17.30 -48.99
N HIS F 268 -5.40 18.13 -48.76
CA HIS F 268 -5.63 19.35 -49.55
C HIS F 268 -4.68 20.41 -48.96
N ALA F 269 -3.47 20.51 -49.52
CA ALA F 269 -2.38 21.31 -48.96
C ALA F 269 -1.86 22.31 -49.99
N HIS F 270 -1.50 23.50 -49.52
CA HIS F 270 -0.70 24.51 -50.24
C HIS F 270 0.63 24.64 -49.51
N PHE F 271 1.75 24.40 -50.20
CA PHE F 271 3.11 24.35 -49.64
C PHE F 271 3.72 25.74 -49.72
N VAL F 272 4.13 26.29 -48.58
CA VAL F 272 4.59 27.70 -48.37
C VAL F 272 6.07 27.64 -48.01
N ALA F 273 6.89 28.63 -48.37
CA ALA F 273 8.28 28.73 -47.87
C ALA F 273 8.26 29.10 -46.38
N GLY F 274 8.94 28.31 -45.55
CA GLY F 274 9.33 28.69 -44.18
C GLY F 274 8.23 28.50 -43.16
N ASP F 275 8.45 29.06 -41.96
CA ASP F 275 7.38 29.13 -40.94
C ASP F 275 6.11 29.53 -41.69
N VAL F 276 5.02 28.85 -41.40
CA VAL F 276 3.63 29.34 -41.60
C VAL F 276 3.18 29.92 -40.25
N ASP F 277 2.66 31.15 -40.25
CA ASP F 277 2.19 31.87 -39.04
C ASP F 277 0.77 31.38 -38.68
N HIS F 278 0.68 30.36 -37.82
CA HIS F 278 -0.52 29.52 -37.56
C HIS F 278 -1.42 30.29 -36.60
N LEU F 279 -0.88 31.35 -35.99
CA LEU F 279 -1.56 32.32 -35.08
C LEU F 279 -2.05 33.54 -35.87
#